data_7US2
#
_entry.id   7US2
#
_cell.length_a   1.00
_cell.length_b   1.00
_cell.length_c   1.00
_cell.angle_alpha   90.00
_cell.angle_beta   90.00
_cell.angle_gamma   90.00
#
_symmetry.space_group_name_H-M   'P 1'
#
loop_
_entity.id
_entity.type
_entity.pdbx_description
1 polymer 'Caseinolytic peptidase B protein homolog'
2 polymer Substrate
3 non-polymer 'PHOSPHOTHIOPHOSPHORIC ACID-ADENYLATE ESTER'
4 non-polymer 'MAGNESIUM ION'
#
loop_
_entity_poly.entity_id
_entity_poly.type
_entity_poly.pdbx_seq_one_letter_code
_entity_poly.pdbx_strand_id
1 'polypeptide(L)'
;YSKSPSNKDAALLEAARANNMQEVSRLLSEGADVNAKHRLGWTALMVAAINRNNSVVQVLLAAGADPNLGDDFSSVYKTA
KEQGIHSLEDGGQDGASRHITNQWTSALEFRRWLGLPAGVLITREDDFNNRLNNRASFKGCTALHYAVLADDYRTVKELL
DGGANPLQRNEMGHTPLDYAREGEVMKLLRTSEAKYQEKQRKREAEERRRFPLEQRLKEHIIGQESAIATVGAAIRRKEN
GWYDEEHPLVFLFLGSSGIGKTELAKQTAKYMHKDAKKGFIRLDMSEFQERHEVAKFIGSPPGYVGHEEGGQLTKKLKQC
PNAVVLFDQVDKAHPDVLTIMLQLFDEGRLTDGKGKTIDCKDAIFIMTSNVASDEIAQHALQLRQEALEMSRNRIAENLG
DVQISDKITISKNFKENVIRPILKAHFRRDEFLGRINEIVYFLPFCHSELIQLVNKELNFWAKRAKQRHNITLLWDREVA
DVLVDGYNVHYGARSIKHEVERRVVNQLAAAYEQDLLPGGCTLRITVEDSDKQLLKSPELPSPQAEKRLPKLRLEIIDKD
SKTRRLDIRAPLHPEKVCNTI
;
A,B,C,D,E,F
2 'polypeptide(L)' (UNK)(UNK)(UNK)(UNK)(UNK)(UNK)(UNK)(UNK)(UNK)(UNK)(UNK)(UNK)(UNK)(UNK) P
#
# COMPACT_ATOMS: atom_id res chain seq x y z
N SER A 192 -31.42 -33.73 36.95
CA SER A 192 -31.50 -32.63 36.00
C SER A 192 -30.12 -32.31 35.44
N GLU A 193 -30.09 -31.46 34.40
CA GLU A 193 -28.81 -31.08 33.79
C GLU A 193 -27.97 -30.22 34.73
N ALA A 194 -28.61 -29.40 35.57
CA ALA A 194 -27.86 -28.57 36.50
C ALA A 194 -27.15 -29.41 37.55
N LYS A 195 -27.81 -30.48 38.03
CA LYS A 195 -27.17 -31.37 38.99
C LYS A 195 -26.01 -32.11 38.36
N TYR A 196 -26.14 -32.50 37.08
CA TYR A 196 -25.06 -33.18 36.38
C TYR A 196 -23.87 -32.24 36.19
N GLN A 197 -24.14 -30.97 35.85
CA GLN A 197 -23.06 -30.00 35.70
C GLN A 197 -22.39 -29.71 37.03
N GLU A 198 -23.17 -29.67 38.12
CA GLU A 198 -22.58 -29.48 39.44
C GLU A 198 -21.72 -30.66 39.85
N LYS A 199 -22.15 -31.88 39.53
CA LYS A 199 -21.35 -33.07 39.83
C LYS A 199 -20.07 -33.09 38.99
N GLN A 200 -20.16 -32.66 37.73
CA GLN A 200 -18.97 -32.60 36.90
C GLN A 200 -17.99 -31.54 37.41
N ARG A 201 -18.51 -30.40 37.88
CA ARG A 201 -17.65 -29.37 38.44
C ARG A 201 -17.00 -29.86 39.74
N LYS A 202 -17.75 -30.61 40.56
CA LYS A 202 -17.18 -31.14 41.79
C LYS A 202 -16.09 -32.18 41.49
N ARG A 203 -16.31 -33.01 40.47
CA ARG A 203 -15.29 -33.99 40.08
C ARG A 203 -14.04 -33.30 39.54
N GLU A 204 -14.24 -32.23 38.75
CA GLU A 204 -13.09 -31.49 38.22
C GLU A 204 -12.32 -30.80 39.35
N ALA A 205 -13.04 -30.24 40.33
CA ALA A 205 -12.38 -29.62 41.47
C ALA A 205 -11.62 -30.63 42.30
N GLU A 206 -12.19 -31.83 42.49
CA GLU A 206 -11.50 -32.88 43.22
C GLU A 206 -10.25 -33.36 42.46
N GLU A 207 -10.35 -33.43 41.13
CA GLU A 207 -9.19 -33.83 40.33
C GLU A 207 -8.09 -32.78 40.41
N ARG A 208 -8.45 -31.50 40.37
CA ARG A 208 -7.46 -30.44 40.49
C ARG A 208 -6.86 -30.40 41.89
N ARG A 209 -7.65 -30.71 42.92
CA ARG A 209 -7.14 -30.72 44.28
C ARG A 209 -6.20 -31.90 44.51
N ARG A 210 -6.48 -33.04 43.89
CA ARG A 210 -5.63 -34.22 44.08
C ARG A 210 -4.25 -34.03 43.45
N PHE A 211 -4.12 -33.18 42.43
CA PHE A 211 -2.86 -32.97 41.71
C PHE A 211 -2.84 -31.54 41.19
N PRO A 212 -2.60 -30.56 42.06
CA PRO A 212 -2.66 -29.15 41.62
C PRO A 212 -1.50 -28.80 40.69
N LEU A 213 -1.58 -27.59 40.15
CA LEU A 213 -0.63 -27.15 39.13
C LEU A 213 0.76 -26.90 39.68
N GLU A 214 0.92 -26.71 41.00
CA GLU A 214 2.25 -26.55 41.57
C GLU A 214 3.08 -27.82 41.39
N GLN A 215 2.50 -28.98 41.69
CA GLN A 215 3.22 -30.24 41.50
C GLN A 215 3.43 -30.53 40.03
N ARG A 216 2.45 -30.18 39.18
CA ARG A 216 2.60 -30.42 37.74
C ARG A 216 3.70 -29.57 37.14
N LEU A 217 3.85 -28.34 37.62
CA LEU A 217 4.97 -27.49 37.18
C LEU A 217 6.28 -27.99 37.76
N LYS A 218 6.28 -28.45 39.01
CA LYS A 218 7.50 -28.98 39.61
C LYS A 218 7.98 -30.27 38.96
N GLU A 219 7.08 -31.02 38.30
CA GLU A 219 7.52 -32.15 37.50
C GLU A 219 8.42 -31.71 36.35
N HIS A 220 7.89 -30.87 35.46
CA HIS A 220 8.65 -30.44 34.29
C HIS A 220 9.65 -29.34 34.65
N ILE A 221 9.19 -28.29 35.33
CA ILE A 221 10.06 -27.18 35.73
C ILE A 221 10.78 -27.59 37.02
N ILE A 222 12.00 -27.09 37.17
CA ILE A 222 12.85 -27.33 38.34
C ILE A 222 13.20 -25.98 38.92
N GLY A 223 13.15 -25.89 40.25
CA GLY A 223 13.39 -24.63 40.92
C GLY A 223 12.29 -23.63 40.61
N GLN A 224 12.59 -22.37 40.96
CA GLN A 224 11.67 -21.26 40.73
C GLN A 224 10.36 -21.46 41.50
N GLU A 225 10.50 -21.73 42.81
CA GLU A 225 9.33 -21.95 43.65
C GLU A 225 8.47 -20.68 43.77
N SER A 226 9.10 -19.51 43.74
CA SER A 226 8.35 -18.27 43.81
C SER A 226 7.50 -18.07 42.55
N ALA A 227 8.09 -18.31 41.38
CA ALA A 227 7.36 -18.14 40.13
C ALA A 227 6.25 -19.17 40.00
N ILE A 228 6.53 -20.42 40.36
CA ILE A 228 5.53 -21.47 40.28
C ILE A 228 4.40 -21.19 41.26
N ALA A 229 4.73 -20.69 42.46
CA ALA A 229 3.70 -20.37 43.45
C ALA A 229 2.82 -19.22 42.98
N THR A 230 3.43 -18.19 42.38
CA THR A 230 2.66 -17.04 41.91
C THR A 230 1.72 -17.43 40.77
N VAL A 231 2.25 -18.15 39.78
CA VAL A 231 1.43 -18.53 38.63
C VAL A 231 0.36 -19.53 39.03
N GLY A 232 0.68 -20.45 39.94
CA GLY A 232 -0.31 -21.40 40.40
C GLY A 232 -1.40 -20.75 41.24
N ALA A 233 -1.03 -19.76 42.06
CA ALA A 233 -2.02 -19.04 42.83
C ALA A 233 -2.95 -18.25 41.92
N ALA A 234 -2.40 -17.62 40.88
CA ALA A 234 -3.24 -16.88 39.94
C ALA A 234 -4.17 -17.81 39.16
N ILE A 235 -3.67 -18.99 38.75
CA ILE A 235 -4.50 -19.89 37.96
C ILE A 235 -5.56 -20.55 38.84
N ARG A 236 -5.22 -20.86 40.09
CA ARG A 236 -6.22 -21.37 41.03
C ARG A 236 -7.29 -20.30 41.31
N ARG A 237 -6.86 -19.04 41.39
CA ARG A 237 -7.81 -17.96 41.55
C ARG A 237 -8.72 -17.84 40.33
N LYS A 238 -8.19 -18.10 39.14
CA LYS A 238 -9.00 -18.01 37.93
C LYS A 238 -10.01 -19.15 37.86
N GLU A 239 -9.57 -20.38 38.12
CA GLU A 239 -10.40 -21.53 37.83
C GLU A 239 -11.58 -21.67 38.79
N ASN A 240 -11.43 -21.23 40.04
CA ASN A 240 -12.46 -21.38 41.06
C ASN A 240 -13.49 -20.24 41.05
N GLY A 241 -13.56 -19.44 39.99
CA GLY A 241 -14.53 -18.36 39.95
C GLY A 241 -14.26 -17.25 40.94
N TRP A 242 -12.99 -16.98 41.24
CA TRP A 242 -12.54 -15.95 42.17
C TRP A 242 -11.68 -14.91 41.45
N TYR A 243 -12.05 -14.58 40.22
CA TYR A 243 -11.32 -13.62 39.39
C TYR A 243 -12.31 -12.72 38.68
N ASP A 244 -11.89 -11.47 38.47
CA ASP A 244 -12.71 -10.51 37.75
C ASP A 244 -12.81 -10.94 36.30
N GLU A 245 -14.04 -11.25 35.86
CA GLU A 245 -14.25 -11.71 34.49
C GLU A 245 -13.95 -10.64 33.45
N GLU A 246 -14.01 -9.36 33.82
CA GLU A 246 -13.79 -8.30 32.84
C GLU A 246 -12.34 -8.24 32.40
N HIS A 247 -11.42 -8.13 33.36
CA HIS A 247 -10.00 -7.93 33.06
C HIS A 247 -9.31 -9.28 32.84
N PRO A 248 -8.56 -9.50 31.74
CA PRO A 248 -7.82 -10.76 31.63
C PRO A 248 -6.60 -10.77 32.54
N LEU A 249 -6.03 -11.96 32.68
CA LEU A 249 -4.86 -12.19 33.52
C LEU A 249 -3.60 -11.95 32.72
N VAL A 250 -2.67 -11.18 33.30
CA VAL A 250 -1.44 -10.74 32.65
C VAL A 250 -0.27 -11.02 33.59
N PHE A 251 0.88 -11.33 32.99
CA PHE A 251 2.12 -11.62 33.71
C PHE A 251 3.29 -10.95 33.00
N LEU A 252 4.42 -10.87 33.70
CA LEU A 252 5.68 -10.43 33.12
C LEU A 252 6.78 -11.27 33.76
N PHE A 253 7.27 -12.26 33.00
CA PHE A 253 8.27 -13.21 33.48
C PHE A 253 9.65 -12.58 33.30
N LEU A 254 10.11 -11.89 34.34
CA LEU A 254 11.44 -11.30 34.37
C LEU A 254 12.45 -12.31 34.91
N GLY A 255 13.64 -12.31 34.32
CA GLY A 255 14.69 -13.20 34.75
C GLY A 255 15.74 -13.36 33.68
N SER A 256 16.81 -14.05 34.06
CA SER A 256 17.93 -14.30 33.16
C SER A 256 17.50 -15.22 32.02
N SER A 257 18.40 -15.39 31.06
CA SER A 257 18.09 -16.16 29.85
C SER A 257 18.12 -17.65 30.17
N GLY A 258 17.08 -18.36 29.76
CA GLY A 258 17.05 -19.80 29.88
C GLY A 258 16.96 -20.30 31.30
N ILE A 259 15.89 -19.93 32.02
CA ILE A 259 15.62 -20.42 33.36
C ILE A 259 14.14 -20.79 33.50
N GLY A 260 13.57 -21.37 32.44
CA GLY A 260 12.24 -21.95 32.53
C GLY A 260 11.08 -21.00 32.37
N LYS A 261 11.30 -19.81 31.80
CA LYS A 261 10.20 -18.87 31.61
C LYS A 261 9.25 -19.37 30.52
N THR A 262 9.78 -19.59 29.32
CA THR A 262 8.96 -20.11 28.23
C THR A 262 8.45 -21.53 28.52
N GLU A 263 9.25 -22.33 29.23
CA GLU A 263 8.79 -23.67 29.58
C GLU A 263 7.65 -23.62 30.58
N LEU A 264 7.73 -22.72 31.56
CA LEU A 264 6.63 -22.59 32.52
C LEU A 264 5.38 -22.05 31.84
N ALA A 265 5.54 -21.15 30.88
CA ALA A 265 4.40 -20.68 30.11
C ALA A 265 3.78 -21.81 29.29
N LYS A 266 4.64 -22.66 28.70
CA LYS A 266 4.15 -23.79 27.92
C LYS A 266 3.40 -24.79 28.80
N GLN A 267 3.92 -25.07 29.99
CA GLN A 267 3.22 -25.99 30.88
C GLN A 267 1.93 -25.38 31.42
N THR A 268 1.91 -24.06 31.63
CA THR A 268 0.67 -23.39 31.98
C THR A 268 -0.36 -23.52 30.87
N ALA A 269 0.07 -23.40 29.62
CA ALA A 269 -0.86 -23.55 28.50
C ALA A 269 -1.34 -24.99 28.39
N LYS A 270 -0.44 -25.96 28.58
CA LYS A 270 -0.82 -27.36 28.50
C LYS A 270 -1.75 -27.76 29.63
N TYR A 271 -1.65 -27.09 30.78
CA TYR A 271 -2.60 -27.37 31.87
C TYR A 271 -4.00 -26.93 31.50
N MET A 272 -4.14 -25.82 30.76
CA MET A 272 -5.45 -25.28 30.45
C MET A 272 -6.21 -26.17 29.48
N HIS A 273 -5.78 -26.18 28.22
CA HIS A 273 -6.50 -26.83 27.13
C HIS A 273 -6.06 -28.26 26.87
N LYS A 274 -5.24 -28.86 27.73
CA LYS A 274 -4.63 -30.17 27.51
C LYS A 274 -3.80 -30.15 26.23
N ASP A 275 -3.52 -31.32 25.65
CA ASP A 275 -2.87 -31.34 24.33
C ASP A 275 -3.80 -30.70 23.29
N ALA A 276 -3.47 -29.48 22.90
CA ALA A 276 -4.29 -28.74 21.93
C ALA A 276 -3.53 -27.53 21.41
N LYS A 277 -3.41 -27.41 20.09
CA LYS A 277 -2.68 -26.29 19.50
C LYS A 277 -3.43 -24.97 19.56
N LYS A 278 -4.71 -24.95 19.94
CA LYS A 278 -5.45 -23.70 20.02
C LYS A 278 -4.91 -22.80 21.13
N GLY A 279 -4.51 -23.40 22.25
CA GLY A 279 -4.20 -22.63 23.43
C GLY A 279 -2.94 -21.78 23.34
N PHE A 280 -1.79 -22.43 23.26
CA PHE A 280 -0.51 -21.74 23.40
C PHE A 280 -0.24 -20.91 22.15
N ILE A 281 -0.61 -19.63 22.22
CA ILE A 281 -0.42 -18.69 21.11
C ILE A 281 0.92 -18.00 21.37
N ARG A 282 1.99 -18.59 20.86
CA ARG A 282 3.31 -18.00 20.97
C ARG A 282 3.45 -16.85 19.98
N LEU A 283 4.27 -15.85 20.36
CA LEU A 283 4.56 -14.72 19.49
C LEU A 283 5.98 -14.26 19.81
N ASP A 284 6.93 -14.64 18.95
CA ASP A 284 8.31 -14.19 19.12
C ASP A 284 8.37 -12.69 18.84
N MET A 285 8.54 -11.91 19.91
CA MET A 285 8.55 -10.45 19.79
C MET A 285 9.87 -9.90 19.28
N SER A 286 10.87 -10.74 18.98
CA SER A 286 12.02 -10.28 18.22
C SER A 286 11.64 -9.96 16.78
N GLU A 287 10.64 -10.65 16.23
CA GLU A 287 10.13 -10.31 14.91
C GLU A 287 9.47 -8.95 14.88
N PHE A 288 8.88 -8.52 15.99
CA PHE A 288 8.07 -7.30 16.07
C PHE A 288 8.92 -6.09 16.48
N GLN A 289 10.08 -5.93 15.83
CA GLN A 289 11.04 -4.91 16.24
C GLN A 289 10.71 -3.54 15.67
N GLU A 290 10.15 -3.48 14.47
CA GLU A 290 9.79 -2.22 13.83
C GLU A 290 8.39 -1.78 14.24
N ARG A 291 8.10 -0.50 14.04
CA ARG A 291 6.79 0.04 14.41
C ARG A 291 5.68 -0.53 13.54
N HIS A 292 5.96 -0.81 12.27
CA HIS A 292 4.94 -1.28 11.34
C HIS A 292 4.57 -2.75 11.51
N GLU A 293 5.17 -3.47 12.47
CA GLU A 293 4.88 -4.89 12.67
C GLU A 293 3.57 -5.14 13.42
N VAL A 294 2.79 -4.10 13.76
CA VAL A 294 1.46 -4.31 14.32
C VAL A 294 0.46 -4.81 13.30
N ALA A 295 0.77 -4.74 12.00
CA ALA A 295 -0.07 -5.38 11.01
C ALA A 295 -0.09 -6.89 11.19
N LYS A 296 1.01 -7.47 11.68
CA LYS A 296 0.97 -8.88 12.04
C LYS A 296 0.04 -9.13 13.22
N PHE A 297 -0.08 -8.17 14.14
CA PHE A 297 -1.02 -8.33 15.26
C PHE A 297 -2.46 -8.26 14.78
N ILE A 298 -2.82 -7.16 14.12
CA ILE A 298 -4.22 -6.79 13.86
C ILE A 298 -4.57 -6.72 12.38
N GLY A 299 -3.64 -7.02 11.48
CA GLY A 299 -3.93 -6.94 10.06
C GLY A 299 -3.89 -5.51 9.55
N SER A 300 -3.68 -5.38 8.25
CA SER A 300 -3.63 -4.07 7.63
C SER A 300 -5.03 -3.46 7.63
N PRO A 301 -5.15 -2.13 7.51
CA PRO A 301 -6.48 -1.52 7.50
C PRO A 301 -7.16 -1.74 6.16
N PRO A 302 -8.38 -1.22 5.97
CA PRO A 302 -9.03 -1.33 4.66
C PRO A 302 -8.26 -0.62 3.56
N GLY A 303 -8.14 -1.29 2.42
CA GLY A 303 -7.46 -0.74 1.27
C GLY A 303 -5.97 -0.99 1.22
N TYR A 304 -5.49 -2.08 1.83
CA TYR A 304 -4.07 -2.36 1.95
C TYR A 304 -3.83 -3.85 1.86
N VAL A 305 -2.57 -4.22 1.60
CA VAL A 305 -2.20 -5.62 1.42
C VAL A 305 -2.43 -6.39 2.71
N GLY A 306 -2.93 -7.61 2.58
CA GLY A 306 -3.22 -8.41 3.74
C GLY A 306 -4.42 -7.97 4.55
N HIS A 307 -5.29 -7.13 3.99
CA HIS A 307 -6.47 -6.71 4.73
C HIS A 307 -7.48 -7.84 4.83
N GLU A 308 -7.74 -8.52 3.71
CA GLU A 308 -8.66 -9.65 3.74
C GLU A 308 -8.10 -10.81 4.55
N GLU A 309 -6.77 -10.94 4.61
CA GLU A 309 -6.16 -11.98 5.44
C GLU A 309 -6.44 -11.73 6.92
N GLY A 310 -6.43 -10.47 7.35
CA GLY A 310 -6.58 -10.14 8.74
C GLY A 310 -5.32 -10.42 9.54
N GLY A 311 -5.37 -10.02 10.81
CA GLY A 311 -4.22 -10.22 11.67
C GLY A 311 -4.05 -11.66 12.09
N GLN A 312 -2.85 -11.96 12.59
CA GLN A 312 -2.57 -13.31 13.09
C GLN A 312 -3.16 -13.50 14.47
N LEU A 313 -2.87 -12.58 15.41
CA LEU A 313 -3.32 -12.77 16.78
C LEU A 313 -4.83 -12.63 16.91
N THR A 314 -5.44 -11.78 16.10
CA THR A 314 -6.90 -11.64 16.16
C THR A 314 -7.60 -12.92 15.71
N LYS A 315 -7.04 -13.59 14.69
CA LYS A 315 -7.61 -14.88 14.28
C LYS A 315 -7.35 -15.95 15.32
N LYS A 316 -6.14 -15.96 15.90
CA LYS A 316 -5.81 -16.98 16.88
C LYS A 316 -6.63 -16.84 18.16
N LEU A 317 -6.95 -15.60 18.56
CA LEU A 317 -7.81 -15.39 19.73
C LEU A 317 -9.28 -15.54 19.40
N LYS A 318 -9.68 -15.31 18.14
CA LYS A 318 -11.01 -15.68 17.71
C LYS A 318 -11.21 -17.20 17.80
N GLN A 319 -10.17 -17.96 17.46
CA GLN A 319 -10.25 -19.41 17.57
C GLN A 319 -10.24 -19.91 19.02
N CYS A 320 -9.82 -19.09 19.99
CA CYS A 320 -9.70 -19.51 21.38
C CYS A 320 -9.72 -18.29 22.30
N PRO A 321 -10.90 -17.84 22.78
CA PRO A 321 -10.89 -16.71 23.71
C PRO A 321 -10.20 -16.98 25.03
N ASN A 322 -10.18 -18.24 25.50
CA ASN A 322 -9.53 -18.63 26.75
C ASN A 322 -8.08 -19.09 26.53
N ALA A 323 -7.39 -18.51 25.55
CA ALA A 323 -6.06 -18.97 25.17
C ALA A 323 -5.04 -18.55 26.23
N VAL A 324 -3.78 -18.90 25.97
CA VAL A 324 -2.64 -18.56 26.84
C VAL A 324 -1.57 -18.00 25.91
N VAL A 325 -1.56 -16.69 25.74
CA VAL A 325 -0.63 -16.03 24.84
C VAL A 325 0.71 -15.87 25.55
N LEU A 326 1.80 -15.94 24.77
CA LEU A 326 3.16 -15.74 25.25
C LEU A 326 3.86 -14.78 24.30
N PHE A 327 4.07 -13.54 24.76
CA PHE A 327 4.85 -12.55 24.01
C PHE A 327 6.32 -12.77 24.37
N ASP A 328 6.93 -13.71 23.66
CA ASP A 328 8.28 -14.15 23.99
C ASP A 328 9.29 -13.05 23.65
N GLN A 329 10.13 -12.71 24.63
CA GLN A 329 11.18 -11.69 24.51
C GLN A 329 10.57 -10.33 24.15
N VAL A 330 9.62 -9.90 24.99
CA VAL A 330 8.86 -8.68 24.72
C VAL A 330 9.73 -7.43 24.77
N ASP A 331 10.88 -7.48 25.44
CA ASP A 331 11.81 -6.36 25.43
C ASP A 331 12.36 -6.06 24.03
N LYS A 332 12.44 -7.08 23.16
CA LYS A 332 13.00 -6.86 21.83
C LYS A 332 12.09 -6.00 20.96
N ALA A 333 10.78 -6.11 21.12
CA ALA A 333 9.86 -5.37 20.27
C ALA A 333 9.91 -3.88 20.57
N HIS A 334 9.35 -3.09 19.65
CA HIS A 334 9.39 -1.64 19.79
C HIS A 334 8.48 -1.22 20.94
N PRO A 335 8.72 -0.06 21.56
CA PRO A 335 7.75 0.39 22.58
C PRO A 335 6.39 0.73 22.01
N ASP A 336 6.32 1.12 20.74
CA ASP A 336 5.02 1.38 20.12
C ASP A 336 4.24 0.09 19.87
N VAL A 337 4.93 -1.01 19.58
CA VAL A 337 4.23 -2.25 19.27
C VAL A 337 3.62 -2.86 20.53
N LEU A 338 4.25 -2.67 21.70
CA LEU A 338 3.63 -3.10 22.94
C LEU A 338 2.42 -2.25 23.32
N THR A 339 2.26 -1.07 22.73
CA THR A 339 1.12 -0.23 23.02
C THR A 339 -0.19 -0.85 22.54
N ILE A 340 -0.13 -1.73 21.53
CA ILE A 340 -1.34 -2.45 21.11
C ILE A 340 -1.85 -3.40 22.21
N MET A 341 -0.97 -3.83 23.11
CA MET A 341 -1.37 -4.72 24.20
C MET A 341 -2.13 -4.02 25.32
N LEU A 342 -2.29 -2.70 25.28
CA LEU A 342 -3.01 -2.00 26.35
C LEU A 342 -4.49 -2.40 26.37
N GLN A 343 -5.16 -2.28 25.22
CA GLN A 343 -6.55 -2.72 25.12
C GLN A 343 -6.69 -4.22 25.33
N LEU A 344 -5.66 -4.99 24.96
CA LEU A 344 -5.71 -6.44 25.09
C LEU A 344 -5.49 -6.91 26.52
N PHE A 345 -4.78 -6.13 27.34
CA PHE A 345 -4.51 -6.46 28.74
C PHE A 345 -5.55 -5.89 29.70
N ASP A 346 -5.97 -4.64 29.53
CA ASP A 346 -6.85 -4.04 30.53
C ASP A 346 -8.25 -4.63 30.50
N GLU A 347 -8.75 -4.96 29.30
CA GLU A 347 -10.13 -5.39 29.08
C GLU A 347 -10.28 -6.56 28.12
N GLY A 348 -9.20 -7.04 27.48
CA GLY A 348 -9.31 -8.19 26.62
C GLY A 348 -10.12 -7.92 25.36
N ARG A 349 -9.71 -6.92 24.59
CA ARG A 349 -10.34 -6.60 23.32
C ARG A 349 -9.29 -6.08 22.36
N LEU A 350 -9.36 -6.57 21.12
CA LEU A 350 -8.37 -6.26 20.09
C LEU A 350 -9.09 -6.28 18.75
N THR A 351 -9.47 -5.10 18.27
CA THR A 351 -10.16 -4.97 17.00
C THR A 351 -9.17 -5.11 15.85
N ASP A 352 -9.47 -5.99 14.91
CA ASP A 352 -8.60 -6.23 13.77
C ASP A 352 -8.79 -5.10 12.74
N GLY A 353 -8.17 -5.25 11.57
CA GLY A 353 -8.33 -4.25 10.53
C GLY A 353 -9.73 -4.21 9.95
N LYS A 354 -10.43 -5.34 9.94
CA LYS A 354 -11.79 -5.40 9.43
C LYS A 354 -12.83 -4.82 10.37
N GLY A 355 -12.45 -4.39 11.58
CA GLY A 355 -13.41 -3.82 12.52
C GLY A 355 -14.15 -4.83 13.36
N LYS A 356 -13.53 -5.97 13.67
CA LYS A 356 -14.15 -7.07 14.41
C LYS A 356 -13.43 -7.19 15.75
N THR A 357 -14.07 -6.70 16.80
CA THR A 357 -13.57 -6.85 18.16
C THR A 357 -13.82 -8.27 18.64
N ILE A 358 -12.84 -8.82 19.35
CA ILE A 358 -12.87 -10.19 19.88
C ILE A 358 -12.69 -10.11 21.39
N ASP A 359 -13.61 -10.74 22.13
CA ASP A 359 -13.60 -10.71 23.59
C ASP A 359 -12.55 -11.70 24.09
N CYS A 360 -11.35 -11.18 24.37
CA CYS A 360 -10.23 -11.96 24.88
C CYS A 360 -10.15 -11.88 26.41
N LYS A 361 -11.29 -11.82 27.08
CA LYS A 361 -11.29 -11.59 28.53
C LYS A 361 -10.80 -12.81 29.29
N ASP A 362 -11.11 -14.01 28.82
CA ASP A 362 -10.73 -15.24 29.50
C ASP A 362 -9.28 -15.63 29.28
N ALA A 363 -8.51 -14.89 28.49
CA ALA A 363 -7.15 -15.32 28.17
C ALA A 363 -6.23 -15.13 29.36
N ILE A 364 -5.01 -15.67 29.23
CA ILE A 364 -3.97 -15.56 30.25
C ILE A 364 -2.70 -15.15 29.50
N PHE A 365 -2.44 -13.85 29.47
CA PHE A 365 -1.28 -13.33 28.76
C PHE A 365 -0.04 -13.45 29.63
N ILE A 366 1.06 -13.85 29.00
CA ILE A 366 2.37 -14.00 29.65
C ILE A 366 3.36 -13.26 28.77
N MET A 367 4.36 -12.65 29.43
CA MET A 367 5.38 -11.82 28.77
C MET A 367 6.74 -12.21 29.31
N THR A 368 7.52 -12.89 28.49
CA THR A 368 8.90 -13.24 28.82
C THR A 368 9.82 -12.09 28.41
N SER A 369 10.72 -11.71 29.32
CA SER A 369 11.65 -10.62 29.07
C SER A 369 12.91 -10.85 29.89
N ASN A 370 14.06 -10.51 29.29
CA ASN A 370 15.34 -10.53 29.97
C ASN A 370 15.70 -9.18 30.59
N VAL A 371 14.71 -8.33 30.86
CA VAL A 371 14.98 -7.00 31.39
C VAL A 371 15.34 -7.11 32.86
N ALA A 372 16.37 -6.38 33.28
CA ALA A 372 16.87 -6.38 34.65
C ALA A 372 17.34 -7.78 35.07
N SER A 373 17.89 -8.54 34.14
CA SER A 373 18.41 -9.87 34.48
C SER A 373 19.64 -9.76 35.37
N ASP A 374 20.51 -8.78 35.10
CA ASP A 374 21.70 -8.60 35.91
C ASP A 374 21.34 -8.18 37.32
N GLU A 375 20.38 -7.27 37.47
CA GLU A 375 19.98 -6.82 38.81
C GLU A 375 19.29 -7.94 39.58
N ILE A 376 18.47 -8.74 38.89
CA ILE A 376 17.79 -9.86 39.54
C ILE A 376 18.81 -10.90 40.00
N ALA A 377 19.81 -11.18 39.15
CA ALA A 377 20.84 -12.15 39.52
C ALA A 377 21.69 -11.63 40.67
N GLN A 378 22.02 -10.34 40.66
CA GLN A 378 22.82 -9.76 41.74
C GLN A 378 22.06 -9.79 43.06
N HIS A 379 20.78 -9.42 43.05
CA HIS A 379 20.01 -9.44 44.28
C HIS A 379 19.75 -10.86 44.77
N ALA A 380 19.58 -11.81 43.85
CA ALA A 380 19.39 -13.20 44.26
C ALA A 380 20.67 -13.76 44.87
N LEU A 381 21.83 -13.45 44.29
CA LEU A 381 23.10 -13.88 44.88
C LEU A 381 23.34 -13.22 46.22
N GLN A 382 22.93 -11.95 46.37
CA GLN A 382 23.10 -11.27 47.65
C GLN A 382 22.21 -11.89 48.72
N LEU A 383 20.96 -12.21 48.37
CA LEU A 383 20.06 -12.85 49.32
C LEU A 383 20.56 -14.25 49.69
N ARG A 384 21.10 -14.98 48.72
CA ARG A 384 21.64 -16.31 49.02
C ARG A 384 22.88 -16.22 49.89
N GLN A 385 23.71 -15.20 49.67
CA GLN A 385 24.90 -15.02 50.51
C GLN A 385 24.49 -14.65 51.93
N GLU A 386 23.49 -13.78 52.09
CA GLU A 386 23.01 -13.44 53.43
C GLU A 386 22.38 -14.64 54.12
N ALA A 387 21.66 -15.48 53.36
CA ALA A 387 21.07 -16.68 53.93
C ALA A 387 22.15 -17.66 54.38
N LEU A 388 23.20 -17.83 53.57
CA LEU A 388 24.29 -18.72 53.95
C LEU A 388 25.05 -18.16 55.15
N GLU A 389 25.20 -16.83 55.23
CA GLU A 389 25.84 -16.22 56.38
C GLU A 389 25.05 -16.46 57.66
N MET A 390 23.74 -16.26 57.60
CA MET A 390 22.89 -16.52 58.77
C MET A 390 22.88 -18.00 59.12
N SER A 391 22.94 -18.88 58.13
CA SER A 391 22.95 -20.32 58.38
C SER A 391 24.22 -20.75 59.08
N ARG A 392 25.38 -20.30 58.59
CA ARG A 392 26.63 -20.69 59.24
C ARG A 392 26.79 -20.01 60.59
N ASN A 393 26.23 -18.81 60.77
CA ASN A 393 26.26 -18.18 62.08
C ASN A 393 25.41 -18.93 63.09
N ARG A 394 24.23 -19.40 62.67
CA ARG A 394 23.41 -20.21 63.57
C ARG A 394 24.04 -21.57 63.83
N ILE A 395 24.74 -22.14 62.85
CA ILE A 395 25.39 -23.43 63.04
C ILE A 395 26.58 -23.28 63.98
N ALA A 396 27.28 -22.14 63.94
CA ALA A 396 28.44 -21.95 64.81
C ALA A 396 28.02 -21.83 66.27
N GLU A 397 26.90 -21.15 66.53
CA GLU A 397 26.40 -20.98 67.90
C GLU A 397 25.86 -22.30 68.43
N THR A 409 13.45 -14.94 48.40
CA THR A 409 12.32 -14.05 48.56
C THR A 409 12.72 -12.61 48.25
N ILE A 410 12.31 -12.12 47.09
CA ILE A 410 12.63 -10.75 46.68
C ILE A 410 11.82 -9.79 47.52
N SER A 411 12.48 -8.74 48.00
CA SER A 411 11.84 -7.75 48.86
C SER A 411 11.07 -6.74 48.02
N LYS A 412 10.07 -6.11 48.65
CA LYS A 412 9.26 -5.10 47.98
C LYS A 412 10.10 -3.87 47.65
N ASN A 413 11.06 -3.52 48.50
CA ASN A 413 11.91 -2.36 48.24
C ASN A 413 12.76 -2.55 47.00
N PHE A 414 13.22 -3.77 46.75
CA PHE A 414 13.98 -4.03 45.53
C PHE A 414 13.10 -3.93 44.30
N LYS A 415 11.83 -4.35 44.42
CA LYS A 415 10.92 -4.23 43.29
C LYS A 415 10.60 -2.78 42.98
N GLU A 416 10.44 -1.96 44.02
CA GLU A 416 10.01 -0.56 43.82
C GLU A 416 11.17 0.36 43.47
N ASN A 417 12.38 0.07 43.96
CA ASN A 417 13.53 0.97 43.83
C ASN A 417 14.46 0.63 42.66
N VAL A 418 14.61 -0.66 42.34
CA VAL A 418 15.59 -1.13 41.35
C VAL A 418 14.87 -1.54 40.07
N ILE A 419 14.01 -2.55 40.16
CA ILE A 419 13.38 -3.12 38.96
C ILE A 419 12.38 -2.15 38.35
N ARG A 420 11.69 -1.36 39.18
CA ARG A 420 10.65 -0.47 38.66
C ARG A 420 11.23 0.65 37.81
N PRO A 421 12.29 1.37 38.22
CA PRO A 421 12.90 2.33 37.30
C PRO A 421 13.48 1.70 36.04
N ILE A 422 13.98 0.46 36.11
CA ILE A 422 14.52 -0.19 34.92
C ILE A 422 13.38 -0.49 33.94
N LEU A 423 12.25 -0.99 34.44
CA LEU A 423 11.11 -1.24 33.57
C LEU A 423 10.54 0.06 33.03
N LYS A 424 10.52 1.12 33.84
CA LYS A 424 10.02 2.41 33.36
C LYS A 424 10.94 3.01 32.31
N ALA A 425 12.26 2.77 32.43
CA ALA A 425 13.18 3.27 31.42
C ALA A 425 13.07 2.49 30.12
N HIS A 426 12.87 1.17 30.21
CA HIS A 426 12.80 0.36 29.00
C HIS A 426 11.45 0.54 28.30
N PHE A 427 10.35 0.29 29.01
CA PHE A 427 9.02 0.31 28.40
C PHE A 427 8.50 1.72 28.17
N ARG A 428 8.90 2.69 29.00
CA ARG A 428 8.60 4.10 28.82
C ARG A 428 7.10 4.41 28.90
N ARG A 429 6.31 3.56 29.55
CA ARG A 429 4.87 3.77 29.67
C ARG A 429 4.41 3.09 30.95
N ASP A 430 4.06 3.90 31.96
CA ASP A 430 3.62 3.33 33.22
C ASP A 430 2.26 2.65 33.12
N GLU A 431 1.42 3.08 32.17
CA GLU A 431 0.11 2.45 32.00
C GLU A 431 0.24 1.02 31.50
N PHE A 432 1.25 0.74 30.69
CA PHE A 432 1.47 -0.64 30.25
C PHE A 432 1.89 -1.52 31.42
N LEU A 433 2.78 -1.01 32.27
CA LEU A 433 3.20 -1.79 33.43
C LEU A 433 2.08 -1.92 34.45
N GLY A 434 1.15 -0.96 34.50
CA GLY A 434 0.07 -1.02 35.47
C GLY A 434 -0.96 -2.11 35.21
N ARG A 435 -1.05 -2.60 33.98
CA ARG A 435 -1.96 -3.70 33.66
C ARG A 435 -1.44 -5.06 34.07
N ILE A 436 -0.15 -5.21 34.40
CA ILE A 436 0.39 -6.51 34.78
C ILE A 436 -0.14 -6.88 36.15
N ASN A 437 -0.76 -8.07 36.24
CA ASN A 437 -1.31 -8.52 37.51
C ASN A 437 -0.22 -9.00 38.46
N GLU A 438 0.82 -9.66 37.93
CA GLU A 438 1.89 -10.23 38.73
C GLU A 438 3.18 -10.17 37.93
N ILE A 439 4.13 -9.36 38.38
CA ILE A 439 5.46 -9.31 37.79
C ILE A 439 6.26 -10.46 38.37
N VAL A 440 6.22 -11.61 37.71
CA VAL A 440 6.87 -12.81 38.22
C VAL A 440 8.37 -12.70 38.03
N TYR A 441 9.13 -13.09 39.06
CA TYR A 441 10.60 -13.01 39.09
C TYR A 441 11.16 -14.43 39.09
N PHE A 442 11.64 -14.88 37.93
CA PHE A 442 12.37 -16.14 37.82
C PHE A 442 13.79 -15.92 38.30
N LEU A 443 14.15 -16.52 39.43
CA LEU A 443 15.48 -16.34 40.02
C LEU A 443 16.47 -17.26 39.32
N PRO A 444 17.78 -17.05 39.51
CA PRO A 444 18.75 -18.00 38.96
C PRO A 444 18.69 -19.33 39.71
N PHE A 445 19.44 -20.30 39.19
CA PHE A 445 19.48 -21.64 39.75
C PHE A 445 20.51 -21.72 40.86
N CYS A 446 20.12 -22.36 41.97
CA CYS A 446 21.05 -22.69 43.04
C CYS A 446 21.87 -23.92 42.63
N HIS A 447 22.72 -24.39 43.53
CA HIS A 447 23.52 -25.58 43.25
C HIS A 447 22.65 -26.82 43.15
N SER A 448 21.71 -26.98 44.09
CA SER A 448 20.83 -28.14 44.07
C SER A 448 19.89 -28.11 42.87
N GLU A 449 19.49 -26.92 42.42
CA GLU A 449 18.65 -26.84 41.24
C GLU A 449 19.41 -27.25 39.99
N LEU A 450 20.70 -26.89 39.90
CA LEU A 450 21.51 -27.33 38.77
C LEU A 450 21.74 -28.84 38.82
N ILE A 451 21.90 -29.38 40.03
CA ILE A 451 22.05 -30.83 40.19
C ILE A 451 20.78 -31.54 39.74
N GLN A 452 19.62 -30.98 40.09
CA GLN A 452 18.35 -31.56 39.66
C GLN A 452 18.16 -31.43 38.16
N LEU A 453 18.65 -30.35 37.55
CA LEU A 453 18.58 -30.21 36.10
C LEU A 453 19.42 -31.28 35.41
N VAL A 454 20.64 -31.52 35.92
CA VAL A 454 21.50 -32.55 35.34
C VAL A 454 20.88 -33.93 35.53
N ASN A 455 20.26 -34.16 36.69
CA ASN A 455 19.61 -35.44 36.95
C ASN A 455 18.41 -35.65 36.03
N LYS A 456 17.61 -34.60 35.79
CA LYS A 456 16.47 -34.74 34.89
C LYS A 456 16.91 -34.94 33.46
N GLU A 457 18.00 -34.27 33.05
CA GLU A 457 18.50 -34.47 31.69
C GLU A 457 19.04 -35.88 31.50
N LEU A 458 19.77 -36.39 32.49
CA LEU A 458 20.27 -37.76 32.39
C LEU A 458 19.13 -38.77 32.44
N ASN A 459 18.09 -38.51 33.22
CA ASN A 459 16.93 -39.39 33.25
C ASN A 459 16.18 -39.36 31.92
N PHE A 460 16.12 -38.19 31.28
CA PHE A 460 15.47 -38.09 29.98
C PHE A 460 16.25 -38.85 28.91
N TRP A 461 17.58 -38.75 28.93
CA TRP A 461 18.39 -39.50 27.98
C TRP A 461 18.30 -40.99 28.25
N ALA A 462 18.23 -41.39 29.53
CA ALA A 462 18.08 -42.81 29.86
C ALA A 462 16.72 -43.33 29.39
N LYS A 463 15.67 -42.53 29.53
CA LYS A 463 14.35 -42.94 29.04
C LYS A 463 14.34 -43.05 27.53
N ARG A 464 15.02 -42.14 26.83
CA ARG A 464 15.12 -42.24 25.38
C ARG A 464 15.88 -43.48 24.95
N ALA A 465 16.98 -43.80 25.65
CA ALA A 465 17.74 -45.00 25.33
C ALA A 465 16.96 -46.26 25.64
N LYS A 466 16.14 -46.25 26.70
CA LYS A 466 15.35 -47.43 27.05
C LYS A 466 14.19 -47.63 26.08
N GLN A 467 13.59 -46.53 25.60
CA GLN A 467 12.49 -46.64 24.65
C GLN A 467 13.00 -47.05 23.28
N ARG A 468 13.93 -46.28 22.71
CA ARG A 468 14.42 -46.56 21.37
C ARG A 468 15.44 -47.68 21.37
N HIS A 469 16.61 -47.44 21.98
CA HIS A 469 17.72 -48.39 21.91
C HIS A 469 17.59 -49.56 22.88
N ASN A 470 16.78 -49.43 23.94
CA ASN A 470 16.59 -50.47 24.95
C ASN A 470 17.91 -50.79 25.66
N ILE A 471 18.50 -49.72 26.22
CA ILE A 471 19.79 -49.77 26.91
C ILE A 471 19.60 -49.06 28.25
N THR A 472 19.87 -49.78 29.34
CA THR A 472 19.86 -49.19 30.67
C THR A 472 21.14 -48.39 30.89
N LEU A 473 21.03 -47.34 31.70
CA LEU A 473 22.13 -46.43 31.98
C LEU A 473 22.07 -45.99 33.44
N LEU A 474 23.25 -45.75 34.01
CA LEU A 474 23.41 -45.25 35.37
C LEU A 474 24.58 -44.27 35.39
N TRP A 475 24.73 -43.55 36.50
CA TRP A 475 25.76 -42.53 36.62
C TRP A 475 26.03 -42.28 38.09
N ASP A 476 27.17 -41.62 38.34
CA ASP A 476 27.66 -41.30 39.67
C ASP A 476 27.42 -39.83 40.00
N ARG A 477 27.42 -39.53 41.30
CA ARG A 477 27.21 -38.16 41.75
C ARG A 477 28.36 -37.24 41.35
N GLU A 478 29.58 -37.79 41.23
CA GLU A 478 30.72 -36.97 40.81
C GLU A 478 30.57 -36.48 39.38
N VAL A 479 29.90 -37.26 38.52
CA VAL A 479 29.65 -36.84 37.15
C VAL A 479 28.73 -35.61 37.15
N ALA A 480 27.67 -35.66 37.96
CA ALA A 480 26.77 -34.53 38.07
C ALA A 480 27.46 -33.32 38.69
N ASP A 481 28.38 -33.57 39.64
CA ASP A 481 29.12 -32.47 40.24
C ASP A 481 30.04 -31.79 39.23
N VAL A 482 30.73 -32.58 38.40
CA VAL A 482 31.62 -32.01 37.39
C VAL A 482 30.81 -31.28 36.33
N LEU A 483 29.63 -31.81 35.97
CA LEU A 483 28.78 -31.14 34.99
C LEU A 483 28.24 -29.82 35.54
N VAL A 484 27.87 -29.79 36.82
CA VAL A 484 27.41 -28.54 37.42
C VAL A 484 28.56 -27.56 37.57
N ASP A 485 29.78 -28.06 37.76
CA ASP A 485 30.95 -27.17 37.71
C ASP A 485 31.13 -26.60 36.32
N GLY A 486 30.83 -27.38 35.29
CA GLY A 486 30.78 -26.89 33.93
C GLY A 486 29.43 -26.28 33.60
N TYR A 487 29.18 -25.07 34.10
CA TYR A 487 27.89 -24.38 33.98
C TYR A 487 28.13 -22.93 33.63
N ASN A 488 27.60 -22.48 32.50
CA ASN A 488 27.66 -21.09 32.08
C ASN A 488 26.51 -20.33 32.73
N VAL A 489 26.84 -19.25 33.44
CA VAL A 489 25.81 -18.46 34.11
C VAL A 489 24.95 -17.71 33.09
N HIS A 490 25.54 -17.30 31.96
CA HIS A 490 24.80 -16.53 30.97
C HIS A 490 23.72 -17.38 30.30
N TYR A 491 24.13 -18.47 29.66
CA TYR A 491 23.16 -19.32 28.97
C TYR A 491 22.27 -20.09 29.94
N GLY A 492 22.69 -20.27 31.19
CA GLY A 492 21.83 -20.84 32.21
C GLY A 492 21.52 -22.30 32.00
N ALA A 493 20.22 -22.62 31.92
CA ALA A 493 19.82 -24.01 31.75
C ALA A 493 20.22 -24.57 30.39
N ARG A 494 20.37 -23.72 29.38
CA ARG A 494 20.87 -24.18 28.09
C ARG A 494 22.32 -24.63 28.16
N SER A 495 23.10 -24.09 29.10
CA SER A 495 24.49 -24.52 29.24
C SER A 495 24.58 -25.96 29.71
N ILE A 496 23.66 -26.40 30.57
CA ILE A 496 23.65 -27.79 31.01
C ILE A 496 23.29 -28.70 29.83
N LYS A 497 22.37 -28.26 28.98
CA LYS A 497 22.03 -29.04 27.79
C LYS A 497 23.20 -29.12 26.83
N HIS A 498 23.94 -28.01 26.67
CA HIS A 498 25.10 -28.03 25.79
C HIS A 498 26.22 -28.90 26.37
N GLU A 499 26.37 -28.90 27.70
CA GLU A 499 27.38 -29.76 28.33
C GLU A 499 27.03 -31.22 28.16
N VAL A 500 25.76 -31.57 28.36
CA VAL A 500 25.33 -32.96 28.16
C VAL A 500 25.43 -33.35 26.69
N GLU A 501 25.20 -32.41 25.77
CA GLU A 501 25.34 -32.72 24.35
C GLU A 501 26.80 -32.94 23.97
N ARG A 502 27.70 -32.13 24.51
CA ARG A 502 29.13 -32.29 24.18
C ARG A 502 29.70 -33.55 24.79
N ARG A 503 29.50 -33.76 26.10
CA ARG A 503 30.20 -34.82 26.80
C ARG A 503 29.48 -36.16 26.65
N VAL A 504 28.19 -36.21 26.96
CA VAL A 504 27.46 -37.47 27.06
C VAL A 504 26.96 -37.94 25.69
N VAL A 505 26.35 -37.04 24.92
CA VAL A 505 25.68 -37.47 23.69
C VAL A 505 26.70 -37.85 22.61
N ASN A 506 27.83 -37.16 22.57
CA ASN A 506 28.84 -37.48 21.55
C ASN A 506 29.46 -38.85 21.82
N GLN A 507 29.73 -39.17 23.09
CA GLN A 507 30.29 -40.47 23.42
C GLN A 507 29.29 -41.59 23.14
N LEU A 508 28.01 -41.38 23.46
CA LEU A 508 26.99 -42.38 23.17
C LEU A 508 26.79 -42.56 21.67
N ALA A 509 26.86 -41.46 20.92
CA ALA A 509 26.72 -41.55 19.47
C ALA A 509 27.91 -42.28 18.85
N ALA A 510 29.12 -42.02 19.34
CA ALA A 510 30.29 -42.74 18.85
C ALA A 510 30.24 -44.22 19.23
N ALA A 511 29.70 -44.54 20.40
CA ALA A 511 29.56 -45.94 20.79
C ALA A 511 28.52 -46.65 19.94
N TYR A 512 27.41 -45.96 19.63
CA TYR A 512 26.37 -46.57 18.81
C TYR A 512 26.82 -46.74 17.37
N GLU A 513 27.60 -45.78 16.85
CA GLU A 513 28.12 -45.90 15.49
C GLU A 513 29.13 -47.05 15.40
N GLN A 514 29.96 -47.22 16.43
CA GLN A 514 30.91 -48.31 16.49
C GLN A 514 30.29 -49.66 16.87
N ASP A 515 28.98 -49.71 17.15
CA ASP A 515 28.27 -50.95 17.50
C ASP A 515 28.80 -51.59 18.77
N LEU A 516 29.30 -50.78 19.71
CA LEU A 516 29.74 -51.25 21.01
C LEU A 516 28.63 -51.29 22.05
N LEU A 517 27.36 -51.15 21.64
CA LEU A 517 26.22 -51.05 22.57
C LEU A 517 24.98 -51.59 21.88
N PRO A 518 24.89 -52.91 21.69
CA PRO A 518 23.68 -53.48 21.08
C PRO A 518 22.49 -53.37 22.02
N GLY A 519 21.30 -53.55 21.45
CA GLY A 519 20.07 -53.42 22.20
C GLY A 519 19.89 -54.48 23.26
N GLY A 520 20.42 -54.23 24.46
CA GLY A 520 20.29 -55.16 25.56
C GLY A 520 21.28 -54.92 26.69
N CYS A 521 22.51 -54.53 26.33
CA CYS A 521 23.56 -54.38 27.33
C CYS A 521 23.30 -53.16 28.20
N THR A 522 23.95 -53.16 29.38
CA THR A 522 23.89 -52.05 30.33
C THR A 522 25.03 -51.07 30.06
N LEU A 523 25.06 -49.98 30.81
CA LEU A 523 26.08 -48.95 30.64
C LEU A 523 26.12 -48.12 31.91
N ARG A 524 27.29 -47.49 32.14
CA ARG A 524 27.48 -46.63 33.30
C ARG A 524 28.50 -45.55 32.94
N ILE A 525 28.28 -44.36 33.51
CA ILE A 525 29.18 -43.21 33.38
C ILE A 525 29.97 -43.10 34.67
N THR A 526 31.24 -42.73 34.56
CA THR A 526 32.11 -42.55 35.72
C THR A 526 33.20 -41.56 35.38
N VAL A 527 33.52 -40.69 36.34
CA VAL A 527 34.59 -39.71 36.14
C VAL A 527 35.93 -40.44 36.06
N GLU A 528 36.75 -40.04 35.09
CA GLU A 528 38.07 -40.64 34.92
C GLU A 528 39.00 -40.24 36.06
N PRO A 550 39.30 -32.99 35.44
CA PRO A 550 38.61 -34.28 35.31
C PRO A 550 37.99 -34.48 33.93
N LYS A 551 37.58 -35.72 33.63
CA LYS A 551 36.97 -36.05 32.36
C LYS A 551 35.98 -37.19 32.57
N LEU A 552 34.79 -37.06 31.99
CA LEU A 552 33.79 -38.11 32.05
C LEU A 552 34.14 -39.23 31.08
N ARG A 553 33.88 -40.47 31.49
CA ARG A 553 34.17 -41.66 30.70
C ARG A 553 33.08 -42.69 30.95
N LEU A 554 32.59 -43.28 29.86
CA LEU A 554 31.62 -44.36 29.96
C LEU A 554 32.31 -45.67 30.36
N GLU A 555 31.49 -46.61 30.84
CA GLU A 555 31.99 -47.93 31.23
C GLU A 555 30.87 -48.93 31.01
N ILE A 556 30.98 -49.74 29.95
CA ILE A 556 29.99 -50.76 29.67
C ILE A 556 30.07 -51.85 30.73
N ILE A 557 28.91 -52.40 31.09
CA ILE A 557 28.78 -53.45 32.10
C ILE A 557 27.93 -54.56 31.50
N ASP A 558 28.35 -55.81 31.73
CA ASP A 558 27.66 -57.02 31.27
C ASP A 558 27.28 -57.97 32.39
N LYS A 559 28.07 -58.01 33.47
CA LYS A 559 27.80 -58.88 34.63
C LYS A 559 28.09 -58.06 35.88
N ASP A 560 28.07 -58.73 37.03
CA ASP A 560 28.36 -58.07 38.30
C ASP A 560 29.83 -57.69 38.48
N SER A 561 30.74 -58.22 37.67
CA SER A 561 32.16 -57.92 37.76
C SER A 561 32.78 -57.98 36.36
N LYS A 562 32.31 -57.10 35.48
CA LYS A 562 32.84 -56.94 34.12
C LYS A 562 32.92 -55.46 33.78
N THR A 563 33.58 -54.69 34.65
CA THR A 563 33.75 -53.27 34.43
C THR A 563 34.86 -53.03 33.40
N ARG A 564 34.54 -52.26 32.36
CA ARG A 564 35.51 -51.96 31.31
C ARG A 564 35.04 -50.73 30.55
N ARG A 565 36.01 -49.95 30.09
CA ARG A 565 35.73 -48.73 29.35
C ARG A 565 35.44 -49.05 27.88
N LEU A 566 34.57 -48.25 27.27
CA LEU A 566 34.27 -48.44 25.86
C LEU A 566 35.43 -47.99 25.00
N ASP A 567 35.71 -48.77 23.95
CA ASP A 567 36.81 -48.48 23.03
C ASP A 567 36.35 -47.47 21.97
N ILE A 568 36.15 -46.23 22.44
CA ILE A 568 35.71 -45.12 21.60
C ILE A 568 36.96 -44.46 21.06
N ARG A 569 37.27 -44.70 19.79
CA ARG A 569 38.45 -44.10 19.18
C ARG A 569 38.24 -42.61 18.97
N ALA A 570 39.25 -41.82 19.30
CA ALA A 570 39.17 -40.37 19.14
C ALA A 570 39.16 -39.99 17.66
N SER B 192 -53.71 16.25 25.36
CA SER B 192 -53.47 15.87 23.97
C SER B 192 -52.15 15.12 23.83
N GLU B 193 -51.89 14.59 22.64
CA GLU B 193 -50.64 13.88 22.40
C GLU B 193 -49.44 14.84 22.45
N ALA B 194 -49.63 16.10 22.03
CA ALA B 194 -48.55 17.06 22.10
C ALA B 194 -48.21 17.41 23.54
N LYS B 195 -49.23 17.48 24.41
CA LYS B 195 -48.98 17.75 25.83
C LYS B 195 -48.26 16.58 26.50
N TYR B 196 -48.44 15.36 25.99
CA TYR B 196 -47.75 14.20 26.55
C TYR B 196 -46.24 14.31 26.36
N GLN B 197 -45.79 14.96 25.29
CA GLN B 197 -44.36 15.16 25.09
C GLN B 197 -43.78 16.07 26.16
N GLU B 198 -44.44 17.18 26.45
CA GLU B 198 -43.98 18.06 27.53
C GLU B 198 -44.10 17.40 28.89
N LYS B 199 -45.11 16.56 29.09
CA LYS B 199 -45.23 15.83 30.35
C LYS B 199 -44.09 14.85 30.54
N GLN B 200 -43.74 14.12 29.48
CA GLN B 200 -42.61 13.20 29.55
C GLN B 200 -41.30 13.96 29.72
N ARG B 201 -41.19 15.15 29.12
CA ARG B 201 -39.98 15.95 29.30
C ARG B 201 -39.84 16.41 30.76
N LYS B 202 -40.95 16.85 31.37
CA LYS B 202 -40.91 17.25 32.77
C LYS B 202 -40.63 16.06 33.68
N ARG B 203 -41.17 14.89 33.34
CA ARG B 203 -40.90 13.70 34.14
C ARG B 203 -39.44 13.28 34.03
N GLU B 204 -38.86 13.36 32.83
CA GLU B 204 -37.45 13.04 32.67
C GLU B 204 -36.57 14.06 33.38
N ALA B 205 -36.98 15.33 33.38
CA ALA B 205 -36.22 16.34 34.11
C ALA B 205 -36.27 16.08 35.61
N GLU B 206 -37.43 15.68 36.14
CA GLU B 206 -37.53 15.35 37.55
C GLU B 206 -36.72 14.10 37.87
N GLU B 207 -36.68 13.13 36.96
CA GLU B 207 -35.88 11.93 37.17
C GLU B 207 -34.39 12.26 37.20
N ARG B 208 -33.93 13.10 36.26
CA ARG B 208 -32.52 13.48 36.25
C ARG B 208 -32.16 14.36 37.43
N ARG B 209 -33.09 15.19 37.91
CA ARG B 209 -32.84 15.99 39.09
C ARG B 209 -32.81 15.13 40.36
N ARG B 210 -33.58 14.04 40.38
CA ARG B 210 -33.61 13.17 41.56
C ARG B 210 -32.34 12.34 41.68
N PHE B 211 -31.78 11.90 40.56
CA PHE B 211 -30.64 10.98 40.53
C PHE B 211 -29.77 11.33 39.34
N PRO B 212 -29.06 12.47 39.38
CA PRO B 212 -28.32 12.93 38.20
C PRO B 212 -27.11 12.08 37.87
N LEU B 213 -26.41 12.43 36.79
CA LEU B 213 -25.22 11.72 36.37
C LEU B 213 -24.09 11.82 37.39
N GLU B 214 -24.07 12.87 38.23
CA GLU B 214 -23.00 13.02 39.20
C GLU B 214 -23.04 11.93 40.26
N GLN B 215 -24.21 11.67 40.83
CA GLN B 215 -24.33 10.60 41.82
C GLN B 215 -24.14 9.23 41.17
N ARG B 216 -24.63 9.09 39.94
CA ARG B 216 -24.49 7.81 39.23
C ARG B 216 -23.04 7.51 38.91
N LEU B 217 -22.23 8.54 38.67
CA LEU B 217 -20.80 8.36 38.51
C LEU B 217 -20.10 8.17 39.84
N LYS B 218 -20.59 8.81 40.90
CA LYS B 218 -20.01 8.60 42.22
C LYS B 218 -20.25 7.18 42.75
N GLU B 219 -21.27 6.49 42.23
CA GLU B 219 -21.40 5.06 42.55
C GLU B 219 -20.21 4.27 42.02
N HIS B 220 -19.69 4.63 40.84
CA HIS B 220 -18.66 3.87 40.13
C HIS B 220 -17.30 4.55 40.07
N ILE B 221 -17.23 5.87 40.28
CA ILE B 221 -16.00 6.66 40.09
C ILE B 221 -15.70 7.32 41.43
N ILE B 222 -14.80 6.70 42.19
CA ILE B 222 -14.30 7.31 43.42
C ILE B 222 -13.39 8.47 43.07
N GLY B 223 -13.53 9.57 43.81
CA GLY B 223 -12.75 10.75 43.54
C GLY B 223 -13.17 11.36 42.21
N GLN B 224 -12.30 12.21 41.70
CA GLN B 224 -12.47 12.87 40.40
C GLN B 224 -13.73 13.74 40.41
N GLU B 225 -13.89 14.51 41.48
CA GLU B 225 -15.07 15.36 41.61
C GLU B 225 -15.05 16.49 40.59
N SER B 226 -13.86 17.01 40.26
CA SER B 226 -13.78 18.03 39.22
C SER B 226 -14.15 17.48 37.86
N ALA B 227 -13.67 16.27 37.54
CA ALA B 227 -13.98 15.66 36.25
C ALA B 227 -15.45 15.28 36.16
N ILE B 228 -16.01 14.72 37.25
CA ILE B 228 -17.42 14.38 37.27
C ILE B 228 -18.26 15.64 37.17
N ALA B 229 -17.81 16.73 37.80
CA ALA B 229 -18.55 17.99 37.71
C ALA B 229 -18.54 18.55 36.30
N THR B 230 -17.39 18.53 35.63
CA THR B 230 -17.31 19.05 34.26
C THR B 230 -18.13 18.22 33.30
N VAL B 231 -18.00 16.89 33.37
CA VAL B 231 -18.72 16.01 32.47
C VAL B 231 -20.22 16.08 32.75
N GLY B 232 -20.61 16.18 34.02
CA GLY B 232 -22.01 16.28 34.36
C GLY B 232 -22.62 17.60 33.94
N ALA B 233 -21.85 18.68 34.05
CA ALA B 233 -22.35 19.98 33.58
C ALA B 233 -22.53 19.98 32.08
N ALA B 234 -21.59 19.37 31.35
CA ALA B 234 -21.72 19.32 29.89
C ALA B 234 -22.92 18.46 29.47
N ILE B 235 -23.10 17.30 30.09
CA ILE B 235 -24.21 16.42 29.70
C ILE B 235 -25.54 16.97 30.19
N ARG B 236 -25.55 17.70 31.31
CA ARG B 236 -26.76 18.39 31.73
C ARG B 236 -27.12 19.51 30.76
N ARG B 237 -26.11 20.21 30.25
CA ARG B 237 -26.33 21.22 29.23
C ARG B 237 -26.87 20.60 27.94
N LYS B 238 -26.40 19.40 27.60
CA LYS B 238 -26.85 18.75 26.38
C LYS B 238 -28.27 18.20 26.54
N GLU B 239 -28.58 17.62 27.70
CA GLU B 239 -29.87 16.96 27.88
C GLU B 239 -31.00 17.97 27.99
N ASN B 240 -30.76 19.09 28.65
CA ASN B 240 -31.77 20.14 28.77
C ASN B 240 -31.94 20.99 27.52
N GLY B 241 -31.16 20.75 26.46
CA GLY B 241 -31.32 21.47 25.22
C GLY B 241 -30.63 22.80 25.15
N TRP B 242 -29.57 23.01 25.93
CA TRP B 242 -28.79 24.24 25.97
C TRP B 242 -27.43 24.05 25.30
N TYR B 243 -27.42 23.29 24.21
CA TYR B 243 -26.22 22.96 23.45
C TYR B 243 -26.39 23.42 22.00
N ASP B 244 -25.31 23.94 21.43
CA ASP B 244 -25.31 24.29 20.02
C ASP B 244 -25.40 23.01 19.21
N GLU B 245 -26.50 22.85 18.48
CA GLU B 245 -26.72 21.61 17.75
C GLU B 245 -25.77 21.42 16.58
N GLU B 246 -25.11 22.48 16.10
CA GLU B 246 -24.19 22.33 14.99
C GLU B 246 -22.92 21.58 15.41
N HIS B 247 -22.34 21.97 16.55
CA HIS B 247 -21.04 21.46 16.98
C HIS B 247 -21.22 20.34 17.98
N PRO B 248 -20.67 19.14 17.81
CA PRO B 248 -20.83 18.11 18.85
C PRO B 248 -20.00 18.43 20.09
N LEU B 249 -20.33 17.71 21.16
CA LEU B 249 -19.67 17.85 22.45
C LEU B 249 -18.46 16.91 22.50
N VAL B 250 -17.30 17.47 22.85
CA VAL B 250 -16.02 16.77 22.82
C VAL B 250 -15.35 16.95 24.17
N PHE B 251 -14.62 15.92 24.58
CA PHE B 251 -13.85 15.90 25.82
C PHE B 251 -12.45 15.38 25.54
N LEU B 252 -11.53 15.71 26.44
CA LEU B 252 -10.19 15.14 26.47
C LEU B 252 -9.87 14.84 27.92
N PHE B 253 -10.04 13.58 28.32
CA PHE B 253 -9.80 13.15 29.68
C PHE B 253 -8.30 12.95 29.86
N LEU B 254 -7.66 13.83 30.63
CA LEU B 254 -6.23 13.77 30.92
C LEU B 254 -6.01 13.30 32.35
N GLY B 255 -4.96 12.51 32.55
CA GLY B 255 -4.62 12.07 33.88
C GLY B 255 -3.62 10.93 33.83
N SER B 256 -3.18 10.55 35.02
CA SER B 256 -2.25 9.45 35.18
C SER B 256 -2.94 8.12 34.86
N SER B 257 -2.18 7.04 34.94
CA SER B 257 -2.68 5.74 34.52
C SER B 257 -3.61 5.16 35.58
N GLY B 258 -4.75 4.65 35.13
CA GLY B 258 -5.66 3.93 36.00
C GLY B 258 -6.30 4.75 37.09
N ILE B 259 -6.92 5.87 36.72
CA ILE B 259 -7.67 6.72 37.64
C ILE B 259 -9.04 7.10 37.07
N GLY B 260 -9.61 6.23 36.24
CA GLY B 260 -11.02 6.32 35.91
C GLY B 260 -11.37 7.13 34.70
N LYS B 261 -10.45 7.34 33.76
CA LYS B 261 -10.78 8.06 32.54
C LYS B 261 -11.71 7.22 31.66
N THR B 262 -11.26 6.02 31.29
CA THR B 262 -12.09 5.09 30.54
C THR B 262 -13.31 4.67 31.34
N GLU B 263 -13.20 4.60 32.66
CA GLU B 263 -14.35 4.22 33.48
C GLU B 263 -15.41 5.31 33.46
N LEU B 264 -15.01 6.59 33.55
CA LEU B 264 -15.98 7.67 33.46
C LEU B 264 -16.59 7.73 32.07
N ALA B 265 -15.81 7.45 31.03
CA ALA B 265 -16.37 7.42 29.68
C ALA B 265 -17.37 6.28 29.52
N LYS B 266 -17.06 5.10 30.07
CA LYS B 266 -17.98 3.97 30.01
C LYS B 266 -19.28 4.25 30.76
N GLN B 267 -19.17 4.83 31.97
CA GLN B 267 -20.37 5.11 32.74
C GLN B 267 -21.16 6.26 32.15
N THR B 268 -20.48 7.21 31.49
CA THR B 268 -21.18 8.24 30.73
C THR B 268 -21.98 7.64 29.59
N ALA B 269 -21.38 6.68 28.88
CA ALA B 269 -22.12 6.03 27.79
C ALA B 269 -23.27 5.19 28.32
N LYS B 270 -23.09 4.56 29.48
CA LYS B 270 -24.18 3.79 30.07
C LYS B 270 -25.30 4.70 30.54
N TYR B 271 -24.98 5.91 31.00
CA TYR B 271 -26.04 6.84 31.38
C TYR B 271 -26.82 7.32 30.18
N MET B 272 -26.13 7.64 29.08
CA MET B 272 -26.79 8.25 27.94
C MET B 272 -27.63 7.26 27.15
N HIS B 273 -27.28 5.96 27.18
CA HIS B 273 -27.96 4.91 26.42
C HIS B 273 -28.31 3.70 27.28
N LYS B 274 -28.53 3.91 28.59
CA LYS B 274 -28.95 2.87 29.52
C LYS B 274 -27.97 1.70 29.57
N ASP B 275 -28.02 0.81 28.58
CA ASP B 275 -27.06 -0.28 28.47
C ASP B 275 -27.07 -0.86 27.06
N ALA B 276 -27.17 0.01 26.05
CA ALA B 276 -27.21 -0.40 24.65
C ALA B 276 -25.81 -0.42 24.08
N LYS B 277 -25.47 -1.53 23.41
CA LYS B 277 -24.15 -1.65 22.81
C LYS B 277 -23.96 -0.70 21.63
N LYS B 278 -25.05 -0.31 20.97
CA LYS B 278 -24.92 0.57 19.81
C LYS B 278 -24.44 1.96 20.20
N GLY B 279 -24.83 2.45 21.36
CA GLY B 279 -24.49 3.79 21.81
C GLY B 279 -23.22 3.89 22.63
N PHE B 280 -22.19 3.15 22.23
CA PHE B 280 -20.89 3.25 22.90
C PHE B 280 -19.84 2.77 21.90
N ILE B 281 -19.31 3.71 21.13
CA ILE B 281 -18.47 3.41 19.97
C ILE B 281 -17.03 3.48 20.47
N ARG B 282 -16.56 2.36 21.03
CA ARG B 282 -15.20 2.28 21.52
C ARG B 282 -14.22 2.25 20.36
N LEU B 283 -13.08 2.90 20.55
CA LEU B 283 -12.00 2.91 19.55
C LEU B 283 -10.68 2.98 20.31
N ASP B 284 -10.02 1.85 20.45
CA ASP B 284 -8.72 1.80 21.10
C ASP B 284 -7.68 2.37 20.15
N MET B 285 -7.22 3.59 20.42
CA MET B 285 -6.39 4.31 19.48
C MET B 285 -4.94 3.86 19.44
N SER B 286 -4.55 2.85 20.23
CA SER B 286 -3.26 2.21 20.05
C SER B 286 -3.19 1.33 18.81
N GLU B 287 -4.32 1.02 18.18
CA GLU B 287 -4.36 0.34 16.88
C GLU B 287 -4.17 1.29 15.70
N PHE B 288 -3.89 2.57 15.94
CA PHE B 288 -3.89 3.63 14.92
C PHE B 288 -2.53 4.33 14.88
N GLN B 289 -1.46 3.57 15.11
CA GLN B 289 -0.15 4.18 15.28
C GLN B 289 0.42 4.73 13.97
N GLU B 290 0.06 4.14 12.84
CA GLU B 290 0.52 4.57 11.52
C GLU B 290 -0.47 5.53 10.90
N ARG B 291 0.00 6.30 9.91
CA ARG B 291 -0.85 7.26 9.22
C ARG B 291 -1.98 6.56 8.47
N HIS B 292 -1.70 5.39 7.89
CA HIS B 292 -2.66 4.76 7.00
C HIS B 292 -3.80 4.03 7.72
N GLU B 293 -3.89 4.10 9.04
CA GLU B 293 -4.97 3.46 9.79
C GLU B 293 -6.25 4.31 9.84
N VAL B 294 -6.34 5.40 9.09
CA VAL B 294 -7.59 6.16 9.00
C VAL B 294 -8.66 5.42 8.20
N ALA B 295 -8.26 4.45 7.36
CA ALA B 295 -9.22 3.67 6.61
C ALA B 295 -10.08 2.78 7.51
N LYS B 296 -9.65 2.50 8.73
CA LYS B 296 -10.55 1.88 9.69
C LYS B 296 -11.74 2.78 9.98
N PHE B 297 -11.50 4.08 10.19
CA PHE B 297 -12.60 5.01 10.39
C PHE B 297 -13.45 5.15 9.13
N ILE B 298 -12.84 5.67 8.06
CA ILE B 298 -13.61 6.11 6.89
C ILE B 298 -13.74 5.05 5.81
N GLY B 299 -13.16 3.86 5.98
CA GLY B 299 -13.25 2.83 4.98
C GLY B 299 -12.27 3.06 3.84
N SER B 300 -12.20 2.09 2.96
CA SER B 300 -11.28 2.12 1.85
C SER B 300 -11.86 2.96 0.71
N PRO B 301 -11.04 3.57 -0.15
CA PRO B 301 -11.62 4.34 -1.26
C PRO B 301 -12.20 3.43 -2.32
N PRO B 302 -12.79 3.99 -3.37
CA PRO B 302 -13.24 3.14 -4.49
C PRO B 302 -12.07 2.45 -5.18
N GLY B 303 -12.28 1.19 -5.54
CA GLY B 303 -11.26 0.42 -6.21
C GLY B 303 -10.20 -0.16 -5.32
N TYR B 304 -10.53 -0.46 -4.06
CA TYR B 304 -9.56 -0.96 -3.10
C TYR B 304 -10.26 -1.90 -2.15
N VAL B 305 -9.48 -2.79 -1.52
CA VAL B 305 -10.03 -3.84 -0.68
C VAL B 305 -10.68 -3.22 0.55
N GLY B 306 -11.87 -3.72 0.87
CA GLY B 306 -12.67 -3.18 1.95
C GLY B 306 -13.52 -1.99 1.59
N HIS B 307 -13.70 -1.69 0.30
CA HIS B 307 -14.53 -0.56 -0.09
C HIS B 307 -16.00 -0.86 0.14
N GLU B 308 -16.44 -2.07 -0.23
CA GLU B 308 -17.83 -2.45 -0.03
C GLU B 308 -18.18 -2.56 1.45
N GLU B 309 -17.20 -2.96 2.28
CA GLU B 309 -17.44 -3.00 3.71
C GLU B 309 -17.61 -1.60 4.30
N GLY B 310 -17.03 -0.58 3.68
CA GLY B 310 -17.18 0.76 4.18
C GLY B 310 -16.38 0.97 5.46
N GLY B 311 -16.58 2.14 6.05
CA GLY B 311 -15.89 2.48 7.26
C GLY B 311 -16.50 1.82 8.47
N GLN B 312 -15.69 1.75 9.53
CA GLN B 312 -16.10 1.15 10.79
C GLN B 312 -16.77 2.17 11.71
N LEU B 313 -16.08 3.28 11.96
CA LEU B 313 -16.63 4.34 12.79
C LEU B 313 -17.86 4.97 12.15
N THR B 314 -17.83 5.15 10.83
CA THR B 314 -18.97 5.75 10.15
C THR B 314 -20.16 4.82 10.14
N LYS B 315 -19.94 3.50 10.06
CA LYS B 315 -21.03 2.55 10.19
C LYS B 315 -21.63 2.58 11.58
N LYS B 316 -20.77 2.58 12.60
CA LYS B 316 -21.26 2.57 13.97
C LYS B 316 -21.98 3.86 14.33
N LEU B 317 -21.57 4.99 13.73
CA LEU B 317 -22.29 6.25 13.95
C LEU B 317 -23.55 6.37 13.10
N LYS B 318 -23.61 5.66 11.97
CA LYS B 318 -24.87 5.52 11.26
C LYS B 318 -25.87 4.72 12.08
N GLN B 319 -25.39 3.68 12.78
CA GLN B 319 -26.27 2.90 13.63
C GLN B 319 -26.79 3.71 14.81
N CYS B 320 -26.02 4.68 15.29
CA CYS B 320 -26.38 5.48 16.47
C CYS B 320 -25.70 6.84 16.33
N PRO B 321 -26.38 7.84 15.74
CA PRO B 321 -25.74 9.16 15.61
C PRO B 321 -25.45 9.86 16.92
N ASN B 322 -26.26 9.62 17.97
CA ASN B 322 -26.08 10.24 19.27
C ASN B 322 -25.22 9.40 20.21
N ALA B 323 -24.26 8.64 19.67
CA ALA B 323 -23.48 7.72 20.48
C ALA B 323 -22.36 8.44 21.20
N VAL B 324 -21.98 7.89 22.36
CA VAL B 324 -20.83 8.35 23.12
C VAL B 324 -19.62 7.61 22.56
N VAL B 325 -18.91 8.26 21.64
CA VAL B 325 -17.69 7.70 21.08
C VAL B 325 -16.57 7.90 22.10
N LEU B 326 -15.65 6.94 22.14
CA LEU B 326 -14.54 6.91 23.10
C LEU B 326 -13.27 6.57 22.35
N PHE B 327 -12.52 7.60 21.97
CA PHE B 327 -11.20 7.43 21.36
C PHE B 327 -10.21 7.18 22.50
N ASP B 328 -10.23 5.96 23.00
CA ASP B 328 -9.40 5.61 24.15
C ASP B 328 -7.94 5.58 23.74
N GLN B 329 -7.07 6.08 24.63
CA GLN B 329 -5.63 6.07 24.44
C GLN B 329 -5.23 6.88 23.21
N VAL B 330 -5.80 8.08 23.09
CA VAL B 330 -5.70 8.89 21.87
C VAL B 330 -4.27 9.32 21.57
N ASP B 331 -3.43 9.42 22.60
CA ASP B 331 -2.03 9.77 22.39
C ASP B 331 -1.25 8.71 21.63
N LYS B 332 -1.72 7.47 21.60
CA LYS B 332 -0.99 6.40 20.93
C LYS B 332 -1.20 6.40 19.42
N ALA B 333 -2.24 7.05 18.91
CA ALA B 333 -2.43 7.15 17.47
C ALA B 333 -1.42 8.13 16.88
N HIS B 334 -1.26 8.03 15.57
CA HIS B 334 -0.47 9.02 14.85
C HIS B 334 -1.20 10.36 14.93
N PRO B 335 -0.48 11.50 14.90
CA PRO B 335 -1.21 12.78 14.85
C PRO B 335 -1.98 12.97 13.55
N ASP B 336 -1.49 12.38 12.46
CA ASP B 336 -2.21 12.47 11.20
C ASP B 336 -3.49 11.64 11.23
N VAL B 337 -3.58 10.63 12.09
CA VAL B 337 -4.85 9.92 12.26
C VAL B 337 -5.83 10.78 13.04
N LEU B 338 -5.35 11.49 14.06
CA LEU B 338 -6.21 12.40 14.81
C LEU B 338 -6.59 13.63 14.00
N THR B 339 -5.90 13.92 12.89
CA THR B 339 -6.31 14.98 11.99
C THR B 339 -7.70 14.74 11.40
N ILE B 340 -8.11 13.49 11.23
CA ILE B 340 -9.44 13.20 10.71
C ILE B 340 -10.55 13.56 11.70
N MET B 341 -10.24 13.74 12.97
CA MET B 341 -11.23 14.13 13.96
C MET B 341 -11.58 15.62 13.92
N LEU B 342 -10.94 16.42 13.07
CA LEU B 342 -11.26 17.84 12.99
C LEU B 342 -12.68 18.05 12.48
N GLN B 343 -12.98 17.49 11.30
CA GLN B 343 -14.32 17.49 10.74
C GLN B 343 -15.34 16.83 11.66
N LEU B 344 -14.93 15.81 12.40
CA LEU B 344 -15.83 15.05 13.25
C LEU B 344 -16.13 15.74 14.57
N PHE B 345 -15.25 16.64 15.04
CA PHE B 345 -15.45 17.40 16.27
C PHE B 345 -16.05 18.78 16.04
N ASP B 346 -15.65 19.50 14.99
CA ASP B 346 -16.20 20.84 14.81
C ASP B 346 -17.65 20.81 14.37
N GLU B 347 -18.03 19.80 13.56
CA GLU B 347 -19.33 19.74 12.89
C GLU B 347 -20.01 18.39 12.96
N GLY B 348 -19.32 17.32 13.35
CA GLY B 348 -19.95 16.02 13.42
C GLY B 348 -20.28 15.48 12.04
N ARG B 349 -19.27 15.38 11.19
CA ARG B 349 -19.41 14.77 9.87
C ARG B 349 -18.17 13.98 9.52
N LEU B 350 -18.38 12.82 8.92
CA LEU B 350 -17.29 11.91 8.58
C LEU B 350 -17.72 11.15 7.33
N THR B 351 -17.25 11.59 6.17
CA THR B 351 -17.58 10.95 4.92
C THR B 351 -16.78 9.66 4.77
N ASP B 352 -17.48 8.57 4.47
CA ASP B 352 -16.85 7.27 4.32
C ASP B 352 -16.18 7.18 2.96
N GLY B 353 -15.67 5.99 2.61
CA GLY B 353 -15.07 5.81 1.30
C GLY B 353 -16.08 5.91 0.17
N LYS B 354 -17.33 5.53 0.42
CA LYS B 354 -18.40 5.59 -0.56
C LYS B 354 -19.03 6.98 -0.70
N GLY B 355 -18.48 8.01 -0.07
CA GLY B 355 -19.02 9.35 -0.19
C GLY B 355 -20.22 9.65 0.68
N LYS B 356 -20.65 8.72 1.52
CA LYS B 356 -21.84 8.89 2.35
C LYS B 356 -21.43 9.56 3.66
N THR B 357 -21.83 10.83 3.82
CA THR B 357 -21.61 11.55 5.07
C THR B 357 -22.67 11.17 6.09
N ILE B 358 -22.27 11.13 7.36
CA ILE B 358 -23.14 10.81 8.49
C ILE B 358 -23.10 11.98 9.46
N ASP B 359 -24.29 12.45 9.88
CA ASP B 359 -24.41 13.56 10.81
C ASP B 359 -24.28 13.02 12.23
N CYS B 360 -23.12 13.24 12.84
CA CYS B 360 -22.80 12.83 14.21
C CYS B 360 -22.80 14.04 15.14
N LYS B 361 -23.74 14.95 14.94
CA LYS B 361 -23.75 16.19 15.70
C LYS B 361 -24.16 15.96 17.15
N ASP B 362 -25.09 15.02 17.38
CA ASP B 362 -25.55 14.70 18.72
C ASP B 362 -24.62 13.77 19.48
N ALA B 363 -23.48 13.37 18.91
CA ALA B 363 -22.59 12.46 19.61
C ALA B 363 -21.88 13.19 20.76
N ILE B 364 -21.22 12.39 21.60
CA ILE B 364 -20.46 12.89 22.75
C ILE B 364 -19.09 12.21 22.64
N PHE B 365 -18.16 12.87 21.97
CA PHE B 365 -16.82 12.32 21.79
C PHE B 365 -16.01 12.49 23.06
N ILE B 366 -15.31 11.43 23.45
CA ILE B 366 -14.44 11.43 24.62
C ILE B 366 -13.09 10.88 24.18
N MET B 367 -12.02 11.48 24.69
CA MET B 367 -10.64 11.13 24.33
C MET B 367 -9.85 10.94 25.62
N THR B 368 -9.68 9.69 26.02
CA THR B 368 -8.76 9.37 27.11
C THR B 368 -7.33 9.53 26.62
N SER B 369 -6.47 10.11 27.47
CA SER B 369 -5.08 10.37 27.10
C SER B 369 -4.25 10.45 28.36
N ASN B 370 -3.12 9.74 28.38
CA ASN B 370 -2.13 9.83 29.44
C ASN B 370 -1.10 10.94 29.21
N VAL B 371 -1.34 11.83 28.25
CA VAL B 371 -0.37 12.89 27.97
C VAL B 371 -0.39 13.90 29.12
N ALA B 372 0.80 14.37 29.49
CA ALA B 372 0.97 15.27 30.63
C ALA B 372 0.50 14.63 31.93
N SER B 373 0.71 13.31 32.05
CA SER B 373 0.34 12.62 33.27
C SER B 373 1.27 13.00 34.41
N ASP B 374 2.56 13.08 34.13
CA ASP B 374 3.53 13.44 35.17
C ASP B 374 3.32 14.88 35.64
N GLU B 375 2.99 15.78 34.73
CA GLU B 375 2.79 17.18 35.12
C GLU B 375 1.52 17.34 35.94
N ILE B 376 0.44 16.63 35.56
CA ILE B 376 -0.79 16.69 36.34
C ILE B 376 -0.58 16.09 37.71
N ALA B 377 0.18 14.98 37.79
CA ALA B 377 0.44 14.34 39.07
C ALA B 377 1.30 15.22 39.96
N GLN B 378 2.35 15.84 39.40
CA GLN B 378 3.21 16.71 40.20
C GLN B 378 2.48 17.95 40.66
N HIS B 379 1.64 18.54 39.81
CA HIS B 379 0.92 19.73 40.20
C HIS B 379 -0.16 19.41 41.24
N ALA B 380 -0.80 18.26 41.11
CA ALA B 380 -1.81 17.86 42.09
C ALA B 380 -1.17 17.56 43.44
N LEU B 381 -0.01 16.87 43.43
CA LEU B 381 0.67 16.60 44.69
C LEU B 381 1.22 17.88 45.32
N GLN B 382 1.67 18.82 44.49
CA GLN B 382 2.15 20.10 45.03
C GLN B 382 0.99 20.91 45.61
N LEU B 383 -0.16 20.90 44.95
CA LEU B 383 -1.32 21.61 45.47
C LEU B 383 -1.81 20.97 46.75
N ARG B 384 -1.74 19.64 46.85
CA ARG B 384 -2.16 18.98 48.09
C ARG B 384 -1.17 19.23 49.22
N GLN B 385 0.12 19.32 48.91
CA GLN B 385 1.11 19.70 49.92
C GLN B 385 0.87 21.13 50.39
N GLU B 386 0.59 22.04 49.46
CA GLU B 386 0.30 23.42 49.85
C GLU B 386 -0.99 23.52 50.65
N ALA B 387 -1.99 22.70 50.30
CA ALA B 387 -3.23 22.70 51.07
C ALA B 387 -3.01 22.15 52.47
N LEU B 388 -2.16 21.13 52.61
CA LEU B 388 -1.83 20.62 53.94
C LEU B 388 -1.05 21.66 54.74
N GLU B 389 -0.17 22.41 54.08
CA GLU B 389 0.57 23.48 54.75
C GLU B 389 -0.37 24.57 55.25
N MET B 390 -1.29 25.01 54.39
CA MET B 390 -2.27 26.01 54.81
C MET B 390 -3.19 25.47 55.90
N SER B 391 -3.53 24.18 55.85
CA SER B 391 -4.41 23.60 56.85
C SER B 391 -3.73 23.57 58.22
N ARG B 392 -2.48 23.11 58.28
CA ARG B 392 -1.79 23.08 59.57
C ARG B 392 -1.46 24.49 60.05
N ASN B 393 -1.26 25.45 59.14
CA ASN B 393 -1.05 26.83 59.57
C ASN B 393 -2.32 27.41 60.17
N ARG B 394 -3.48 27.14 59.56
CA ARG B 394 -4.73 27.61 60.13
C ARG B 394 -5.05 26.89 61.44
N ILE B 395 -4.65 25.61 61.56
CA ILE B 395 -4.86 24.89 62.81
C ILE B 395 -3.94 25.45 63.89
N ALA B 396 -2.76 25.95 63.52
CA ALA B 396 -1.88 26.60 64.50
C ALA B 396 -2.51 27.86 65.06
N GLU B 397 -3.30 28.58 64.27
CA GLU B 397 -4.00 29.76 64.75
C GLU B 397 -5.17 29.36 65.64
N THR B 409 -8.04 21.97 42.89
CA THR B 409 -8.43 22.76 41.73
C THR B 409 -7.21 23.16 40.91
N ILE B 410 -7.19 22.74 39.65
CA ILE B 410 -6.09 23.06 38.75
C ILE B 410 -6.25 24.50 38.28
N SER B 411 -5.15 25.26 38.30
CA SER B 411 -5.17 26.66 37.94
C SER B 411 -5.11 26.83 36.43
N LYS B 412 -5.69 27.93 35.95
CA LYS B 412 -5.70 28.21 34.52
C LYS B 412 -4.31 28.46 33.96
N ASN B 413 -3.43 29.08 34.75
CA ASN B 413 -2.06 29.31 34.31
C ASN B 413 -1.33 27.99 34.12
N PHE B 414 -1.62 26.99 34.94
CA PHE B 414 -1.02 25.67 34.74
C PHE B 414 -1.53 25.01 33.48
N LYS B 415 -2.81 25.20 33.16
CA LYS B 415 -3.36 24.63 31.93
C LYS B 415 -2.76 25.29 30.70
N GLU B 416 -2.55 26.61 30.75
CA GLU B 416 -2.09 27.36 29.59
C GLU B 416 -0.58 27.36 29.41
N ASN B 417 0.20 27.20 30.49
CA ASN B 417 1.65 27.34 30.45
C ASN B 417 2.41 26.02 30.57
N VAL B 418 1.76 24.91 30.95
CA VAL B 418 2.40 23.62 31.17
C VAL B 418 1.69 22.56 30.35
N ILE B 419 0.38 22.39 30.57
CA ILE B 419 -0.35 21.33 29.89
C ILE B 419 -0.56 21.69 28.43
N ARG B 420 -0.83 22.96 28.13
CA ARG B 420 -1.10 23.39 26.76
C ARG B 420 0.13 23.25 25.88
N PRO B 421 1.33 23.65 26.34
CA PRO B 421 2.54 23.34 25.55
C PRO B 421 2.77 21.84 25.33
N ILE B 422 2.49 21.00 26.32
CA ILE B 422 2.71 19.56 26.15
C ILE B 422 1.70 19.00 25.15
N LEU B 423 0.45 19.46 25.22
CA LEU B 423 -0.56 19.00 24.26
C LEU B 423 -0.25 19.48 22.85
N LYS B 424 0.25 20.71 22.72
CA LYS B 424 0.63 21.20 21.39
C LYS B 424 1.83 20.45 20.86
N ALA B 425 2.78 20.09 21.75
CA ALA B 425 3.95 19.35 21.30
C ALA B 425 3.59 17.95 20.87
N HIS B 426 2.65 17.32 21.56
CA HIS B 426 2.27 15.95 21.23
C HIS B 426 1.33 15.90 20.03
N PHE B 427 0.20 16.60 20.10
CA PHE B 427 -0.80 16.54 19.05
C PHE B 427 -0.45 17.37 17.82
N ARG B 428 0.44 18.35 17.95
CA ARG B 428 1.05 19.07 16.83
C ARG B 428 0.05 19.92 16.04
N ARG B 429 -1.15 20.19 16.58
CA ARG B 429 -2.19 20.88 15.84
C ARG B 429 -3.09 21.60 16.83
N ASP B 430 -2.99 22.92 16.88
CA ASP B 430 -3.86 23.70 17.74
C ASP B 430 -5.31 23.69 17.25
N GLU B 431 -5.52 23.51 15.95
CA GLU B 431 -6.87 23.35 15.42
C GLU B 431 -7.55 22.11 15.99
N PHE B 432 -6.79 21.04 16.22
CA PHE B 432 -7.36 19.86 16.85
C PHE B 432 -7.74 20.13 18.30
N LEU B 433 -6.95 20.95 18.99
CA LEU B 433 -7.19 21.21 20.41
C LEU B 433 -8.30 22.22 20.64
N GLY B 434 -8.49 23.16 19.71
CA GLY B 434 -9.53 24.15 19.88
C GLY B 434 -10.93 23.58 19.79
N ARG B 435 -11.09 22.45 19.10
CA ARG B 435 -12.38 21.81 19.00
C ARG B 435 -12.80 21.10 20.29
N ILE B 436 -11.87 20.83 21.20
CA ILE B 436 -12.21 20.15 22.44
C ILE B 436 -12.97 21.14 23.32
N ASN B 437 -14.17 20.76 23.75
CA ASN B 437 -14.97 21.65 24.59
C ASN B 437 -14.40 21.75 25.99
N GLU B 438 -13.99 20.62 26.57
CA GLU B 438 -13.54 20.52 27.95
C GLU B 438 -12.36 19.58 28.00
N ILE B 439 -11.16 20.11 28.27
CA ILE B 439 -9.99 19.30 28.55
C ILE B 439 -10.09 18.91 30.02
N VAL B 440 -10.72 17.77 30.28
CA VAL B 440 -11.02 17.36 31.65
C VAL B 440 -9.77 16.75 32.27
N TYR B 441 -9.52 17.11 33.52
CA TYR B 441 -8.33 16.71 34.27
C TYR B 441 -8.72 15.72 35.36
N PHE B 442 -8.01 14.59 35.40
CA PHE B 442 -8.16 13.55 36.42
C PHE B 442 -6.94 13.57 37.31
N LEU B 443 -7.14 13.90 38.58
CA LEU B 443 -6.06 14.03 39.54
C LEU B 443 -5.73 12.67 40.14
N PRO B 444 -4.57 12.51 40.78
CA PRO B 444 -4.30 11.24 41.48
C PRO B 444 -5.18 11.11 42.70
N PHE B 445 -5.18 9.90 43.27
CA PHE B 445 -6.08 9.58 44.37
C PHE B 445 -5.50 10.06 45.70
N CYS B 446 -6.30 10.81 46.44
CA CYS B 446 -6.00 11.10 47.84
C CYS B 446 -6.14 9.82 48.66
N HIS B 447 -5.66 9.89 49.92
CA HIS B 447 -5.60 8.69 50.74
C HIS B 447 -7.00 8.19 51.12
N SER B 448 -7.94 9.11 51.34
CA SER B 448 -9.32 8.71 51.57
C SER B 448 -9.90 8.02 50.34
N GLU B 449 -9.51 8.49 49.15
CA GLU B 449 -9.96 7.84 47.93
C GLU B 449 -9.33 6.46 47.77
N LEU B 450 -8.11 6.26 48.26
CA LEU B 450 -7.51 4.93 48.22
C LEU B 450 -8.23 3.99 49.19
N ILE B 451 -8.62 4.49 50.36
CA ILE B 451 -9.38 3.66 51.30
C ILE B 451 -10.74 3.33 50.69
N GLN B 452 -11.35 4.28 50.00
CA GLN B 452 -12.61 4.00 49.31
C GLN B 452 -12.43 3.01 48.18
N LEU B 453 -11.29 3.04 47.49
CA LEU B 453 -11.04 2.07 46.44
C LEU B 453 -10.88 0.67 47.00
N VAL B 454 -10.18 0.53 48.12
CA VAL B 454 -10.05 -0.78 48.75
C VAL B 454 -11.41 -1.25 49.25
N ASN B 455 -12.23 -0.34 49.78
CA ASN B 455 -13.56 -0.72 50.22
C ASN B 455 -14.43 -1.13 49.04
N LYS B 456 -14.27 -0.47 47.90
CA LYS B 456 -15.04 -0.84 46.70
C LYS B 456 -14.62 -2.20 46.18
N GLU B 457 -13.31 -2.47 46.15
CA GLU B 457 -12.84 -3.76 45.66
C GLU B 457 -13.24 -4.89 46.61
N LEU B 458 -13.11 -4.67 47.92
CA LEU B 458 -13.51 -5.68 48.87
C LEU B 458 -15.02 -5.87 48.88
N ASN B 459 -15.80 -4.82 48.60
CA ASN B 459 -17.24 -4.99 48.48
C ASN B 459 -17.61 -5.74 47.20
N PHE B 460 -16.83 -5.55 46.13
CA PHE B 460 -17.05 -6.34 44.92
C PHE B 460 -16.80 -7.82 45.19
N TRP B 461 -15.70 -8.14 45.87
CA TRP B 461 -15.42 -9.54 46.18
C TRP B 461 -16.40 -10.08 47.22
N ALA B 462 -16.89 -9.24 48.13
CA ALA B 462 -17.90 -9.68 49.08
C ALA B 462 -19.23 -9.96 48.38
N LYS B 463 -19.60 -9.14 47.40
CA LYS B 463 -20.83 -9.39 46.65
C LYS B 463 -20.71 -10.65 45.82
N ARG B 464 -19.54 -10.88 45.22
CA ARG B 464 -19.36 -12.13 44.47
C ARG B 464 -19.38 -13.35 45.38
N ALA B 465 -18.75 -13.23 46.56
CA ALA B 465 -18.75 -14.34 47.50
C ALA B 465 -20.15 -14.62 48.05
N LYS B 466 -20.94 -13.57 48.25
CA LYS B 466 -22.30 -13.76 48.76
C LYS B 466 -23.21 -14.32 47.68
N GLN B 467 -23.11 -13.82 46.44
CA GLN B 467 -24.02 -14.24 45.39
C GLN B 467 -23.67 -15.64 44.91
N ARG B 468 -22.44 -15.85 44.48
CA ARG B 468 -22.06 -17.15 43.91
C ARG B 468 -21.99 -18.22 44.98
N HIS B 469 -21.05 -18.06 45.92
CA HIS B 469 -20.69 -19.11 46.87
C HIS B 469 -21.31 -18.95 48.25
N ASN B 470 -21.92 -17.79 48.55
CA ASN B 470 -22.59 -17.55 49.83
C ASN B 470 -21.61 -17.64 50.99
N ILE B 471 -20.60 -16.77 50.94
CA ILE B 471 -19.53 -16.70 51.93
C ILE B 471 -19.45 -15.23 52.33
N THR B 472 -20.13 -14.87 53.42
CA THR B 472 -20.25 -13.48 53.83
C THR B 472 -18.90 -12.97 54.30
N LEU B 473 -18.19 -12.26 53.42
CA LEU B 473 -16.90 -11.69 53.75
C LEU B 473 -17.07 -10.37 54.50
N LEU B 474 -16.21 -10.16 55.49
CA LEU B 474 -16.16 -8.93 56.28
C LEU B 474 -14.70 -8.59 56.52
N TRP B 475 -14.47 -7.35 56.96
CA TRP B 475 -13.10 -6.89 57.18
C TRP B 475 -13.14 -5.66 58.07
N ASP B 476 -11.98 -5.35 58.64
CA ASP B 476 -11.77 -4.18 59.49
C ASP B 476 -11.07 -3.09 58.70
N ARG B 477 -10.98 -1.90 59.32
CA ARG B 477 -10.30 -0.78 58.68
C ARG B 477 -8.80 -1.00 58.56
N GLU B 478 -8.21 -1.83 59.42
CA GLU B 478 -6.78 -2.09 59.32
C GLU B 478 -6.44 -2.83 58.03
N VAL B 479 -7.34 -3.68 57.54
CA VAL B 479 -7.12 -4.34 56.25
C VAL B 479 -7.09 -3.30 55.14
N ALA B 480 -7.98 -2.31 55.22
CA ALA B 480 -7.97 -1.22 54.24
C ALA B 480 -6.68 -0.41 54.32
N ASP B 481 -6.19 -0.17 55.53
CA ASP B 481 -4.94 0.59 55.67
C ASP B 481 -3.75 -0.19 55.13
N VAL B 482 -3.73 -1.51 55.35
CA VAL B 482 -2.62 -2.33 54.84
C VAL B 482 -2.64 -2.37 53.32
N LEU B 483 -3.82 -2.55 52.73
CA LEU B 483 -3.89 -2.58 51.27
C LEU B 483 -3.63 -1.21 50.67
N VAL B 484 -3.96 -0.12 51.38
CA VAL B 484 -3.61 1.21 50.91
C VAL B 484 -2.11 1.41 50.99
N ASP B 485 -1.44 0.82 51.98
CA ASP B 485 0.01 0.85 52.01
C ASP B 485 0.60 0.08 50.84
N GLY B 486 -0.06 -0.99 50.42
CA GLY B 486 0.31 -1.69 49.19
C GLY B 486 -0.28 -1.03 47.96
N TYR B 487 0.37 0.01 47.44
CA TYR B 487 -0.19 0.83 46.38
C TYR B 487 0.93 1.54 45.64
N ASN B 488 0.83 1.56 44.31
CA ASN B 488 1.77 2.22 43.42
C ASN B 488 1.08 3.43 42.79
N VAL B 489 1.70 4.60 42.91
CA VAL B 489 1.08 5.83 42.43
C VAL B 489 1.00 5.84 40.92
N HIS B 490 1.99 5.27 40.23
CA HIS B 490 2.02 5.34 38.78
C HIS B 490 0.93 4.48 38.15
N TYR B 491 0.64 3.33 38.75
CA TYR B 491 -0.31 2.38 38.20
C TYR B 491 -1.75 2.67 38.59
N GLY B 492 -1.98 3.50 39.61
CA GLY B 492 -3.32 3.97 39.92
C GLY B 492 -4.17 2.96 40.66
N ALA B 493 -5.47 2.93 40.34
CA ALA B 493 -6.38 2.01 41.00
C ALA B 493 -6.18 0.57 40.58
N ARG B 494 -5.47 0.31 39.48
CA ARG B 494 -5.11 -1.07 39.14
C ARG B 494 -4.18 -1.66 40.19
N SER B 495 -3.33 -0.84 40.82
CA SER B 495 -2.46 -1.35 41.86
C SER B 495 -3.25 -1.82 43.08
N ILE B 496 -4.33 -1.11 43.41
CA ILE B 496 -5.16 -1.54 44.54
C ILE B 496 -5.87 -2.84 44.22
N LYS B 497 -6.35 -2.98 42.98
CA LYS B 497 -7.02 -4.22 42.59
C LYS B 497 -6.06 -5.40 42.58
N HIS B 498 -4.84 -5.18 42.10
CA HIS B 498 -3.86 -6.26 42.09
C HIS B 498 -3.37 -6.58 43.49
N GLU B 499 -3.27 -5.58 44.37
CA GLU B 499 -2.88 -5.85 45.74
C GLU B 499 -3.96 -6.61 46.48
N VAL B 500 -5.23 -6.30 46.21
CA VAL B 500 -6.32 -7.04 46.82
C VAL B 500 -6.35 -8.46 46.28
N GLU B 501 -6.08 -8.64 44.98
CA GLU B 501 -6.05 -9.98 44.41
C GLU B 501 -4.88 -10.80 44.95
N ARG B 502 -3.76 -10.15 45.26
CA ARG B 502 -2.64 -10.86 45.86
C ARG B 502 -2.94 -11.23 47.31
N ARG B 503 -3.29 -10.24 48.13
CA ARG B 503 -3.28 -10.39 49.58
C ARG B 503 -4.58 -10.89 50.18
N VAL B 504 -5.65 -11.07 49.40
CA VAL B 504 -6.96 -11.49 49.90
C VAL B 504 -7.49 -12.61 49.04
N VAL B 505 -7.61 -12.36 47.72
CA VAL B 505 -8.37 -13.25 46.88
C VAL B 505 -7.60 -14.53 46.60
N ASN B 506 -6.27 -14.49 46.67
CA ASN B 506 -5.50 -15.72 46.62
C ASN B 506 -5.81 -16.59 47.84
N GLN B 507 -5.91 -15.97 49.01
CA GLN B 507 -6.24 -16.71 50.22
C GLN B 507 -7.68 -17.24 50.16
N LEU B 508 -8.61 -16.44 49.64
CA LEU B 508 -9.98 -16.90 49.52
C LEU B 508 -10.10 -18.04 48.52
N ALA B 509 -9.36 -17.96 47.41
CA ALA B 509 -9.42 -19.03 46.41
C ALA B 509 -8.78 -20.31 46.93
N ALA B 510 -7.67 -20.18 47.67
CA ALA B 510 -7.04 -21.35 48.25
C ALA B 510 -7.92 -21.98 49.31
N ALA B 511 -8.65 -21.15 50.07
CA ALA B 511 -9.58 -21.69 51.06
C ALA B 511 -10.77 -22.37 50.40
N TYR B 512 -11.24 -21.82 49.27
CA TYR B 512 -12.38 -22.41 48.59
C TYR B 512 -12.01 -23.71 47.89
N GLU B 513 -10.77 -23.81 47.38
CA GLU B 513 -10.33 -25.07 46.81
C GLU B 513 -10.24 -26.16 47.86
N GLN B 514 -9.73 -25.81 49.05
CA GLN B 514 -9.59 -26.74 50.16
C GLN B 514 -10.90 -26.99 50.92
N ASP B 515 -12.02 -26.40 50.50
CA ASP B 515 -13.32 -26.60 51.14
C ASP B 515 -13.33 -26.15 52.60
N LEU B 516 -12.57 -25.09 52.91
CA LEU B 516 -12.53 -24.47 54.24
C LEU B 516 -13.48 -23.27 54.33
N LEU B 517 -14.55 -23.26 53.54
CA LEU B 517 -15.47 -22.13 53.47
C LEU B 517 -16.84 -22.65 53.07
N PRO B 518 -17.56 -23.31 53.97
CA PRO B 518 -18.89 -23.82 53.61
C PRO B 518 -19.89 -22.70 53.41
N GLY B 519 -21.02 -23.06 52.81
CA GLY B 519 -22.06 -22.10 52.50
C GLY B 519 -22.67 -21.44 53.71
N GLY B 520 -22.76 -20.11 53.68
CA GLY B 520 -23.32 -19.34 54.76
C GLY B 520 -22.36 -18.92 55.85
N CYS B 521 -21.06 -19.19 55.70
CA CYS B 521 -20.10 -18.84 56.74
C CYS B 521 -19.78 -17.35 56.71
N THR B 522 -19.57 -16.79 57.90
CA THR B 522 -19.27 -15.37 58.08
C THR B 522 -17.77 -15.22 58.25
N LEU B 523 -17.06 -15.19 57.14
CA LEU B 523 -15.61 -15.04 57.15
C LEU B 523 -15.23 -13.60 57.48
N ARG B 524 -14.02 -13.45 58.01
CA ARG B 524 -13.48 -12.15 58.40
C ARG B 524 -11.99 -12.12 58.10
N ILE B 525 -11.54 -11.01 57.52
CA ILE B 525 -10.12 -10.74 57.27
C ILE B 525 -9.63 -9.90 58.44
N THR B 526 -8.40 -10.17 58.87
CA THR B 526 -7.81 -9.48 60.01
C THR B 526 -6.31 -9.37 59.79
N VAL B 527 -5.76 -8.23 60.19
CA VAL B 527 -4.33 -7.99 60.10
C VAL B 527 -3.65 -8.73 61.24
N GLU B 528 -2.74 -9.63 60.91
CA GLU B 528 -2.03 -10.41 61.93
C GLU B 528 -1.05 -9.52 62.70
N PRO B 550 2.98 -6.13 57.80
CA PRO B 550 1.81 -6.88 58.23
C PRO B 550 1.41 -7.94 57.21
N LYS B 551 0.44 -8.80 57.57
CA LYS B 551 -0.03 -9.85 56.69
C LYS B 551 -1.48 -10.15 57.03
N LEU B 552 -2.34 -10.12 56.01
CA LEU B 552 -3.74 -10.42 56.22
C LEU B 552 -3.92 -11.92 56.44
N ARG B 553 -4.84 -12.27 57.33
CA ARG B 553 -5.16 -13.65 57.66
C ARG B 553 -6.67 -13.80 57.80
N LEU B 554 -7.22 -14.80 57.13
CA LEU B 554 -8.65 -15.04 57.20
C LEU B 554 -9.01 -15.73 58.52
N GLU B 555 -10.21 -15.43 59.01
CA GLU B 555 -10.72 -15.94 60.28
C GLU B 555 -12.20 -16.22 60.13
N ILE B 556 -12.56 -17.48 60.07
CA ILE B 556 -13.96 -17.87 59.94
C ILE B 556 -14.64 -17.72 61.30
N ILE B 557 -15.92 -17.32 61.28
CA ILE B 557 -16.73 -17.07 62.46
C ILE B 557 -18.06 -17.78 62.28
N ASP B 558 -18.54 -18.43 63.35
CA ASP B 558 -19.81 -19.15 63.41
C ASP B 558 -20.64 -18.76 64.61
N LYS B 559 -20.01 -18.46 65.76
CA LYS B 559 -20.68 -18.03 66.98
C LYS B 559 -19.92 -16.86 67.57
N ASP B 560 -20.19 -16.51 68.84
CA ASP B 560 -19.58 -15.32 69.43
C ASP B 560 -18.07 -15.49 69.63
N SER B 561 -17.59 -16.73 69.85
CA SER B 561 -16.17 -17.01 70.08
C SER B 561 -15.79 -18.28 69.31
N LYS B 562 -15.74 -18.16 67.99
CA LYS B 562 -15.30 -19.21 67.07
C LYS B 562 -14.43 -18.62 65.98
N THR B 563 -13.58 -17.66 66.34
CA THR B 563 -12.74 -16.94 65.37
C THR B 563 -11.43 -17.70 65.12
N ARG B 564 -11.56 -18.90 64.54
CA ARG B 564 -10.41 -19.73 64.23
C ARG B 564 -9.78 -19.31 62.92
N ARG B 565 -8.45 -19.31 62.88
CA ARG B 565 -7.72 -19.04 61.65
C ARG B 565 -7.77 -20.25 60.73
N LEU B 566 -8.01 -20.02 59.45
CA LEU B 566 -8.07 -21.10 58.49
C LEU B 566 -6.66 -21.58 58.16
N ASP B 567 -6.43 -22.89 58.33
CA ASP B 567 -5.13 -23.49 58.07
C ASP B 567 -5.01 -23.83 56.58
N ILE B 568 -4.84 -22.77 55.79
CA ILE B 568 -4.69 -22.92 54.35
C ILE B 568 -3.31 -23.53 54.09
N ARG B 569 -3.28 -24.84 53.86
CA ARG B 569 -2.02 -25.52 53.60
C ARG B 569 -1.44 -25.09 52.25
N ALA B 570 -0.16 -25.40 52.06
CA ALA B 570 0.53 -25.06 50.82
C ALA B 570 0.00 -25.89 49.65
N SER C 192 -40.44 42.10 -25.32
CA SER C 192 -39.82 40.85 -25.75
C SER C 192 -39.20 40.12 -24.56
N GLU C 193 -38.77 38.88 -24.79
CA GLU C 193 -38.16 38.10 -23.72
C GLU C 193 -36.79 38.65 -23.33
N ALA C 194 -36.07 39.25 -24.28
CA ALA C 194 -34.76 39.82 -23.97
C ALA C 194 -34.90 41.01 -23.03
N LYS C 195 -35.92 41.85 -23.25
CA LYS C 195 -36.15 42.97 -22.34
C LYS C 195 -36.55 42.49 -20.96
N TYR C 196 -37.32 41.40 -20.89
CA TYR C 196 -37.70 40.84 -19.60
C TYR C 196 -36.48 40.28 -18.87
N GLN C 197 -35.58 39.62 -19.60
CA GLN C 197 -34.36 39.10 -18.98
C GLN C 197 -33.45 40.23 -18.51
N GLU C 198 -33.37 41.32 -19.29
CA GLU C 198 -32.56 42.45 -18.88
C GLU C 198 -33.16 43.13 -17.65
N LYS C 199 -34.49 43.22 -17.59
CA LYS C 199 -35.14 43.81 -16.42
C LYS C 199 -34.94 42.93 -15.18
N GLN C 200 -35.00 41.61 -15.35
CA GLN C 200 -34.76 40.71 -14.22
C GLN C 200 -33.31 40.80 -13.76
N ARG C 201 -32.38 40.94 -14.70
CA ARG C 201 -30.97 41.11 -14.34
C ARG C 201 -30.75 42.42 -13.60
N LYS C 202 -31.43 43.49 -14.04
CA LYS C 202 -31.31 44.77 -13.34
C LYS C 202 -31.91 44.70 -11.94
N ARG C 203 -33.03 43.98 -11.79
CA ARG C 203 -33.63 43.81 -10.47
C ARG C 203 -32.74 42.99 -9.55
N GLU C 204 -32.11 41.94 -10.09
CA GLU C 204 -31.19 41.14 -9.28
C GLU C 204 -29.95 41.95 -8.90
N ALA C 205 -29.47 42.80 -9.82
CA ALA C 205 -28.33 43.65 -9.50
C ALA C 205 -28.69 44.68 -8.44
N GLU C 206 -29.92 45.21 -8.49
CA GLU C 206 -30.35 46.15 -7.46
C GLU C 206 -30.50 45.43 -6.11
N GLU C 207 -30.97 44.18 -6.13
CA GLU C 207 -31.09 43.41 -4.90
C GLU C 207 -29.71 43.12 -4.30
N ARG C 208 -28.73 42.81 -5.15
CA ARG C 208 -27.38 42.59 -4.65
C ARG C 208 -26.76 43.88 -4.13
N ARG C 209 -27.02 45.01 -4.82
CA ARG C 209 -26.48 46.28 -4.37
C ARG C 209 -27.15 46.75 -3.08
N ARG C 210 -28.38 46.32 -2.81
CA ARG C 210 -29.06 46.69 -1.57
C ARG C 210 -28.38 46.06 -0.37
N PHE C 211 -28.18 44.73 -0.42
CA PHE C 211 -27.67 43.93 0.71
C PHE C 211 -26.60 43.01 0.15
N PRO C 212 -25.39 43.54 -0.14
CA PRO C 212 -24.37 42.72 -0.80
C PRO C 212 -23.79 41.62 0.07
N LEU C 213 -22.87 40.84 -0.50
CA LEU C 213 -22.25 39.75 0.23
C LEU C 213 -21.39 40.25 1.39
N GLU C 214 -20.88 41.48 1.33
CA GLU C 214 -20.06 42.01 2.41
C GLU C 214 -20.87 42.17 3.69
N GLN C 215 -22.06 42.78 3.60
CA GLN C 215 -22.91 42.92 4.78
C GLN C 215 -23.45 41.57 5.24
N ARG C 216 -23.78 40.70 4.28
CA ARG C 216 -24.30 39.38 4.62
C ARG C 216 -23.26 38.52 5.33
N LEU C 217 -21.97 38.72 5.01
CA LEU C 217 -20.91 38.07 5.76
C LEU C 217 -20.63 38.77 7.08
N LYS C 218 -20.80 40.10 7.13
CA LYS C 218 -20.60 40.80 8.39
C LYS C 218 -21.66 40.45 9.42
N GLU C 219 -22.84 39.99 9.00
CA GLU C 219 -23.81 39.46 9.97
C GLU C 219 -23.28 38.22 10.68
N HIS C 220 -22.60 37.34 9.95
CA HIS C 220 -22.10 36.07 10.46
C HIS C 220 -20.63 36.07 10.81
N ILE C 221 -19.83 36.96 10.23
CA ILE C 221 -18.38 37.01 10.42
C ILE C 221 -18.05 38.33 11.11
N ILE C 222 -17.09 38.27 12.02
CA ILE C 222 -16.62 39.40 12.82
C ILE C 222 -15.14 39.57 12.48
N GLY C 223 -14.73 40.79 12.20
CA GLY C 223 -13.41 40.99 11.69
C GLY C 223 -13.31 40.38 10.30
N GLN C 224 -12.06 40.14 9.89
CA GLN C 224 -11.76 39.56 8.59
C GLN C 224 -12.26 40.46 7.46
N GLU C 225 -12.12 41.78 7.65
CA GLU C 225 -12.63 42.73 6.68
C GLU C 225 -11.84 42.65 5.38
N SER C 226 -10.54 42.39 5.46
CA SER C 226 -9.76 42.17 4.24
C SER C 226 -10.21 40.92 3.51
N ALA C 227 -10.50 39.85 4.26
CA ALA C 227 -10.93 38.61 3.63
C ALA C 227 -12.32 38.73 3.05
N ILE C 228 -13.23 39.37 3.78
CA ILE C 228 -14.59 39.61 3.28
C ILE C 228 -14.52 40.50 2.04
N ALA C 229 -13.62 41.50 2.05
CA ALA C 229 -13.49 42.39 0.90
C ALA C 229 -12.95 41.65 -0.31
N THR C 230 -11.95 40.79 -0.11
CA THR C 230 -11.37 40.03 -1.22
C THR C 230 -12.38 39.06 -1.83
N VAL C 231 -13.05 38.28 -0.97
CA VAL C 231 -14.00 37.29 -1.44
C VAL C 231 -15.20 37.96 -2.07
N GLY C 232 -15.65 39.09 -1.51
CA GLY C 232 -16.77 39.80 -2.07
C GLY C 232 -16.43 40.48 -3.38
N ALA C 233 -15.21 40.99 -3.51
CA ALA C 233 -14.79 41.59 -4.76
C ALA C 233 -14.70 40.56 -5.87
N ALA C 234 -14.17 39.38 -5.55
CA ALA C 234 -14.08 38.31 -6.55
C ALA C 234 -15.47 37.81 -6.94
N ILE C 235 -16.37 37.65 -5.97
CA ILE C 235 -17.71 37.16 -6.30
C ILE C 235 -18.52 38.24 -6.99
N ARG C 236 -18.25 39.52 -6.71
CA ARG C 236 -18.88 40.59 -7.45
C ARG C 236 -18.40 40.61 -8.89
N ARG C 237 -17.11 40.34 -9.09
CA ARG C 237 -16.58 40.17 -10.43
C ARG C 237 -17.22 38.99 -11.15
N LYS C 238 -17.55 37.94 -10.41
CA LYS C 238 -18.17 36.77 -11.03
C LYS C 238 -19.63 37.01 -11.38
N GLU C 239 -20.42 37.52 -10.43
CA GLU C 239 -21.85 37.64 -10.63
C GLU C 239 -22.22 38.70 -11.66
N ASN C 240 -21.42 39.75 -11.77
CA ASN C 240 -21.61 40.77 -12.79
C ASN C 240 -21.09 40.37 -14.17
N GLY C 241 -20.58 39.15 -14.35
CA GLY C 241 -20.13 38.69 -15.65
C GLY C 241 -18.75 39.16 -16.05
N TRP C 242 -17.94 39.68 -15.13
CA TRP C 242 -16.60 40.18 -15.40
C TRP C 242 -15.53 39.14 -15.09
N TYR C 243 -15.82 37.87 -15.33
CA TYR C 243 -14.93 36.75 -15.03
C TYR C 243 -14.64 35.98 -16.31
N ASP C 244 -13.40 35.51 -16.43
CA ASP C 244 -13.01 34.62 -17.51
C ASP C 244 -13.75 33.30 -17.34
N GLU C 245 -14.66 33.01 -18.27
CA GLU C 245 -15.47 31.80 -18.17
C GLU C 245 -14.65 30.53 -18.35
N GLU C 246 -13.46 30.60 -18.96
CA GLU C 246 -12.66 29.41 -19.16
C GLU C 246 -12.06 28.90 -17.85
N HIS C 247 -11.69 29.81 -16.94
CA HIS C 247 -10.96 29.48 -15.72
C HIS C 247 -11.88 29.62 -14.50
N PRO C 248 -12.15 28.59 -13.68
CA PRO C 248 -12.99 28.81 -12.51
C PRO C 248 -12.28 29.60 -11.43
N LEU C 249 -13.09 30.13 -10.52
CA LEU C 249 -12.58 30.92 -9.40
C LEU C 249 -12.15 30.00 -8.28
N VAL C 250 -10.98 30.31 -7.69
CA VAL C 250 -10.32 29.47 -6.71
C VAL C 250 -9.80 30.35 -5.59
N PHE C 251 -10.06 29.95 -4.35
CA PHE C 251 -9.61 30.64 -3.15
C PHE C 251 -8.80 29.68 -2.29
N LEU C 252 -7.89 30.25 -1.51
CA LEU C 252 -7.12 29.53 -0.49
C LEU C 252 -7.16 30.38 0.77
N PHE C 253 -8.02 29.98 1.71
CA PHE C 253 -8.20 30.71 2.96
C PHE C 253 -7.12 30.26 3.92
N LEU C 254 -6.16 31.15 4.20
CA LEU C 254 -5.10 30.92 5.17
C LEU C 254 -5.40 31.68 6.46
N GLY C 255 -4.97 31.10 7.57
CA GLY C 255 -5.17 31.72 8.87
C GLY C 255 -5.06 30.73 9.99
N SER C 256 -5.09 31.26 11.20
CA SER C 256 -5.07 30.45 12.41
C SER C 256 -6.39 29.72 12.60
N SER C 257 -6.51 28.99 13.70
CA SER C 257 -7.67 28.17 13.94
C SER C 257 -8.85 28.99 14.47
N GLY C 258 -10.04 28.65 14.01
CA GLY C 258 -11.27 29.21 14.55
C GLY C 258 -11.43 30.70 14.35
N ILE C 259 -11.14 31.19 13.14
CA ILE C 259 -11.27 32.61 12.80
C ILE C 259 -12.07 32.80 11.50
N GLY C 260 -12.90 31.85 11.13
CA GLY C 260 -13.94 32.06 10.16
C GLY C 260 -13.62 31.68 8.73
N LYS C 261 -12.63 30.82 8.50
CA LYS C 261 -12.34 30.36 7.14
C LYS C 261 -13.48 29.50 6.61
N THR C 262 -13.79 28.41 7.31
CA THR C 262 -14.91 27.57 6.92
C THR C 262 -16.24 28.31 7.05
N GLU C 263 -16.34 29.25 7.99
CA GLU C 263 -17.57 30.01 8.12
C GLU C 263 -17.78 30.94 6.92
N LEU C 264 -16.72 31.63 6.47
CA LEU C 264 -16.86 32.48 5.30
C LEU C 264 -17.11 31.64 4.05
N ALA C 265 -16.53 30.44 3.97
CA ALA C 265 -16.80 29.58 2.82
C ALA C 265 -18.26 29.10 2.83
N LYS C 266 -18.78 28.72 3.99
CA LYS C 266 -20.16 28.29 4.11
C LYS C 266 -21.13 29.40 3.78
N GLN C 267 -20.88 30.61 4.29
CA GLN C 267 -21.77 31.72 4.01
C GLN C 267 -21.65 32.21 2.57
N THR C 268 -20.47 32.05 1.96
CA THR C 268 -20.34 32.26 0.52
C THR C 268 -21.20 31.29 -0.25
N ALA C 269 -21.19 30.02 0.13
CA ALA C 269 -22.02 29.04 -0.55
C ALA C 269 -23.51 29.29 -0.32
N LYS C 270 -23.86 29.77 0.86
CA LYS C 270 -25.26 30.10 1.13
C LYS C 270 -25.70 31.32 0.34
N TYR C 271 -24.81 32.28 0.11
CA TYR C 271 -25.17 33.45 -0.68
C TYR C 271 -25.40 33.08 -2.14
N MET C 272 -24.58 32.17 -2.68
CA MET C 272 -24.66 31.85 -4.09
C MET C 272 -25.84 30.94 -4.42
N HIS C 273 -26.24 30.05 -3.50
CA HIS C 273 -27.21 28.99 -3.75
C HIS C 273 -28.31 28.88 -2.70
N LYS C 274 -28.38 29.80 -1.74
CA LYS C 274 -29.43 29.79 -0.68
C LYS C 274 -29.24 28.52 0.15
N ASP C 275 -30.32 27.95 0.69
CA ASP C 275 -30.25 26.70 1.46
C ASP C 275 -30.22 25.44 0.58
N ALA C 276 -30.03 25.56 -0.73
CA ALA C 276 -29.91 24.38 -1.58
C ALA C 276 -28.63 23.64 -1.27
N LYS C 277 -28.76 22.38 -0.83
CA LYS C 277 -27.60 21.58 -0.47
C LYS C 277 -26.79 21.11 -1.68
N LYS C 278 -27.36 21.17 -2.88
CA LYS C 278 -26.62 20.74 -4.08
C LYS C 278 -25.44 21.66 -4.36
N GLY C 279 -25.61 22.96 -4.12
CA GLY C 279 -24.61 23.95 -4.47
C GLY C 279 -23.63 24.28 -3.36
N PHE C 280 -23.28 23.29 -2.54
CA PHE C 280 -22.26 23.44 -1.52
C PHE C 280 -21.62 22.07 -1.34
N ILE C 281 -20.58 21.82 -2.13
CA ILE C 281 -19.95 20.50 -2.22
C ILE C 281 -18.81 20.49 -1.22
N ARG C 282 -19.13 20.18 0.03
CA ARG C 282 -18.13 20.10 1.08
C ARG C 282 -17.29 18.84 0.89
N LEU C 283 -15.99 18.97 1.14
CA LEU C 283 -15.07 17.82 1.12
C LEU C 283 -13.98 18.08 2.15
N ASP C 284 -14.09 17.40 3.29
CA ASP C 284 -13.10 17.52 4.34
C ASP C 284 -11.86 16.74 3.94
N MET C 285 -10.77 17.45 3.69
CA MET C 285 -9.58 16.86 3.10
C MET C 285 -8.67 16.17 4.11
N SER C 286 -9.07 16.07 5.38
CA SER C 286 -8.36 15.19 6.32
C SER C 286 -8.61 13.72 6.03
N GLU C 287 -9.67 13.39 5.29
CA GLU C 287 -9.89 12.02 4.82
C GLU C 287 -8.91 11.60 3.73
N PHE C 288 -8.22 12.54 3.10
CA PHE C 288 -7.48 12.33 1.85
C PHE C 288 -5.98 12.27 2.09
N GLN C 289 -5.58 11.67 3.22
CA GLN C 289 -4.19 11.77 3.67
C GLN C 289 -3.25 10.95 2.80
N GLU C 290 -3.68 9.78 2.35
CA GLU C 290 -2.86 8.90 1.53
C GLU C 290 -3.02 9.25 0.06
N ARG C 291 -2.01 8.85 -0.73
CA ARG C 291 -1.97 9.17 -2.16
C ARG C 291 -3.15 8.55 -2.91
N HIS C 292 -3.57 7.36 -2.52
CA HIS C 292 -4.59 6.60 -3.22
C HIS C 292 -6.02 7.05 -2.92
N GLU C 293 -6.22 8.15 -2.20
CA GLU C 293 -7.54 8.66 -1.88
C GLU C 293 -8.16 9.50 -3.00
N VAL C 294 -7.53 9.57 -4.18
CA VAL C 294 -8.11 10.28 -5.33
C VAL C 294 -9.28 9.53 -5.94
N ALA C 295 -9.44 8.23 -5.64
CA ALA C 295 -10.58 7.48 -6.15
C ALA C 295 -11.89 8.02 -5.60
N LYS C 296 -11.87 8.64 -4.43
CA LYS C 296 -13.06 9.35 -3.94
C LYS C 296 -13.43 10.50 -4.87
N PHE C 297 -12.43 11.24 -5.37
CA PHE C 297 -12.72 12.33 -6.30
C PHE C 297 -13.26 11.78 -7.61
N ILE C 298 -12.55 10.83 -8.21
CA ILE C 298 -12.75 10.46 -9.62
C ILE C 298 -13.38 9.08 -9.79
N GLY C 299 -13.60 8.33 -8.72
CA GLY C 299 -14.17 7.01 -8.84
C GLY C 299 -13.15 6.00 -9.31
N SER C 300 -13.54 4.75 -9.23
CA SER C 300 -12.64 3.65 -9.53
C SER C 300 -12.50 3.46 -11.04
N PRO C 301 -11.38 2.92 -11.53
CA PRO C 301 -11.29 2.67 -12.97
C PRO C 301 -12.17 1.52 -13.40
N PRO C 302 -12.23 1.20 -14.69
CA PRO C 302 -12.96 0.01 -15.13
C PRO C 302 -12.32 -1.26 -14.60
N GLY C 303 -13.16 -2.18 -14.15
CA GLY C 303 -12.70 -3.45 -13.64
C GLY C 303 -12.31 -3.46 -12.19
N TYR C 304 -12.93 -2.62 -11.36
CA TYR C 304 -12.56 -2.46 -9.97
C TYR C 304 -13.80 -2.09 -9.17
N VAL C 305 -13.73 -2.36 -7.85
CA VAL C 305 -14.87 -2.16 -6.97
C VAL C 305 -15.20 -0.67 -6.89
N GLY C 306 -16.49 -0.36 -6.90
CA GLY C 306 -16.95 1.00 -6.90
C GLY C 306 -16.88 1.71 -8.24
N HIS C 307 -16.65 0.99 -9.33
CA HIS C 307 -16.59 1.63 -10.64
C HIS C 307 -17.95 2.11 -11.09
N GLU C 308 -19.01 1.34 -10.79
CA GLU C 308 -20.34 1.72 -11.21
C GLU C 308 -20.84 2.94 -10.46
N GLU C 309 -20.43 3.10 -9.21
CA GLU C 309 -20.82 4.28 -8.44
C GLU C 309 -20.18 5.56 -8.96
N GLY C 310 -19.07 5.47 -9.68
CA GLY C 310 -18.41 6.66 -10.20
C GLY C 310 -17.78 7.47 -9.09
N GLY C 311 -17.24 8.62 -9.47
CA GLY C 311 -16.66 9.52 -8.50
C GLY C 311 -17.72 10.21 -7.68
N GLN C 312 -17.27 10.79 -6.56
CA GLN C 312 -18.14 11.48 -5.62
C GLN C 312 -18.21 12.97 -5.95
N LEU C 313 -17.05 13.62 -6.09
CA LEU C 313 -17.03 15.03 -6.46
C LEU C 313 -17.55 15.23 -7.87
N THR C 314 -17.25 14.30 -8.78
CA THR C 314 -17.72 14.46 -10.16
C THR C 314 -19.22 14.28 -10.25
N LYS C 315 -19.81 13.40 -9.44
CA LYS C 315 -21.26 13.30 -9.36
C LYS C 315 -21.86 14.56 -8.77
N LYS C 316 -21.27 15.08 -7.70
CA LYS C 316 -21.81 16.27 -7.06
C LYS C 316 -21.70 17.50 -7.94
N LEU C 317 -20.67 17.57 -8.80
CA LEU C 317 -20.54 18.66 -9.76
C LEU C 317 -21.42 18.46 -10.99
N LYS C 318 -21.73 17.21 -11.33
CA LYS C 318 -22.76 16.97 -12.35
C LYS C 318 -24.13 17.43 -11.84
N GLN C 319 -24.40 17.24 -10.55
CA GLN C 319 -25.67 17.71 -10.00
C GLN C 319 -25.74 19.23 -9.96
N CYS C 320 -24.61 19.90 -9.77
CA CYS C 320 -24.57 21.36 -9.66
C CYS C 320 -23.20 21.83 -10.18
N PRO C 321 -23.09 22.19 -11.47
CA PRO C 321 -21.78 22.63 -11.98
C PRO C 321 -21.24 23.90 -11.36
N ASN C 322 -22.11 24.85 -11.00
CA ASN C 322 -21.69 26.14 -10.44
C ASN C 322 -21.59 26.13 -8.93
N ALA C 323 -21.35 24.97 -8.31
CA ALA C 323 -21.37 24.85 -6.86
C ALA C 323 -20.11 25.44 -6.24
N VAL C 324 -20.24 25.85 -4.99
CA VAL C 324 -19.11 26.32 -4.18
C VAL C 324 -18.52 25.09 -3.51
N VAL C 325 -17.45 24.56 -4.10
CA VAL C 325 -16.75 23.40 -3.53
C VAL C 325 -15.81 23.92 -2.45
N LEU C 326 -15.88 23.32 -1.27
CA LEU C 326 -15.11 23.70 -0.09
C LEU C 326 -14.19 22.54 0.25
N PHE C 327 -12.97 22.58 -0.29
CA PHE C 327 -11.92 21.63 0.08
C PHE C 327 -11.39 22.03 1.44
N ASP C 328 -12.14 21.63 2.47
CA ASP C 328 -11.83 22.04 3.83
C ASP C 328 -10.62 21.28 4.34
N GLN C 329 -9.74 21.99 5.04
CA GLN C 329 -8.54 21.41 5.66
C GLN C 329 -7.63 20.80 4.60
N VAL C 330 -7.35 21.60 3.56
CA VAL C 330 -6.62 21.13 2.38
C VAL C 330 -5.19 20.71 2.71
N ASP C 331 -4.60 21.26 3.76
CA ASP C 331 -3.23 20.96 4.15
C ASP C 331 -3.07 19.62 4.88
N LYS C 332 -4.13 18.82 5.01
CA LYS C 332 -4.08 17.51 5.64
C LYS C 332 -4.07 16.38 4.63
N ALA C 333 -4.50 16.62 3.39
CA ALA C 333 -4.41 15.62 2.35
C ALA C 333 -2.98 15.49 1.86
N HIS C 334 -2.74 14.42 1.10
CA HIS C 334 -1.45 14.27 0.44
C HIS C 334 -1.32 15.37 -0.62
N PRO C 335 -0.11 15.88 -0.89
CA PRO C 335 0.03 16.80 -2.03
C PRO C 335 -0.26 16.13 -3.36
N ASP C 336 0.01 14.83 -3.47
CA ASP C 336 -0.34 14.11 -4.68
C ASP C 336 -1.85 14.03 -4.87
N VAL C 337 -2.62 14.04 -3.77
CA VAL C 337 -4.07 14.09 -3.91
C VAL C 337 -4.52 15.48 -4.35
N LEU C 338 -3.83 16.53 -3.90
CA LEU C 338 -4.13 17.87 -4.37
C LEU C 338 -3.68 18.09 -5.81
N THR C 339 -2.82 17.23 -6.35
CA THR C 339 -2.45 17.31 -7.76
C THR C 339 -3.64 17.06 -8.69
N ILE C 340 -4.68 16.35 -8.23
CA ILE C 340 -5.87 16.17 -9.05
C ILE C 340 -6.61 17.49 -9.29
N MET C 341 -6.44 18.46 -8.40
CA MET C 341 -7.12 19.75 -8.50
C MET C 341 -6.54 20.67 -9.57
N LEU C 342 -5.46 20.27 -10.27
CA LEU C 342 -4.88 21.14 -11.28
C LEU C 342 -5.82 21.34 -12.46
N GLN C 343 -6.31 20.24 -13.05
CA GLN C 343 -7.28 20.34 -14.13
C GLN C 343 -8.60 20.96 -13.65
N LEU C 344 -8.94 20.76 -12.39
CA LEU C 344 -10.19 21.26 -11.83
C LEU C 344 -10.14 22.75 -11.50
N PHE C 345 -8.94 23.32 -11.30
CA PHE C 345 -8.75 24.74 -11.02
C PHE C 345 -8.39 25.56 -12.25
N ASP C 346 -7.50 25.10 -13.12
CA ASP C 346 -7.14 25.95 -14.26
C ASP C 346 -8.26 26.04 -15.29
N GLU C 347 -8.97 24.92 -15.50
CA GLU C 347 -9.94 24.77 -16.58
C GLU C 347 -11.31 24.30 -16.12
N GLY C 348 -11.46 23.81 -14.88
CA GLY C 348 -12.75 23.35 -14.42
C GLY C 348 -13.17 22.08 -15.13
N ARG C 349 -12.36 21.04 -15.02
CA ARG C 349 -12.67 19.74 -15.60
C ARG C 349 -12.07 18.64 -14.75
N LEU C 350 -12.81 17.54 -14.63
CA LEU C 350 -12.37 16.38 -13.87
C LEU C 350 -13.05 15.16 -14.45
N THR C 351 -12.26 14.28 -15.08
CA THR C 351 -12.79 13.08 -15.69
C THR C 351 -12.93 11.98 -14.65
N ASP C 352 -14.09 11.34 -14.62
CA ASP C 352 -14.38 10.29 -13.65
C ASP C 352 -13.76 8.98 -14.11
N GLY C 353 -14.08 7.88 -13.43
CA GLY C 353 -13.58 6.58 -13.84
C GLY C 353 -14.19 6.08 -15.14
N LYS C 354 -15.41 6.51 -15.44
CA LYS C 354 -16.12 6.13 -16.65
C LYS C 354 -15.81 7.04 -17.84
N GLY C 355 -14.74 7.85 -17.77
CA GLY C 355 -14.38 8.72 -18.86
C GLY C 355 -15.24 9.95 -19.05
N LYS C 356 -16.25 10.17 -18.22
CA LYS C 356 -17.18 11.28 -18.38
C LYS C 356 -16.61 12.51 -17.69
N THR C 357 -16.21 13.50 -18.48
CA THR C 357 -15.74 14.77 -17.97
C THR C 357 -16.93 15.67 -17.65
N ILE C 358 -16.78 16.46 -16.58
CA ILE C 358 -17.79 17.40 -16.09
C ILE C 358 -17.19 18.79 -16.15
N ASP C 359 -17.95 19.73 -16.72
CA ASP C 359 -17.54 21.13 -16.78
C ASP C 359 -17.86 21.80 -15.46
N CYS C 360 -16.81 22.22 -14.74
CA CYS C 360 -16.89 22.87 -13.43
C CYS C 360 -16.42 24.32 -13.51
N LYS C 361 -16.59 24.95 -14.66
CA LYS C 361 -15.97 26.26 -14.89
C LYS C 361 -16.65 27.36 -14.09
N ASP C 362 -17.96 27.26 -13.87
CA ASP C 362 -18.69 28.25 -13.08
C ASP C 362 -18.60 28.02 -11.57
N ALA C 363 -17.79 27.05 -11.11
CA ALA C 363 -17.70 26.75 -9.69
C ALA C 363 -16.84 27.79 -8.98
N ILE C 364 -16.89 27.74 -7.65
CA ILE C 364 -16.11 28.63 -6.78
C ILE C 364 -15.42 27.71 -5.78
N PHE C 365 -14.19 27.30 -6.10
CA PHE C 365 -13.43 26.42 -5.22
C PHE C 365 -12.84 27.23 -4.09
N ILE C 366 -12.97 26.71 -2.86
CA ILE C 366 -12.43 27.34 -1.66
C ILE C 366 -11.65 26.27 -0.92
N MET C 367 -10.47 26.65 -0.43
CA MET C 367 -9.53 25.74 0.22
C MET C 367 -9.13 26.32 1.56
N THR C 368 -9.77 25.83 2.62
CA THR C 368 -9.37 26.22 3.97
C THR C 368 -8.08 25.51 4.34
N SER C 369 -7.18 26.23 5.01
CA SER C 369 -5.85 25.73 5.31
C SER C 369 -5.30 26.41 6.56
N ASN C 370 -4.64 25.63 7.40
CA ASN C 370 -3.88 26.12 8.55
C ASN C 370 -2.38 26.27 8.26
N VAL C 371 -1.96 26.18 6.99
CA VAL C 371 -0.54 26.33 6.67
C VAL C 371 -0.14 27.77 6.85
N ALA C 372 1.02 27.98 7.46
CA ALA C 372 1.52 29.31 7.82
C ALA C 372 0.57 30.02 8.77
N SER C 373 -0.07 29.27 9.66
CA SER C 373 -0.96 29.89 10.64
C SER C 373 -0.17 30.66 11.68
N ASP C 374 0.92 30.06 12.19
CA ASP C 374 1.74 30.72 13.19
C ASP C 374 2.43 31.95 12.61
N GLU C 375 2.87 31.88 11.35
CA GLU C 375 3.54 33.02 10.74
C GLU C 375 2.56 34.16 10.49
N ILE C 376 1.36 33.85 10.01
CA ILE C 376 0.35 34.88 9.79
C ILE C 376 -0.06 35.50 11.12
N ALA C 377 -0.24 34.67 12.15
CA ALA C 377 -0.64 35.20 13.46
C ALA C 377 0.44 36.07 14.07
N GLN C 378 1.70 35.64 13.99
CA GLN C 378 2.79 36.43 14.53
C GLN C 378 2.97 37.73 13.77
N HIS C 379 2.81 37.70 12.44
CA HIS C 379 2.95 38.92 11.67
C HIS C 379 1.79 39.87 11.93
N ALA C 380 0.58 39.34 12.12
CA ALA C 380 -0.55 40.21 12.42
C ALA C 380 -0.42 40.83 13.81
N LEU C 381 0.03 40.05 14.79
CA LEU C 381 0.24 40.59 16.12
C LEU C 381 1.38 41.61 16.13
N GLN C 382 2.43 41.37 15.32
CA GLN C 382 3.52 42.32 15.23
C GLN C 382 3.06 43.61 14.57
N LEU C 383 2.26 43.51 13.50
CA LEU C 383 1.75 44.71 12.84
C LEU C 383 0.82 45.48 13.76
N ARG C 384 0.02 44.78 14.56
CA ARG C 384 -0.88 45.47 15.47
C ARG C 384 -0.12 46.12 16.62
N GLN C 385 0.93 45.47 17.11
CA GLN C 385 1.76 46.09 18.14
C GLN C 385 2.49 47.31 17.60
N GLU C 386 2.97 47.24 16.35
CA GLU C 386 3.62 48.38 15.74
C GLU C 386 2.63 49.51 15.49
N ALA C 387 1.40 49.17 15.12
CA ALA C 387 0.37 50.19 14.94
C ALA C 387 0.02 50.85 16.28
N LEU C 388 -0.02 50.07 17.35
CA LEU C 388 -0.25 50.64 18.68
C LEU C 388 0.89 51.54 19.10
N GLU C 389 2.12 51.14 18.79
CA GLU C 389 3.29 51.96 19.11
C GLU C 389 3.25 53.28 18.35
N MET C 390 2.98 53.23 17.05
CA MET C 390 2.86 54.46 16.25
C MET C 390 1.69 55.31 16.71
N SER C 391 0.59 54.68 17.14
CA SER C 391 -0.57 55.43 17.59
C SER C 391 -0.28 56.18 18.88
N ARG C 392 0.33 55.50 19.86
CA ARG C 392 0.65 56.19 21.11
C ARG C 392 1.75 57.22 20.93
N ASN C 393 2.67 56.99 19.98
CA ASN C 393 3.69 58.00 19.69
C ASN C 393 3.07 59.24 19.06
N ARG C 394 2.13 59.06 18.13
CA ARG C 394 1.44 60.20 17.55
C ARG C 394 0.55 60.90 18.57
N ILE C 395 -0.04 60.15 19.50
CA ILE C 395 -0.85 60.77 20.55
C ILE C 395 0.04 61.56 21.50
N ALA C 396 1.28 61.11 21.71
CA ALA C 396 2.21 61.87 22.54
C ALA C 396 2.57 63.20 21.89
N GLU C 397 2.70 63.22 20.57
CA GLU C 397 2.99 64.45 19.84
C GLU C 397 1.75 65.33 19.75
N THR C 409 -2.86 45.41 7.43
CA THR C 409 -2.79 44.93 6.06
C THR C 409 -1.51 44.17 5.81
N ILE C 410 -1.64 42.91 5.38
CA ILE C 410 -0.47 42.09 5.08
C ILE C 410 0.19 42.62 3.82
N SER C 411 1.50 42.83 3.89
CA SER C 411 2.26 43.37 2.78
C SER C 411 2.62 42.28 1.78
N LYS C 412 2.87 42.70 0.54
CA LYS C 412 3.22 41.75 -0.51
C LYS C 412 4.56 41.07 -0.25
N ASN C 413 5.52 41.78 0.34
CA ASN C 413 6.81 41.19 0.62
C ASN C 413 6.72 40.07 1.64
N PHE C 414 5.81 40.20 2.60
CA PHE C 414 5.59 39.11 3.55
C PHE C 414 4.99 37.90 2.86
N LYS C 415 4.10 38.11 1.91
CA LYS C 415 3.49 37.00 1.18
C LYS C 415 4.52 36.29 0.30
N GLU C 416 5.42 37.06 -0.33
CA GLU C 416 6.38 36.47 -1.26
C GLU C 416 7.59 35.88 -0.56
N ASN C 417 8.01 36.44 0.58
CA ASN C 417 9.22 36.02 1.27
C ASN C 417 8.98 35.01 2.39
N VAL C 418 7.83 35.07 3.06
CA VAL C 418 7.50 34.21 4.20
C VAL C 418 6.47 33.16 3.80
N ILE C 419 5.29 33.59 3.35
CA ILE C 419 4.19 32.66 3.13
C ILE C 419 4.39 31.84 1.86
N ARG C 420 5.00 32.42 0.83
CA ARG C 420 5.18 31.68 -0.42
C ARG C 420 6.15 30.50 -0.26
N PRO C 421 7.31 30.65 0.40
CA PRO C 421 8.13 29.45 0.68
C PRO C 421 7.45 28.41 1.55
N ILE C 422 6.62 28.82 2.51
CA ILE C 422 5.95 27.85 3.37
C ILE C 422 4.90 27.08 2.57
N LEU C 423 4.13 27.77 1.73
CA LEU C 423 3.16 27.11 0.87
C LEU C 423 3.83 26.20 -0.14
N LYS C 424 4.97 26.63 -0.70
CA LYS C 424 5.68 25.79 -1.65
C LYS C 424 6.27 24.57 -0.95
N ALA C 425 6.73 24.72 0.29
CA ALA C 425 7.27 23.58 1.02
C ALA C 425 6.19 22.59 1.35
N HIS C 426 5.01 23.06 1.76
CA HIS C 426 3.95 22.13 2.13
C HIS C 426 3.34 21.48 0.90
N PHE C 427 2.88 22.29 -0.06
CA PHE C 427 2.15 21.77 -1.21
C PHE C 427 3.06 21.22 -2.29
N ARG C 428 4.35 21.55 -2.28
CA ARG C 428 5.40 20.93 -3.09
C ARG C 428 5.27 21.19 -4.59
N ARG C 429 4.41 22.11 -5.01
CA ARG C 429 4.12 22.30 -6.44
C ARG C 429 3.67 23.74 -6.63
N ASP C 430 4.47 24.52 -7.34
CA ASP C 430 4.07 25.88 -7.70
C ASP C 430 2.97 25.91 -8.75
N GLU C 431 2.82 24.84 -9.53
CA GLU C 431 1.70 24.78 -10.48
C GLU C 431 0.35 24.72 -9.76
N PHE C 432 0.32 24.14 -8.56
CA PHE C 432 -0.92 24.11 -7.79
C PHE C 432 -1.23 25.48 -7.19
N LEU C 433 -0.21 26.21 -6.76
CA LEU C 433 -0.41 27.52 -6.14
C LEU C 433 -0.70 28.59 -7.18
N GLY C 434 -0.12 28.48 -8.38
CA GLY C 434 -0.36 29.46 -9.42
C GLY C 434 -1.76 29.44 -9.99
N ARG C 435 -2.49 28.34 -9.80
CA ARG C 435 -3.88 28.26 -10.21
C ARG C 435 -4.84 28.94 -9.24
N ILE C 436 -4.38 29.39 -8.07
CA ILE C 436 -5.24 29.98 -7.05
C ILE C 436 -5.35 31.47 -7.35
N ASN C 437 -6.60 31.94 -7.49
CA ASN C 437 -6.82 33.35 -7.83
C ASN C 437 -6.47 34.26 -6.66
N GLU C 438 -7.00 33.96 -5.47
CA GLU C 438 -6.89 34.81 -4.30
C GLU C 438 -6.51 33.95 -3.10
N ILE C 439 -5.29 34.12 -2.60
CA ILE C 439 -4.86 33.52 -1.35
C ILE C 439 -5.32 34.46 -0.24
N VAL C 440 -6.45 34.14 0.37
CA VAL C 440 -7.12 35.04 1.30
C VAL C 440 -6.52 34.81 2.70
N TYR C 441 -6.15 35.90 3.36
CA TYR C 441 -5.48 35.88 4.65
C TYR C 441 -6.46 36.25 5.75
N PHE C 442 -6.67 35.33 6.68
CA PHE C 442 -7.51 35.53 7.86
C PHE C 442 -6.58 35.78 9.04
N LEU C 443 -6.69 36.97 9.64
CA LEU C 443 -5.85 37.39 10.74
C LEU C 443 -6.50 37.03 12.07
N PRO C 444 -5.75 37.03 13.18
CA PRO C 444 -6.40 36.79 14.48
C PRO C 444 -7.28 37.96 14.87
N PHE C 445 -7.98 37.79 15.98
CA PHE C 445 -8.97 38.75 16.43
C PHE C 445 -8.36 39.83 17.31
N CYS C 446 -8.73 41.08 17.04
CA CYS C 446 -8.46 42.18 17.95
C CYS C 446 -9.44 42.13 19.12
N HIS C 447 -9.17 42.96 20.14
CA HIS C 447 -9.94 42.89 21.38
C HIS C 447 -11.38 43.32 21.17
N SER C 448 -11.61 44.31 20.30
CA SER C 448 -12.97 44.68 19.93
C SER C 448 -13.67 43.53 19.23
N GLU C 449 -12.94 42.79 18.41
CA GLU C 449 -13.53 41.63 17.75
C GLU C 449 -13.81 40.50 18.73
N LEU C 450 -13.02 40.39 19.80
CA LEU C 450 -13.33 39.41 20.84
C LEU C 450 -14.59 39.79 21.60
N ILE C 451 -14.77 41.08 21.89
CA ILE C 451 -16.00 41.53 22.55
C ILE C 451 -17.19 41.29 21.64
N GLN C 452 -17.02 41.52 20.34
CA GLN C 452 -18.09 41.26 19.39
C GLN C 452 -18.41 39.77 19.30
N LEU C 453 -17.38 38.92 19.39
CA LEU C 453 -17.62 37.47 19.39
C LEU C 453 -18.36 37.02 20.63
N VAL C 454 -18.00 37.57 21.79
CA VAL C 454 -18.71 37.23 23.02
C VAL C 454 -20.15 37.72 22.95
N ASN C 455 -20.36 38.91 22.39
CA ASN C 455 -21.72 39.42 22.23
C ASN C 455 -22.52 38.57 21.25
N LYS C 456 -21.87 38.06 20.20
CA LYS C 456 -22.57 37.18 19.27
C LYS C 456 -22.95 35.87 19.92
N GLU C 457 -22.05 35.29 20.72
CA GLU C 457 -22.36 34.02 21.39
C GLU C 457 -23.44 34.22 22.44
N LEU C 458 -23.35 35.29 23.23
CA LEU C 458 -24.38 35.56 24.23
C LEU C 458 -25.71 35.90 23.59
N ASN C 459 -25.71 36.57 22.44
CA ASN C 459 -26.95 36.82 21.72
C ASN C 459 -27.52 35.54 21.14
N PHE C 460 -26.67 34.60 20.74
CA PHE C 460 -27.16 33.31 20.27
C PHE C 460 -27.86 32.56 21.39
N TRP C 461 -27.23 32.50 22.57
CA TRP C 461 -27.87 31.83 23.70
C TRP C 461 -29.09 32.61 24.19
N ALA C 462 -29.10 33.93 24.03
CA ALA C 462 -30.28 34.72 24.38
C ALA C 462 -31.43 34.44 23.43
N LYS C 463 -31.14 34.29 22.13
CA LYS C 463 -32.20 33.94 21.18
C LYS C 463 -32.74 32.54 21.44
N ARG C 464 -31.86 31.59 21.77
CA ARG C 464 -32.34 30.25 22.11
C ARG C 464 -33.18 30.27 23.39
N ALA C 465 -32.76 31.05 24.39
CA ALA C 465 -33.51 31.15 25.63
C ALA C 465 -34.86 31.82 25.43
N LYS C 466 -34.94 32.80 24.53
CA LYS C 466 -36.19 33.47 24.26
C LYS C 466 -37.13 32.58 23.44
N GLN C 467 -36.59 31.87 22.44
CA GLN C 467 -37.45 31.08 21.56
C GLN C 467 -37.92 29.80 22.24
N ARG C 468 -36.98 28.99 22.76
CA ARG C 468 -37.35 27.69 23.27
C ARG C 468 -38.11 27.79 24.59
N HIS C 469 -37.72 28.74 25.46
CA HIS C 469 -38.16 28.81 26.84
C HIS C 469 -38.76 30.13 27.28
N ASN C 470 -38.58 31.21 26.50
CA ASN C 470 -39.03 32.56 26.86
C ASN C 470 -38.38 33.01 28.17
N ILE C 471 -37.07 33.16 28.10
CA ILE C 471 -36.23 33.63 29.21
C ILE C 471 -35.38 34.75 28.63
N THR C 472 -35.77 35.99 28.90
CA THR C 472 -35.05 37.15 28.38
C THR C 472 -33.70 37.26 29.08
N LEU C 473 -32.65 36.82 28.41
CA LEU C 473 -31.31 36.87 28.96
C LEU C 473 -30.69 38.25 28.71
N LEU C 474 -29.96 38.75 29.71
CA LEU C 474 -29.33 40.06 29.66
C LEU C 474 -27.94 39.95 30.27
N TRP C 475 -27.11 40.94 29.97
CA TRP C 475 -25.74 40.97 30.48
C TRP C 475 -25.17 42.37 30.27
N ASP C 476 -24.17 42.71 31.07
CA ASP C 476 -23.45 43.97 31.00
C ASP C 476 -22.19 43.81 30.16
N ARG C 477 -21.53 44.94 29.90
CA ARG C 477 -20.27 44.90 29.17
C ARG C 477 -19.16 44.25 29.99
N GLU C 478 -19.25 44.30 31.32
CA GLU C 478 -18.28 43.64 32.16
C GLU C 478 -18.31 42.12 31.99
N VAL C 479 -19.48 41.57 31.65
CA VAL C 479 -19.57 40.15 31.35
C VAL C 479 -18.75 39.82 30.11
N ALA C 480 -18.81 40.69 29.09
CA ALA C 480 -18.01 40.49 27.90
C ALA C 480 -16.52 40.63 28.21
N ASP C 481 -16.15 41.61 29.03
CA ASP C 481 -14.75 41.78 29.40
C ASP C 481 -14.23 40.60 30.22
N VAL C 482 -15.09 39.97 31.02
CA VAL C 482 -14.69 38.80 31.79
C VAL C 482 -14.51 37.60 30.88
N LEU C 483 -15.49 37.36 29.99
CA LEU C 483 -15.42 36.19 29.12
C LEU C 483 -14.34 36.31 28.05
N VAL C 484 -13.88 37.53 27.73
CA VAL C 484 -12.76 37.67 26.79
C VAL C 484 -11.48 37.09 27.39
N ASP C 485 -11.34 37.05 28.72
CA ASP C 485 -10.13 36.52 29.34
C ASP C 485 -9.93 35.04 29.08
N GLY C 486 -10.99 34.29 28.77
CA GLY C 486 -10.88 32.91 28.35
C GLY C 486 -10.53 32.70 26.89
N TYR C 487 -10.19 33.76 26.15
CA TYR C 487 -9.83 33.62 24.75
C TYR C 487 -8.40 33.12 24.62
N ASN C 488 -8.21 32.11 23.79
CA ASN C 488 -6.90 31.57 23.43
C ASN C 488 -6.62 31.92 21.98
N VAL C 489 -5.46 32.53 21.73
CA VAL C 489 -5.10 32.93 20.36
C VAL C 489 -4.95 31.70 19.47
N HIS C 490 -4.52 30.58 20.02
CA HIS C 490 -4.28 29.39 19.20
C HIS C 490 -5.60 28.78 18.74
N TYR C 491 -6.63 28.81 19.59
CA TYR C 491 -7.91 28.18 19.30
C TYR C 491 -8.88 29.12 18.60
N GLY C 492 -8.80 30.41 18.87
CA GLY C 492 -9.61 31.40 18.17
C GLY C 492 -11.00 31.58 18.76
N ALA C 493 -11.98 31.73 17.87
CA ALA C 493 -13.36 31.95 18.31
C ALA C 493 -13.96 30.74 19.03
N ARG C 494 -13.42 29.53 18.79
CA ARG C 494 -13.90 28.36 19.50
C ARG C 494 -13.62 28.46 20.99
N SER C 495 -12.53 29.13 21.37
CA SER C 495 -12.25 29.34 22.79
C SER C 495 -13.31 30.19 23.45
N ILE C 496 -13.83 31.20 22.75
CA ILE C 496 -14.89 32.03 23.32
C ILE C 496 -16.18 31.24 23.43
N LYS C 497 -16.47 30.37 22.45
CA LYS C 497 -17.66 29.55 22.53
C LYS C 497 -17.59 28.57 23.71
N HIS C 498 -16.42 27.96 23.91
CA HIS C 498 -16.23 27.06 25.03
C HIS C 498 -16.27 27.82 26.37
N GLU C 499 -15.75 29.04 26.41
CA GLU C 499 -15.78 29.81 27.65
C GLU C 499 -17.21 30.23 27.99
N VAL C 500 -18.00 30.62 26.99
CA VAL C 500 -19.38 30.98 27.24
C VAL C 500 -20.16 29.75 27.68
N GLU C 501 -19.89 28.59 27.06
CA GLU C 501 -20.57 27.36 27.48
C GLU C 501 -20.16 26.94 28.89
N ARG C 502 -18.91 27.20 29.28
CA ARG C 502 -18.48 26.90 30.64
C ARG C 502 -19.14 27.83 31.65
N ARG C 503 -18.89 29.13 31.53
CA ARG C 503 -19.24 30.05 32.61
C ARG C 503 -20.72 30.38 32.62
N VAL C 504 -21.32 30.61 31.46
CA VAL C 504 -22.68 31.14 31.37
C VAL C 504 -23.69 30.01 31.25
N VAL C 505 -23.51 29.13 30.26
CA VAL C 505 -24.61 28.25 29.85
C VAL C 505 -24.72 27.01 30.72
N ASN C 506 -23.65 26.58 31.38
CA ASN C 506 -23.78 25.52 32.36
C ASN C 506 -24.64 25.98 33.54
N GLN C 507 -24.47 27.24 33.94
CA GLN C 507 -25.32 27.81 34.98
C GLN C 507 -26.77 27.92 34.51
N LEU C 508 -26.98 28.31 33.26
CA LEU C 508 -28.33 28.40 32.72
C LEU C 508 -29.00 27.03 32.65
N ALA C 509 -28.25 26.01 32.27
CA ALA C 509 -28.81 24.67 32.20
C ALA C 509 -29.11 24.12 33.58
N ALA C 510 -28.24 24.38 34.55
CA ALA C 510 -28.49 23.93 35.91
C ALA C 510 -29.67 24.69 36.53
N ALA C 511 -29.87 25.95 36.14
CA ALA C 511 -31.03 26.69 36.62
C ALA C 511 -32.32 26.19 35.95
N TYR C 512 -32.24 25.84 34.67
CA TYR C 512 -33.43 25.36 33.97
C TYR C 512 -33.84 23.98 34.45
N GLU C 513 -32.87 23.12 34.76
CA GLU C 513 -33.22 21.80 35.28
C GLU C 513 -33.86 21.90 36.65
N GLN C 514 -33.40 22.84 37.47
CA GLN C 514 -33.97 23.08 38.79
C GLN C 514 -35.26 23.91 38.78
N ASP C 515 -35.76 24.29 37.60
CA ASP C 515 -36.98 25.09 37.47
C ASP C 515 -36.88 26.45 38.18
N LEU C 516 -35.67 27.03 38.21
CA LEU C 516 -35.43 28.37 38.69
C LEU C 516 -35.46 29.40 37.57
N LEU C 517 -36.19 29.13 36.49
CA LEU C 517 -36.28 30.03 35.33
C LEU C 517 -37.62 29.82 34.66
N PRO C 518 -38.70 30.33 35.25
CA PRO C 518 -40.02 30.18 34.61
C PRO C 518 -40.10 31.01 33.34
N GLY C 519 -41.18 30.78 32.60
CA GLY C 519 -41.37 31.47 31.34
C GLY C 519 -41.60 32.95 31.54
N GLY C 520 -41.07 33.75 30.62
CA GLY C 520 -41.20 35.19 30.67
C GLY C 520 -40.25 35.91 31.60
N CYS C 521 -39.51 35.19 32.45
CA CYS C 521 -38.66 35.86 33.41
C CYS C 521 -37.43 36.46 32.73
N THR C 522 -37.02 37.63 33.21
CA THR C 522 -35.77 38.25 32.81
C THR C 522 -34.63 37.69 33.64
N LEU C 523 -33.42 37.78 33.10
CA LEU C 523 -32.26 37.13 33.71
C LEU C 523 -31.01 37.88 33.28
N ARG C 524 -30.34 38.53 34.24
CA ARG C 524 -29.18 39.38 33.99
C ARG C 524 -27.94 38.66 34.49
N ILE C 525 -27.01 38.39 33.58
CA ILE C 525 -25.70 37.86 33.95
C ILE C 525 -24.88 39.02 34.50
N THR C 526 -24.30 38.85 35.69
CA THR C 526 -23.63 39.91 36.42
C THR C 526 -22.33 39.37 36.99
N VAL C 527 -21.33 40.25 37.05
CA VAL C 527 -20.00 39.90 37.53
C VAL C 527 -19.98 40.08 39.05
N GLU C 528 -19.57 39.04 39.76
CA GLU C 528 -19.52 39.08 41.21
C GLU C 528 -18.34 39.93 41.67
N PRO C 550 -12.99 36.94 38.03
CA PRO C 550 -14.34 37.37 38.41
C PRO C 550 -15.41 36.37 37.97
N LYS C 551 -16.21 35.91 38.93
CA LYS C 551 -17.21 34.88 38.67
C LYS C 551 -18.50 35.52 38.18
N LEU C 552 -19.04 34.99 37.07
CA LEU C 552 -20.34 35.41 36.59
C LEU C 552 -21.43 34.74 37.41
N ARG C 553 -22.53 35.48 37.64
CA ARG C 553 -23.65 35.03 38.43
C ARG C 553 -24.94 35.47 37.76
N LEU C 554 -25.91 34.57 37.72
CA LEU C 554 -27.23 34.88 37.18
C LEU C 554 -28.06 35.63 38.22
N GLU C 555 -28.95 36.48 37.73
CA GLU C 555 -29.82 37.31 38.58
C GLU C 555 -31.16 37.44 37.89
N ILE C 556 -32.19 36.82 38.46
CA ILE C 556 -33.54 36.90 37.93
C ILE C 556 -34.18 38.21 38.40
N ILE C 557 -34.99 38.82 37.53
CA ILE C 557 -35.62 40.12 37.76
C ILE C 557 -37.12 39.97 37.56
N ASP C 558 -37.90 40.61 38.42
CA ASP C 558 -39.36 40.64 38.40
C ASP C 558 -39.93 42.05 38.44
N LYS C 559 -39.28 42.97 39.15
CA LYS C 559 -39.69 44.37 39.30
C LYS C 559 -38.53 45.28 38.95
N ASP C 560 -38.74 46.59 39.12
CA ASP C 560 -37.70 47.59 38.87
C ASP C 560 -36.69 47.72 40.00
N SER C 561 -36.75 46.90 41.05
CA SER C 561 -35.78 46.96 42.13
C SER C 561 -35.71 45.61 42.83
N LYS C 562 -35.70 44.52 42.06
CA LYS C 562 -35.63 43.16 42.57
C LYS C 562 -34.69 42.38 41.66
N THR C 563 -33.54 41.94 42.21
CA THR C 563 -32.53 41.20 41.46
C THR C 563 -31.90 40.18 42.42
N ARG C 564 -32.61 39.07 42.63
CA ARG C 564 -32.15 38.00 43.51
C ARG C 564 -31.24 37.05 42.73
N ARG C 565 -30.10 36.71 43.33
CA ARG C 565 -29.20 35.74 42.72
C ARG C 565 -29.82 34.36 42.79
N LEU C 566 -29.79 33.64 41.67
CA LEU C 566 -30.33 32.28 41.64
C LEU C 566 -29.39 31.33 42.37
N ASP C 567 -29.91 30.68 43.41
CA ASP C 567 -29.13 29.72 44.20
C ASP C 567 -29.18 28.38 43.50
N ILE C 568 -28.20 28.15 42.64
CA ILE C 568 -28.08 26.91 41.87
C ILE C 568 -27.33 25.91 42.75
N ARG C 569 -28.03 24.88 43.22
CA ARG C 569 -27.39 23.84 44.00
C ARG C 569 -26.56 22.93 43.08
N ALA C 570 -25.76 22.08 43.71
CA ALA C 570 -24.91 21.16 42.97
C ALA C 570 -25.75 20.07 42.30
N SER D 192 -9.88 15.44 -64.35
CA SER D 192 -9.96 14.18 -63.62
C SER D 192 -10.01 14.42 -62.12
N GLU D 193 -10.31 13.36 -61.37
CA GLU D 193 -10.38 13.50 -59.91
C GLU D 193 -9.00 13.69 -59.30
N ALA D 194 -7.97 13.09 -59.90
CA ALA D 194 -6.61 13.24 -59.36
C ALA D 194 -6.12 14.68 -59.53
N LYS D 195 -6.46 15.32 -60.65
CA LYS D 195 -6.07 16.71 -60.84
C LYS D 195 -6.80 17.62 -59.86
N TYR D 196 -8.07 17.33 -59.57
CA TYR D 196 -8.81 18.11 -58.59
C TYR D 196 -8.23 17.93 -57.19
N GLN D 197 -7.84 16.70 -56.85
CA GLN D 197 -7.21 16.45 -55.55
C GLN D 197 -5.87 17.15 -55.43
N GLU D 198 -5.08 17.16 -56.52
CA GLU D 198 -3.81 17.86 -56.49
C GLU D 198 -4.01 19.37 -56.38
N LYS D 199 -5.04 19.89 -57.04
CA LYS D 199 -5.34 21.32 -56.93
C LYS D 199 -5.79 21.68 -55.52
N GLN D 200 -6.61 20.81 -54.90
CA GLN D 200 -7.03 21.07 -53.52
C GLN D 200 -5.85 20.99 -52.56
N ARG D 201 -4.92 20.06 -52.81
CA ARG D 201 -3.73 19.96 -51.97
C ARG D 201 -2.86 21.20 -52.12
N LYS D 202 -2.71 21.70 -53.35
CA LYS D 202 -1.93 22.92 -53.56
C LYS D 202 -2.61 24.13 -52.92
N ARG D 203 -3.94 24.18 -52.96
CA ARG D 203 -4.65 25.28 -52.31
C ARG D 203 -4.51 25.22 -50.80
N GLU D 204 -4.56 24.01 -50.22
CA GLU D 204 -4.34 23.87 -48.79
C GLU D 204 -2.91 24.23 -48.40
N ALA D 205 -1.95 23.88 -49.26
CA ALA D 205 -0.56 24.23 -48.99
C ALA D 205 -0.35 25.74 -49.06
N GLU D 206 -0.99 26.41 -50.02
CA GLU D 206 -0.91 27.86 -50.09
C GLU D 206 -1.60 28.52 -48.92
N GLU D 207 -2.70 27.93 -48.43
CA GLU D 207 -3.37 28.45 -47.24
C GLU D 207 -2.49 28.31 -46.02
N ARG D 208 -1.80 27.16 -45.87
CA ARG D 208 -0.91 26.98 -44.74
C ARG D 208 0.31 27.88 -44.83
N ARG D 209 0.81 28.12 -46.04
CA ARG D 209 1.95 29.02 -46.20
C ARG D 209 1.55 30.47 -45.97
N ARG D 210 0.29 30.82 -46.24
CA ARG D 210 -0.16 32.20 -46.04
C ARG D 210 -0.22 32.54 -44.55
N PHE D 211 -0.68 31.59 -43.73
CA PHE D 211 -0.94 31.82 -42.30
C PHE D 211 -0.58 30.54 -41.55
N PRO D 212 0.73 30.23 -41.42
CA PRO D 212 1.13 28.95 -40.83
C PRO D 212 0.84 28.86 -39.35
N LEU D 213 1.15 27.69 -38.76
CA LEU D 213 0.93 27.46 -37.34
C LEU D 213 1.76 28.38 -36.45
N GLU D 214 2.90 28.88 -36.95
CA GLU D 214 3.73 29.78 -36.14
C GLU D 214 3.01 31.09 -35.87
N GLN D 215 2.42 31.70 -36.90
CA GLN D 215 1.70 32.95 -36.69
C GLN D 215 0.41 32.72 -35.91
N ARG D 216 -0.27 31.60 -36.18
CA ARG D 216 -1.50 31.29 -35.47
C ARG D 216 -1.24 31.01 -33.99
N LEU D 217 -0.07 30.47 -33.65
CA LEU D 217 0.32 30.32 -32.25
C LEU D 217 0.78 31.64 -31.66
N LYS D 218 1.45 32.48 -32.45
CA LYS D 218 1.89 33.77 -31.95
C LYS D 218 0.73 34.73 -31.70
N GLU D 219 -0.43 34.48 -32.30
CA GLU D 219 -1.63 35.23 -31.91
C GLU D 219 -1.97 34.99 -30.44
N HIS D 220 -1.95 33.72 -30.02
CA HIS D 220 -2.27 33.32 -28.65
C HIS D 220 -1.03 33.29 -27.77
N ILE D 221 -0.06 32.46 -28.11
CA ILE D 221 1.14 32.31 -27.31
C ILE D 221 2.02 33.53 -27.48
N ILE D 222 2.69 33.93 -26.41
CA ILE D 222 3.59 35.07 -26.34
C ILE D 222 4.94 34.54 -25.89
N GLY D 223 5.99 34.91 -26.61
CA GLY D 223 7.27 34.29 -26.36
C GLY D 223 7.21 32.83 -26.78
N GLN D 224 8.13 32.05 -26.22
CA GLN D 224 8.24 30.62 -26.50
C GLN D 224 8.52 30.39 -27.99
N GLU D 225 9.38 31.25 -28.57
CA GLU D 225 9.66 31.16 -29.99
C GLU D 225 10.41 29.88 -30.34
N SER D 226 11.24 29.37 -29.42
CA SER D 226 11.86 28.07 -29.65
C SER D 226 10.83 26.96 -29.67
N ALA D 227 9.86 27.00 -28.76
CA ALA D 227 8.83 25.97 -28.70
C ALA D 227 7.91 26.04 -29.91
N ILE D 228 7.52 27.26 -30.29
CA ILE D 228 6.64 27.44 -31.45
C ILE D 228 7.39 27.01 -32.71
N ALA D 229 8.68 27.31 -32.79
CA ALA D 229 9.47 26.90 -33.96
C ALA D 229 9.60 25.38 -34.03
N THR D 230 9.85 24.72 -32.89
CA THR D 230 9.99 23.27 -32.88
C THR D 230 8.68 22.59 -33.27
N VAL D 231 7.58 22.99 -32.64
CA VAL D 231 6.28 22.37 -32.91
C VAL D 231 5.82 22.68 -34.32
N GLY D 232 6.10 23.89 -34.81
CA GLY D 232 5.71 24.25 -36.16
C GLY D 232 6.51 23.50 -37.21
N ALA D 233 7.81 23.31 -36.97
CA ALA D 233 8.62 22.53 -37.90
C ALA D 233 8.19 21.08 -37.93
N ALA D 234 7.84 20.52 -36.76
CA ALA D 234 7.38 19.13 -36.72
C ALA D 234 6.04 18.96 -37.42
N ILE D 235 5.09 19.86 -37.17
CA ILE D 235 3.78 19.73 -37.81
C ILE D 235 3.88 20.08 -39.29
N ARG D 236 4.83 20.92 -39.69
CA ARG D 236 5.07 21.17 -41.10
C ARG D 236 5.64 19.93 -41.78
N ARG D 237 6.52 19.21 -41.08
CA ARG D 237 7.01 17.94 -41.58
C ARG D 237 5.89 16.92 -41.69
N LYS D 238 4.91 16.97 -40.79
CA LYS D 238 3.80 16.02 -40.84
C LYS D 238 2.81 16.35 -41.95
N GLU D 239 2.43 17.63 -42.08
CA GLU D 239 1.38 18.00 -43.01
C GLU D 239 1.84 17.96 -44.46
N ASN D 240 3.12 18.25 -44.71
CA ASN D 240 3.69 18.16 -46.04
C ASN D 240 4.11 16.73 -46.43
N GLY D 241 3.73 15.71 -45.66
CA GLY D 241 3.98 14.34 -46.05
C GLY D 241 5.37 13.81 -45.78
N TRP D 242 6.23 14.58 -45.12
CA TRP D 242 7.63 14.20 -44.87
C TRP D 242 7.82 13.54 -43.51
N TYR D 243 6.85 12.71 -43.09
CA TYR D 243 6.87 11.99 -41.82
C TYR D 243 6.79 10.50 -42.07
N ASP D 244 7.51 9.74 -41.24
CA ASP D 244 7.40 8.29 -41.27
C ASP D 244 6.02 7.89 -40.78
N GLU D 245 5.23 7.26 -41.65
CA GLU D 245 3.86 6.93 -41.31
C GLU D 245 3.74 5.82 -40.26
N GLU D 246 4.81 5.10 -39.94
CA GLU D 246 4.74 4.03 -38.96
C GLU D 246 4.74 4.55 -37.53
N HIS D 247 5.64 5.48 -37.21
CA HIS D 247 5.86 5.95 -35.84
C HIS D 247 5.13 7.27 -35.61
N PRO D 248 4.22 7.42 -34.63
CA PRO D 248 3.57 8.72 -34.46
C PRO D 248 4.50 9.77 -33.89
N LEU D 249 4.08 11.02 -34.06
CA LEU D 249 4.81 12.18 -33.59
C LEU D 249 4.44 12.45 -32.13
N VAL D 250 5.46 12.59 -31.29
CA VAL D 250 5.30 12.63 -29.83
C VAL D 250 6.14 13.78 -29.29
N PHE D 251 5.50 14.69 -28.55
CA PHE D 251 6.12 15.84 -27.92
C PHE D 251 6.12 15.69 -26.41
N LEU D 252 7.10 16.33 -25.76
CA LEU D 252 7.13 16.51 -24.31
C LEU D 252 7.40 17.99 -24.06
N PHE D 253 6.39 18.69 -23.54
CA PHE D 253 6.49 20.12 -23.24
C PHE D 253 6.94 20.27 -21.80
N LEU D 254 8.17 20.73 -21.60
CA LEU D 254 8.77 20.97 -20.29
C LEU D 254 8.86 22.47 -20.03
N GLY D 255 8.65 22.85 -18.80
CA GLY D 255 8.83 24.24 -18.40
C GLY D 255 8.11 24.54 -17.11
N SER D 256 8.25 25.80 -16.68
CA SER D 256 7.62 26.29 -15.47
C SER D 256 6.10 26.36 -15.64
N SER D 257 5.43 26.77 -14.57
CA SER D 257 3.97 26.80 -14.57
C SER D 257 3.46 28.02 -15.31
N GLY D 258 2.41 27.82 -16.11
CA GLY D 258 1.71 28.91 -16.76
C GLY D 258 2.54 29.69 -17.75
N ILE D 259 3.17 28.98 -18.69
CA ILE D 259 3.94 29.59 -19.77
C ILE D 259 3.56 28.99 -21.13
N GLY D 260 2.34 28.46 -21.26
CA GLY D 260 1.80 28.10 -22.55
C GLY D 260 2.03 26.68 -23.00
N LYS D 261 2.29 25.75 -22.10
CA LYS D 261 2.41 24.35 -22.49
C LYS D 261 1.05 23.81 -22.93
N THR D 262 0.07 23.81 -22.03
CA THR D 262 -1.26 23.37 -22.37
C THR D 262 -1.92 24.29 -23.38
N GLU D 263 -1.59 25.59 -23.34
CA GLU D 263 -2.16 26.51 -24.32
C GLU D 263 -1.64 26.22 -25.72
N LEU D 264 -0.33 25.98 -25.86
CA LEU D 264 0.20 25.64 -27.17
C LEU D 264 -0.29 24.29 -27.63
N ALA D 265 -0.51 23.34 -26.72
CA ALA D 265 -1.08 22.06 -27.11
C ALA D 265 -2.52 22.23 -27.59
N LYS D 266 -3.31 23.05 -26.90
CA LYS D 266 -4.69 23.30 -27.31
C LYS D 266 -4.75 23.99 -28.65
N GLN D 267 -3.90 24.98 -28.88
CA GLN D 267 -3.92 25.69 -30.16
C GLN D 267 -3.36 24.83 -31.28
N THR D 268 -2.42 23.94 -30.98
CA THR D 268 -1.98 22.94 -31.95
C THR D 268 -3.13 22.04 -32.35
N ALA D 269 -3.94 21.61 -31.37
CA ALA D 269 -5.09 20.76 -31.69
C ALA D 269 -6.14 21.53 -32.49
N LYS D 270 -6.35 22.80 -32.16
CA LYS D 270 -7.30 23.60 -32.90
C LYS D 270 -6.84 23.86 -34.32
N TYR D 271 -5.53 23.97 -34.54
CA TYR D 271 -5.01 24.12 -35.90
C TYR D 271 -5.23 22.86 -36.71
N MET D 272 -5.00 21.70 -36.10
CA MET D 272 -5.07 20.45 -36.84
C MET D 272 -6.50 20.01 -37.13
N HIS D 273 -7.46 20.37 -36.26
CA HIS D 273 -8.83 19.86 -36.32
C HIS D 273 -9.92 20.91 -36.16
N LYS D 274 -9.60 22.18 -36.03
CA LYS D 274 -10.59 23.27 -35.89
C LYS D 274 -11.32 23.04 -34.56
N ASP D 275 -12.60 23.39 -34.48
CA ASP D 275 -13.40 23.18 -33.27
C ASP D 275 -13.92 21.75 -33.11
N ALA D 276 -13.47 20.79 -33.94
CA ALA D 276 -13.91 19.41 -33.80
C ALA D 276 -13.36 18.82 -32.52
N LYS D 277 -14.25 18.53 -31.56
CA LYS D 277 -13.84 17.98 -30.27
C LYS D 277 -13.35 16.54 -30.39
N LYS D 278 -13.69 15.83 -31.46
CA LYS D 278 -13.22 14.45 -31.63
C LYS D 278 -11.70 14.41 -31.78
N GLY D 279 -11.12 15.39 -32.45
CA GLY D 279 -9.70 15.41 -32.75
C GLY D 279 -8.87 16.14 -31.72
N PHE D 280 -9.25 16.06 -30.46
CA PHE D 280 -8.46 16.65 -29.36
C PHE D 280 -8.78 15.84 -28.11
N ILE D 281 -8.02 14.77 -27.91
CA ILE D 281 -8.28 13.78 -26.86
C ILE D 281 -7.50 14.21 -25.63
N ARG D 282 -8.06 15.12 -24.85
CA ARG D 282 -7.43 15.56 -23.62
C ARG D 282 -7.51 14.45 -22.58
N LEU D 283 -6.41 14.28 -21.83
CA LEU D 283 -6.34 13.30 -20.75
C LEU D 283 -5.50 13.90 -19.63
N ASP D 284 -6.17 14.41 -18.60
CA ASP D 284 -5.50 14.98 -17.43
C ASP D 284 -4.83 13.86 -16.65
N MET D 285 -3.52 13.74 -16.77
CA MET D 285 -2.80 12.60 -16.22
C MET D 285 -2.57 12.68 -14.72
N SER D 286 -3.00 13.75 -14.05
CA SER D 286 -2.99 13.77 -12.59
C SER D 286 -4.06 12.85 -11.99
N GLU D 287 -5.06 12.43 -12.78
CA GLU D 287 -5.98 11.38 -12.38
C GLU D 287 -5.37 9.98 -12.35
N PHE D 288 -4.18 9.79 -12.90
CA PHE D 288 -3.58 8.48 -13.17
C PHE D 288 -2.44 8.19 -12.19
N GLN D 289 -2.64 8.56 -10.92
CA GLN D 289 -1.57 8.51 -9.93
C GLN D 289 -1.25 7.11 -9.40
N GLU D 290 -1.96 6.07 -9.85
CA GLU D 290 -1.76 4.70 -9.39
C GLU D 290 -1.65 3.78 -10.58
N ARG D 291 -0.96 2.65 -10.38
CA ARG D 291 -0.65 1.70 -11.45
C ARG D 291 -1.92 1.15 -12.10
N HIS D 292 -2.97 0.96 -11.33
CA HIS D 292 -4.20 0.35 -11.84
C HIS D 292 -5.08 1.31 -12.63
N GLU D 293 -4.66 2.55 -12.86
CA GLU D 293 -5.43 3.52 -13.62
C GLU D 293 -5.28 3.37 -15.14
N VAL D 294 -4.58 2.34 -15.63
CA VAL D 294 -4.52 2.06 -17.06
C VAL D 294 -5.81 1.50 -17.63
N ALA D 295 -6.75 1.06 -16.78
CA ALA D 295 -8.03 0.59 -17.26
C ALA D 295 -8.83 1.69 -17.95
N LYS D 296 -8.60 2.95 -17.58
CA LYS D 296 -9.21 4.06 -18.30
C LYS D 296 -8.75 4.08 -19.76
N PHE D 297 -7.47 3.78 -19.99
CA PHE D 297 -6.97 3.69 -21.37
C PHE D 297 -7.57 2.48 -22.07
N ILE D 298 -7.34 1.28 -21.52
CA ILE D 298 -7.55 0.03 -22.26
C ILE D 298 -8.72 -0.78 -21.70
N GLY D 299 -9.71 -0.09 -21.14
CA GLY D 299 -10.93 -0.78 -20.75
C GLY D 299 -10.73 -1.64 -19.53
N SER D 300 -11.30 -2.85 -19.58
CA SER D 300 -11.24 -3.81 -18.49
C SER D 300 -11.23 -5.20 -19.13
N PRO D 301 -10.62 -6.20 -18.49
CA PRO D 301 -10.55 -7.52 -19.14
C PRO D 301 -11.91 -8.18 -19.20
N PRO D 302 -12.03 -9.33 -19.87
CA PRO D 302 -13.29 -10.07 -19.82
C PRO D 302 -13.61 -10.56 -18.41
N GLY D 303 -14.88 -10.47 -18.05
CA GLY D 303 -15.35 -10.94 -16.77
C GLY D 303 -15.22 -9.95 -15.64
N TYR D 304 -15.25 -8.65 -15.92
CA TYR D 304 -15.08 -7.61 -14.91
C TYR D 304 -16.00 -6.44 -15.24
N VAL D 305 -16.20 -5.58 -14.23
CA VAL D 305 -17.06 -4.42 -14.38
C VAL D 305 -16.44 -3.45 -15.38
N GLY D 306 -17.28 -2.85 -16.22
CA GLY D 306 -16.82 -1.93 -17.24
C GLY D 306 -16.18 -2.57 -18.44
N HIS D 307 -16.31 -3.89 -18.61
CA HIS D 307 -15.68 -4.54 -19.75
C HIS D 307 -16.43 -4.25 -21.05
N GLU D 308 -17.75 -4.16 -20.98
CA GLU D 308 -18.54 -3.91 -22.19
C GLU D 308 -18.30 -2.51 -22.72
N GLU D 309 -18.09 -1.53 -21.83
CA GLU D 309 -17.81 -0.17 -22.27
C GLU D 309 -16.46 -0.05 -22.97
N GLY D 310 -15.52 -0.95 -22.68
CA GLY D 310 -14.22 -0.85 -23.30
C GLY D 310 -13.44 0.35 -22.78
N GLY D 311 -12.34 0.62 -23.45
CA GLY D 311 -11.49 1.72 -23.05
C GLY D 311 -12.01 3.06 -23.50
N GLN D 312 -11.48 4.10 -22.85
CA GLN D 312 -11.86 5.48 -23.12
C GLN D 312 -10.95 6.09 -24.19
N LEU D 313 -9.63 5.99 -24.01
CA LEU D 313 -8.72 6.51 -25.02
C LEU D 313 -8.80 5.70 -26.31
N THR D 314 -8.98 4.38 -26.19
CA THR D 314 -9.09 3.57 -27.40
C THR D 314 -10.38 3.84 -28.15
N LYS D 315 -11.47 4.15 -27.43
CA LYS D 315 -12.70 4.57 -28.10
C LYS D 315 -12.52 5.92 -28.78
N LYS D 316 -11.90 6.87 -28.08
CA LYS D 316 -11.73 8.20 -28.64
C LYS D 316 -10.78 8.20 -29.84
N LEU D 317 -9.78 7.30 -29.83
CA LEU D 317 -8.86 7.17 -30.96
C LEU D 317 -9.48 6.37 -32.10
N LYS D 318 -10.41 5.47 -31.79
CA LYS D 318 -11.23 4.86 -32.84
C LYS D 318 -12.09 5.92 -33.51
N GLN D 319 -12.59 6.89 -32.75
CA GLN D 319 -13.39 7.95 -33.34
C GLN D 319 -12.56 8.88 -34.20
N CYS D 320 -11.28 9.08 -33.86
CA CYS D 320 -10.39 9.98 -34.60
C CYS D 320 -8.97 9.42 -34.46
N PRO D 321 -8.48 8.63 -35.43
CA PRO D 321 -7.11 8.09 -35.29
C PRO D 321 -6.03 9.15 -35.30
N ASN D 322 -6.18 10.21 -36.09
CA ASN D 322 -5.18 11.27 -36.22
C ASN D 322 -5.38 12.41 -35.22
N ALA D 323 -5.91 12.13 -34.04
CA ALA D 323 -6.21 13.17 -33.07
C ALA D 323 -4.94 13.63 -32.36
N VAL D 324 -5.04 14.83 -31.79
CA VAL D 324 -3.98 15.41 -30.97
C VAL D 324 -4.29 15.05 -29.52
N VAL D 325 -3.68 13.97 -29.05
CA VAL D 325 -3.91 13.48 -27.69
C VAL D 325 -2.99 14.26 -26.76
N LEU D 326 -3.58 15.03 -25.84
CA LEU D 326 -2.87 15.86 -24.89
C LEU D 326 -2.86 15.14 -23.54
N PHE D 327 -1.76 14.45 -23.25
CA PHE D 327 -1.53 13.87 -21.92
C PHE D 327 -1.03 14.98 -21.01
N ASP D 328 -1.97 15.78 -20.51
CA ASP D 328 -1.62 16.93 -19.70
C ASP D 328 -1.13 16.49 -18.33
N GLN D 329 -0.01 17.07 -17.89
CA GLN D 329 0.60 16.79 -16.59
C GLN D 329 1.00 15.32 -16.47
N VAL D 330 1.79 14.86 -17.44
CA VAL D 330 2.10 13.43 -17.57
C VAL D 330 2.93 12.94 -16.40
N ASP D 331 3.78 13.81 -15.82
CA ASP D 331 4.63 13.41 -14.71
C ASP D 331 3.85 13.07 -13.46
N LYS D 332 2.65 13.61 -13.29
CA LYS D 332 1.85 13.35 -12.10
C LYS D 332 1.22 11.96 -12.11
N ALA D 333 1.20 11.27 -13.25
CA ALA D 333 0.76 9.89 -13.30
C ALA D 333 1.83 8.96 -12.76
N HIS D 334 1.43 7.73 -12.50
CA HIS D 334 2.40 6.71 -12.11
C HIS D 334 3.29 6.41 -13.32
N PRO D 335 4.60 6.14 -13.14
CA PRO D 335 5.40 5.78 -14.32
C PRO D 335 4.99 4.46 -14.94
N ASP D 336 4.45 3.54 -14.15
CA ASP D 336 3.91 2.31 -14.71
C ASP D 336 2.69 2.57 -15.58
N VAL D 337 1.94 3.64 -15.31
CA VAL D 337 0.86 4.02 -16.20
C VAL D 337 1.42 4.59 -17.50
N LEU D 338 2.53 5.33 -17.42
CA LEU D 338 3.18 5.81 -18.64
C LEU D 338 3.83 4.70 -19.45
N THR D 339 4.06 3.53 -18.83
CA THR D 339 4.54 2.38 -19.59
C THR D 339 3.53 1.91 -20.66
N ILE D 340 2.24 2.19 -20.50
CA ILE D 340 1.28 1.84 -21.54
C ILE D 340 1.52 2.67 -22.80
N MET D 341 2.08 3.87 -22.66
CA MET D 341 2.32 4.75 -23.79
C MET D 341 3.47 4.31 -24.67
N LEU D 342 4.22 3.27 -24.29
CA LEU D 342 5.29 2.78 -25.15
C LEU D 342 4.75 2.22 -26.46
N GLN D 343 3.78 1.31 -26.37
CA GLN D 343 3.13 0.77 -27.56
C GLN D 343 2.41 1.86 -28.37
N LEU D 344 1.92 2.90 -27.69
CA LEU D 344 1.17 3.96 -28.33
C LEU D 344 2.05 5.04 -28.97
N PHE D 345 3.31 5.15 -28.55
CA PHE D 345 4.28 6.09 -29.11
C PHE D 345 5.20 5.46 -30.14
N ASP D 346 5.65 4.21 -29.96
CA ASP D 346 6.59 3.63 -30.91
C ASP D 346 5.91 3.28 -32.23
N GLU D 347 4.65 2.82 -32.16
CA GLU D 347 3.92 2.31 -33.32
C GLU D 347 2.46 2.73 -33.40
N GLY D 348 1.94 3.45 -32.40
CA GLY D 348 0.56 3.91 -32.47
C GLY D 348 -0.43 2.78 -32.38
N ARG D 349 -0.37 2.00 -31.30
CA ARG D 349 -1.30 0.91 -31.06
C ARG D 349 -1.58 0.81 -29.57
N LEU D 350 -2.82 0.43 -29.26
CA LEU D 350 -3.30 0.45 -27.87
C LEU D 350 -4.47 -0.54 -27.81
N THR D 351 -4.15 -1.81 -27.56
CA THR D 351 -5.17 -2.85 -27.56
C THR D 351 -6.04 -2.74 -26.32
N ASP D 352 -7.35 -2.71 -26.53
CA ASP D 352 -8.30 -2.47 -25.44
C ASP D 352 -8.51 -3.76 -24.65
N GLY D 353 -9.47 -3.75 -23.73
CA GLY D 353 -9.78 -4.94 -22.97
C GLY D 353 -10.41 -6.02 -23.82
N LYS D 354 -11.18 -5.65 -24.83
CA LYS D 354 -11.81 -6.58 -25.75
C LYS D 354 -10.86 -7.06 -26.87
N GLY D 355 -9.56 -6.77 -26.80
CA GLY D 355 -8.61 -7.23 -27.79
C GLY D 355 -8.55 -6.43 -29.08
N LYS D 356 -9.38 -5.41 -29.24
CA LYS D 356 -9.44 -4.66 -30.48
C LYS D 356 -8.35 -3.59 -30.49
N THR D 357 -7.32 -3.82 -31.30
CA THR D 357 -6.27 -2.84 -31.50
C THR D 357 -6.74 -1.74 -32.43
N ILE D 358 -6.26 -0.52 -32.18
CA ILE D 358 -6.59 0.68 -32.96
C ILE D 358 -5.28 1.29 -33.44
N ASP D 359 -5.23 1.58 -34.74
CA ASP D 359 -4.08 2.28 -35.32
C ASP D 359 -4.18 3.76 -34.97
N CYS D 360 -3.11 4.28 -34.35
CA CYS D 360 -3.02 5.67 -33.89
C CYS D 360 -1.77 6.33 -34.43
N LYS D 361 -1.33 5.93 -35.63
CA LYS D 361 -0.03 6.35 -36.13
C LYS D 361 -0.02 7.81 -36.56
N ASP D 362 -1.15 8.31 -37.08
CA ASP D 362 -1.25 9.71 -37.49
C ASP D 362 -1.49 10.66 -36.32
N ALA D 363 -1.57 10.18 -35.08
CA ALA D 363 -1.86 11.05 -33.95
C ALA D 363 -0.64 11.87 -33.57
N ILE D 364 -0.89 13.05 -33.01
CA ILE D 364 0.13 13.98 -32.51
C ILE D 364 0.02 13.98 -31.00
N PHE D 365 0.76 13.10 -30.34
CA PHE D 365 0.74 13.03 -28.89
C PHE D 365 1.55 14.18 -28.32
N ILE D 366 0.98 14.86 -27.33
CA ILE D 366 1.61 15.97 -26.62
C ILE D 366 1.53 15.67 -25.14
N MET D 367 2.63 15.91 -24.44
CA MET D 367 2.79 15.57 -23.03
C MET D 367 3.29 16.79 -22.28
N THR D 368 2.38 17.50 -21.62
CA THR D 368 2.75 18.61 -20.77
C THR D 368 3.29 18.08 -19.44
N SER D 369 4.36 18.70 -18.95
CA SER D 369 4.98 18.29 -17.71
C SER D 369 5.77 19.44 -17.12
N ASN D 370 5.84 19.47 -15.79
CA ASN D 370 6.65 20.42 -15.03
C ASN D 370 7.91 19.77 -14.46
N VAL D 371 8.44 18.75 -15.14
CA VAL D 371 9.64 18.07 -14.68
C VAL D 371 10.84 18.91 -15.07
N ALA D 372 11.73 19.16 -14.12
CA ALA D 372 12.86 20.06 -14.28
C ALA D 372 12.40 21.47 -14.64
N SER D 373 11.28 21.89 -14.06
CA SER D 373 10.80 23.25 -14.26
C SER D 373 11.72 24.26 -13.59
N ASP D 374 12.16 23.94 -12.37
CA ASP D 374 13.08 24.83 -11.65
C ASP D 374 14.42 24.90 -12.37
N GLU D 375 14.90 23.79 -12.91
CA GLU D 375 16.18 23.79 -13.59
C GLU D 375 16.10 24.56 -14.90
N ILE D 376 15.02 24.38 -15.67
CA ILE D 376 14.86 25.12 -16.92
C ILE D 376 14.72 26.61 -16.64
N ALA D 377 13.95 26.97 -15.61
CA ALA D 377 13.76 28.37 -15.27
C ALA D 377 15.06 29.02 -14.81
N GLN D 378 15.81 28.32 -13.96
CA GLN D 378 17.08 28.88 -13.48
C GLN D 378 18.09 28.98 -14.60
N HIS D 379 18.14 28.01 -15.52
CA HIS D 379 19.09 28.09 -16.62
C HIS D 379 18.70 29.19 -17.59
N ALA D 380 17.41 29.39 -17.83
CA ALA D 380 16.98 30.46 -18.72
C ALA D 380 17.27 31.83 -18.11
N LEU D 381 17.04 31.98 -16.80
CA LEU D 381 17.35 33.24 -16.14
C LEU D 381 18.86 33.49 -16.12
N GLN D 382 19.65 32.43 -15.92
CA GLN D 382 21.11 32.57 -15.96
C GLN D 382 21.59 32.96 -17.35
N LEU D 383 21.02 32.37 -18.40
CA LEU D 383 21.41 32.73 -19.76
C LEU D 383 20.99 34.14 -20.09
N ARG D 384 19.84 34.59 -19.60
CA ARG D 384 19.43 35.98 -19.84
C ARG D 384 20.32 36.96 -19.08
N GLN D 385 20.74 36.59 -17.86
CA GLN D 385 21.67 37.44 -17.13
C GLN D 385 23.02 37.53 -17.84
N GLU D 386 23.51 36.40 -18.36
CA GLU D 386 24.76 36.41 -19.11
C GLU D 386 24.62 37.21 -20.41
N ALA D 387 23.47 37.12 -21.06
CA ALA D 387 23.24 37.89 -22.28
C ALA D 387 23.19 39.38 -21.99
N LEU D 388 22.56 39.77 -20.88
CA LEU D 388 22.54 41.18 -20.49
C LEU D 388 23.93 41.66 -20.12
N GLU D 389 24.73 40.80 -19.48
CA GLU D 389 26.11 41.14 -19.14
C GLU D 389 26.93 41.38 -20.40
N MET D 390 26.84 40.46 -21.36
CA MET D 390 27.56 40.63 -22.62
C MET D 390 27.05 41.84 -23.40
N SER D 391 25.75 42.13 -23.30
CA SER D 391 25.20 43.28 -24.01
C SER D 391 25.73 44.58 -23.44
N ARG D 392 25.73 44.73 -22.10
CA ARG D 392 26.24 45.95 -21.51
C ARG D 392 27.76 46.06 -21.67
N ASN D 393 28.47 44.93 -21.70
CA ASN D 393 29.91 44.98 -21.96
C ASN D 393 30.20 45.44 -23.38
N ARG D 394 29.43 44.93 -24.37
CA ARG D 394 29.61 45.39 -25.73
C ARG D 394 29.20 46.84 -25.90
N ILE D 395 28.18 47.28 -25.16
CA ILE D 395 27.79 48.69 -25.20
C ILE D 395 28.87 49.57 -24.58
N ALA D 396 29.58 49.06 -23.57
CA ALA D 396 30.67 49.82 -22.98
C ALA D 396 31.82 50.01 -23.97
N GLU D 397 32.05 49.05 -24.86
CA GLU D 397 33.09 49.17 -25.86
C GLU D 397 32.73 50.25 -26.89
N THR D 409 18.75 30.44 -25.76
CA THR D 409 18.84 29.13 -26.41
C THR D 409 19.43 28.09 -25.47
N ILE D 410 18.63 27.06 -25.18
CA ILE D 410 19.08 25.98 -24.30
C ILE D 410 20.10 25.13 -25.04
N SER D 411 21.27 24.97 -24.45
CA SER D 411 22.35 24.20 -25.08
C SER D 411 22.10 22.71 -24.91
N LYS D 412 22.66 21.93 -25.84
CA LYS D 412 22.47 20.48 -25.81
C LYS D 412 23.15 19.85 -24.59
N ASN D 413 24.24 20.44 -24.12
CA ASN D 413 24.90 19.93 -22.92
C ASN D 413 23.99 20.07 -21.71
N PHE D 414 23.19 21.14 -21.65
CA PHE D 414 22.23 21.27 -20.57
C PHE D 414 21.11 20.24 -20.70
N LYS D 415 20.72 19.90 -21.92
CA LYS D 415 19.67 18.91 -22.10
C LYS D 415 20.16 17.52 -21.71
N GLU D 416 21.42 17.20 -22.01
CA GLU D 416 21.96 15.86 -21.78
C GLU D 416 22.54 15.66 -20.39
N ASN D 417 23.01 16.72 -19.73
CA ASN D 417 23.68 16.63 -18.43
C ASN D 417 22.78 16.97 -17.26
N VAL D 418 21.84 17.92 -17.43
CA VAL D 418 20.97 18.39 -16.35
C VAL D 418 19.59 17.78 -16.52
N ILE D 419 18.96 18.01 -17.67
CA ILE D 419 17.56 17.66 -17.84
C ILE D 419 17.38 16.16 -18.09
N ARG D 420 18.32 15.53 -18.79
CA ARG D 420 18.20 14.10 -19.08
C ARG D 420 18.25 13.24 -17.82
N PRO D 421 19.16 13.47 -16.85
CA PRO D 421 19.07 12.73 -15.60
C PRO D 421 17.79 13.00 -14.81
N ILE D 422 17.25 14.22 -14.87
CA ILE D 422 16.04 14.52 -14.12
C ILE D 422 14.85 13.78 -14.73
N LEU D 423 14.77 13.77 -16.07
CA LEU D 423 13.72 13.02 -16.74
C LEU D 423 13.87 11.53 -16.52
N LYS D 424 15.11 11.02 -16.55
CA LYS D 424 15.33 9.60 -16.29
C LYS D 424 14.99 9.24 -14.85
N ALA D 425 15.17 10.17 -13.92
CA ALA D 425 14.79 9.91 -12.54
C ALA D 425 13.28 9.88 -12.38
N HIS D 426 12.58 10.84 -12.99
CA HIS D 426 11.14 10.92 -12.76
C HIS D 426 10.38 9.85 -13.55
N PHE D 427 10.69 9.71 -14.84
CA PHE D 427 9.98 8.77 -15.69
C PHE D 427 10.50 7.34 -15.56
N ARG D 428 11.74 7.15 -15.11
CA ARG D 428 12.29 5.86 -14.71
C ARG D 428 12.45 4.86 -15.84
N ARG D 429 12.35 5.29 -17.11
CA ARG D 429 12.40 4.38 -18.25
C ARG D 429 13.00 5.13 -19.43
N ASP D 430 14.19 4.70 -19.85
CA ASP D 430 14.85 5.35 -20.97
C ASP D 430 14.13 5.10 -22.28
N GLU D 431 13.41 3.98 -22.41
CA GLU D 431 12.68 3.71 -23.64
C GLU D 431 11.54 4.72 -23.84
N PHE D 432 10.86 5.10 -22.75
CA PHE D 432 9.79 6.09 -22.84
C PHE D 432 10.32 7.44 -23.29
N LEU D 433 11.49 7.83 -22.80
CA LEU D 433 12.10 9.08 -23.23
C LEU D 433 12.65 8.97 -24.65
N GLY D 434 13.08 7.77 -25.07
CA GLY D 434 13.55 7.59 -26.42
C GLY D 434 12.45 7.66 -27.46
N ARG D 435 11.24 7.26 -27.09
CA ARG D 435 10.13 7.35 -28.03
C ARG D 435 9.70 8.79 -28.31
N ILE D 436 10.04 9.75 -27.46
CA ILE D 436 9.62 11.13 -27.66
C ILE D 436 10.41 11.71 -28.84
N ASN D 437 9.69 12.32 -29.77
CA ASN D 437 10.33 12.91 -30.95
C ASN D 437 11.04 14.21 -30.60
N GLU D 438 10.41 15.06 -29.80
CA GLU D 438 10.91 16.40 -29.52
C GLU D 438 10.53 16.77 -28.09
N ILE D 439 11.53 16.82 -27.21
CA ILE D 439 11.35 17.36 -25.85
C ILE D 439 11.45 18.87 -25.98
N VAL D 440 10.32 19.56 -25.92
CA VAL D 440 10.25 21.00 -26.11
C VAL D 440 10.47 21.67 -24.77
N TYR D 441 11.17 22.80 -24.80
CA TYR D 441 11.58 23.56 -23.62
C TYR D 441 10.90 24.93 -23.64
N PHE D 442 9.93 25.11 -22.75
CA PHE D 442 9.26 26.39 -22.56
C PHE D 442 9.99 27.16 -21.46
N LEU D 443 10.46 28.36 -21.79
CA LEU D 443 11.26 29.20 -20.91
C LEU D 443 10.38 30.21 -20.19
N PRO D 444 10.84 30.82 -19.09
CA PRO D 444 10.05 31.88 -18.46
C PRO D 444 10.03 33.12 -19.33
N PHE D 445 9.20 34.08 -18.92
CA PHE D 445 8.95 35.28 -19.70
C PHE D 445 9.99 36.34 -19.42
N CYS D 446 10.53 36.94 -20.48
CA CYS D 446 11.28 38.18 -20.36
C CYS D 446 10.30 39.32 -20.09
N HIS D 447 10.85 40.49 -19.75
CA HIS D 447 10.03 41.62 -19.32
C HIS D 447 9.16 42.14 -20.45
N SER D 448 9.66 42.10 -21.69
CA SER D 448 8.84 42.46 -22.84
C SER D 448 7.68 41.49 -22.99
N GLU D 449 7.93 40.21 -22.73
CA GLU D 449 6.86 39.23 -22.80
C GLU D 449 5.86 39.42 -21.66
N LEU D 450 6.31 39.93 -20.51
CA LEU D 450 5.36 40.27 -19.45
C LEU D 450 4.47 41.44 -19.84
N ILE D 451 5.05 42.47 -20.47
CA ILE D 451 4.26 43.60 -20.91
C ILE D 451 3.28 43.15 -21.99
N GLN D 452 3.71 42.23 -22.86
CA GLN D 452 2.81 41.70 -23.88
C GLN D 452 1.69 40.87 -23.26
N LEU D 453 1.99 40.12 -22.20
CA LEU D 453 0.95 39.34 -21.53
C LEU D 453 -0.06 40.24 -20.84
N VAL D 454 0.41 41.32 -20.21
CA VAL D 454 -0.49 42.25 -19.56
C VAL D 454 -1.36 42.95 -20.60
N ASN D 455 -0.76 43.32 -21.74
CA ASN D 455 -1.55 43.92 -22.81
C ASN D 455 -2.56 42.92 -23.38
N LYS D 456 -2.20 41.64 -23.43
CA LYS D 456 -3.15 40.62 -23.89
C LYS D 456 -4.33 40.50 -22.94
N GLU D 457 -4.06 40.49 -21.63
CA GLU D 457 -5.14 40.36 -20.67
C GLU D 457 -6.02 41.61 -20.65
N LEU D 458 -5.40 42.79 -20.72
CA LEU D 458 -6.19 44.02 -20.78
C LEU D 458 -6.97 44.11 -22.09
N ASN D 459 -6.43 43.59 -23.19
CA ASN D 459 -7.19 43.56 -24.43
C ASN D 459 -8.35 42.59 -24.36
N PHE D 460 -8.18 41.47 -23.64
CA PHE D 460 -9.27 40.54 -23.42
C PHE D 460 -10.41 41.19 -22.66
N TRP D 461 -10.07 41.90 -21.57
CA TRP D 461 -11.11 42.56 -20.79
C TRP D 461 -11.70 43.75 -21.53
N ALA D 462 -10.90 44.43 -22.37
CA ALA D 462 -11.45 45.50 -23.18
C ALA D 462 -12.41 44.96 -24.24
N LYS D 463 -12.09 43.82 -24.84
CA LYS D 463 -13.00 43.19 -25.79
C LYS D 463 -14.29 42.75 -25.13
N ARG D 464 -14.20 42.20 -23.91
CA ARG D 464 -15.41 41.82 -23.19
C ARG D 464 -16.24 43.04 -22.82
N ALA D 465 -15.58 44.12 -22.40
CA ALA D 465 -16.31 45.34 -22.03
C ALA D 465 -16.95 45.99 -23.24
N LYS D 466 -16.30 45.92 -24.41
CA LYS D 466 -16.86 46.53 -25.61
C LYS D 466 -17.98 45.68 -26.20
N GLN D 467 -17.82 44.35 -26.19
CA GLN D 467 -18.84 43.48 -26.76
C GLN D 467 -20.06 43.40 -25.85
N ARG D 468 -19.85 43.03 -24.59
CA ARG D 468 -20.98 42.82 -23.69
C ARG D 468 -21.64 44.14 -23.31
N HIS D 469 -20.86 45.05 -22.72
CA HIS D 469 -21.38 46.26 -22.09
C HIS D 469 -21.17 47.54 -22.88
N ASN D 470 -20.35 47.52 -23.95
CA ASN D 470 -20.02 48.70 -24.76
C ASN D 470 -19.37 49.78 -23.89
N ILE D 471 -18.13 49.46 -23.48
CA ILE D 471 -17.28 50.35 -22.70
C ILE D 471 -15.92 50.32 -23.36
N THR D 472 -15.55 51.40 -24.04
CA THR D 472 -14.25 51.47 -24.67
C THR D 472 -13.15 51.61 -23.63
N LEU D 473 -12.63 50.47 -23.16
CA LEU D 473 -11.62 50.47 -22.12
C LEU D 473 -10.25 50.77 -22.72
N LEU D 474 -9.54 51.71 -22.10
CA LEU D 474 -8.22 52.17 -22.54
C LEU D 474 -7.28 52.18 -21.34
N TRP D 475 -5.99 52.31 -21.64
CA TRP D 475 -4.96 52.34 -20.61
C TRP D 475 -3.68 52.88 -21.20
N ASP D 476 -2.71 53.13 -20.34
CA ASP D 476 -1.39 53.65 -20.68
C ASP D 476 -0.35 52.55 -20.54
N ARG D 477 0.86 52.84 -21.01
CA ARG D 477 1.97 51.90 -20.82
C ARG D 477 2.34 51.78 -19.35
N GLU D 478 2.15 52.86 -18.56
CA GLU D 478 2.45 52.80 -17.15
C GLU D 478 1.54 51.82 -16.41
N VAL D 479 0.32 51.60 -16.91
CA VAL D 479 -0.57 50.61 -16.31
C VAL D 479 0.01 49.22 -16.47
N ALA D 480 0.54 48.92 -17.66
CA ALA D 480 1.17 47.62 -17.88
C ALA D 480 2.44 47.48 -17.05
N ASP D 481 3.21 48.56 -16.92
CA ASP D 481 4.43 48.50 -16.11
C ASP D 481 4.10 48.29 -14.63
N VAL D 482 2.98 48.84 -14.16
CA VAL D 482 2.57 48.66 -12.77
C VAL D 482 2.07 47.23 -12.56
N LEU D 483 1.31 46.70 -13.52
CA LEU D 483 0.78 45.35 -13.37
C LEU D 483 1.83 44.27 -13.59
N VAL D 484 2.96 44.59 -14.24
CA VAL D 484 4.05 43.62 -14.36
C VAL D 484 4.65 43.29 -13.00
N ASP D 485 4.59 44.22 -12.03
CA ASP D 485 5.15 43.97 -10.71
C ASP D 485 4.45 42.84 -9.97
N GLY D 486 3.20 42.53 -10.31
CA GLY D 486 2.53 41.36 -9.79
C GLY D 486 2.96 40.04 -10.39
N TYR D 487 3.86 40.04 -11.35
CA TYR D 487 4.31 38.78 -11.96
C TYR D 487 5.15 37.99 -10.99
N ASN D 488 4.76 36.74 -10.75
CA ASN D 488 5.54 35.78 -9.99
C ASN D 488 6.21 34.84 -10.99
N VAL D 489 7.51 34.61 -10.81
CA VAL D 489 8.26 33.77 -11.74
C VAL D 489 7.78 32.33 -11.68
N HIS D 490 7.32 31.87 -10.51
CA HIS D 490 6.93 30.48 -10.37
C HIS D 490 5.58 30.20 -11.03
N TYR D 491 4.65 31.14 -10.92
CA TYR D 491 3.28 30.94 -11.40
C TYR D 491 3.09 31.34 -12.86
N GLY D 492 3.95 32.20 -13.39
CA GLY D 492 3.93 32.49 -14.82
C GLY D 492 2.86 33.48 -15.23
N ALA D 493 2.20 33.18 -16.35
CA ALA D 493 1.17 34.07 -16.87
C ALA D 493 -0.07 34.12 -16.01
N ARG D 494 -0.31 33.09 -15.19
CA ARG D 494 -1.47 33.10 -14.30
C ARG D 494 -1.37 34.22 -13.26
N SER D 495 -0.16 34.57 -12.84
CA SER D 495 0.01 35.67 -11.90
C SER D 495 -0.39 37.00 -12.53
N ILE D 496 -0.09 37.18 -13.81
CA ILE D 496 -0.50 38.41 -14.49
C ILE D 496 -2.01 38.45 -14.64
N LYS D 497 -2.64 37.32 -14.94
CA LYS D 497 -4.09 37.27 -15.07
C LYS D 497 -4.76 37.57 -13.73
N HIS D 498 -4.23 37.01 -12.65
CA HIS D 498 -4.80 37.26 -11.34
C HIS D 498 -4.54 38.69 -10.89
N GLU D 499 -3.40 39.28 -11.27
CA GLU D 499 -3.14 40.67 -10.93
C GLU D 499 -4.07 41.60 -11.68
N VAL D 500 -4.35 41.29 -12.94
CA VAL D 500 -5.29 42.10 -13.70
C VAL D 500 -6.70 41.93 -13.14
N GLU D 501 -7.04 40.74 -12.68
CA GLU D 501 -8.35 40.52 -12.09
C GLU D 501 -8.49 41.25 -10.77
N ARG D 502 -7.43 41.26 -9.96
CA ARG D 502 -7.45 42.00 -8.69
C ARG D 502 -7.52 43.50 -8.93
N ARG D 503 -6.50 44.05 -9.60
CA ARG D 503 -6.33 45.50 -9.62
C ARG D 503 -7.34 46.17 -10.55
N VAL D 504 -7.52 45.62 -11.75
CA VAL D 504 -8.29 46.30 -12.80
C VAL D 504 -9.73 45.82 -12.78
N VAL D 505 -9.95 44.51 -12.89
CA VAL D 505 -11.28 44.03 -13.25
C VAL D 505 -12.24 44.12 -12.06
N ASN D 506 -11.74 44.04 -10.83
CA ASN D 506 -12.61 44.24 -9.68
C ASN D 506 -13.15 45.65 -9.63
N GLN D 507 -12.31 46.63 -9.99
CA GLN D 507 -12.78 48.00 -10.08
C GLN D 507 -13.82 48.16 -11.18
N LEU D 508 -13.63 47.47 -12.31
CA LEU D 508 -14.61 47.53 -13.38
C LEU D 508 -15.94 46.91 -12.97
N ALA D 509 -15.89 45.79 -12.24
CA ALA D 509 -17.12 45.15 -11.79
C ALA D 509 -17.83 45.99 -10.74
N ALA D 510 -17.07 46.62 -9.85
CA ALA D 510 -17.67 47.49 -8.85
C ALA D 510 -18.28 48.73 -9.49
N ALA D 511 -17.62 49.30 -10.50
CA ALA D 511 -18.18 50.45 -11.19
C ALA D 511 -19.40 50.07 -12.01
N TYR D 512 -19.41 48.86 -12.59
CA TYR D 512 -20.56 48.43 -13.38
C TYR D 512 -21.75 48.13 -12.49
N GLU D 513 -21.52 47.53 -11.32
CA GLU D 513 -22.62 47.24 -10.41
C GLU D 513 -23.23 48.52 -9.86
N GLN D 514 -22.43 49.55 -9.65
CA GLN D 514 -22.90 50.85 -9.20
C GLN D 514 -23.44 51.73 -10.32
N ASP D 515 -23.58 51.21 -11.55
CA ASP D 515 -24.09 51.97 -12.70
C ASP D 515 -23.25 53.19 -13.03
N LEU D 516 -21.95 53.13 -12.75
CA LEU D 516 -21.00 54.20 -13.08
C LEU D 516 -20.43 54.07 -14.48
N LEU D 517 -20.51 52.89 -15.11
CA LEU D 517 -20.04 52.63 -16.47
C LEU D 517 -21.25 52.50 -17.41
N PRO D 518 -21.85 53.60 -17.85
CA PRO D 518 -22.95 53.48 -18.81
C PRO D 518 -22.45 53.00 -20.16
N GLY D 519 -23.39 52.66 -21.02
CA GLY D 519 -23.04 52.21 -22.36
C GLY D 519 -22.42 53.33 -23.18
N GLY D 520 -21.34 52.98 -23.88
CA GLY D 520 -20.69 53.92 -24.78
C GLY D 520 -19.73 54.89 -24.13
N CYS D 521 -19.20 54.55 -22.95
CA CYS D 521 -18.27 55.41 -22.22
C CYS D 521 -16.85 54.96 -22.45
N THR D 522 -15.95 55.92 -22.64
CA THR D 522 -14.52 55.69 -22.72
C THR D 522 -13.96 55.71 -21.30
N LEU D 523 -13.34 54.60 -20.89
CA LEU D 523 -12.92 54.34 -19.51
C LEU D 523 -11.43 54.07 -19.51
N ARG D 524 -10.64 55.08 -19.13
CA ARG D 524 -9.19 54.99 -19.13
C ARG D 524 -8.69 54.59 -17.74
N ILE D 525 -7.87 53.55 -17.70
CA ILE D 525 -7.17 53.18 -16.47
C ILE D 525 -5.94 54.08 -16.36
N THR D 526 -5.64 54.51 -15.13
CA THR D 526 -4.59 55.50 -14.89
C THR D 526 -3.91 55.19 -13.56
N VAL D 527 -2.62 55.48 -13.52
CA VAL D 527 -1.80 55.27 -12.33
C VAL D 527 -1.80 56.57 -11.52
N GLU D 528 -2.08 56.46 -10.23
CA GLU D 528 -2.15 57.61 -9.34
C GLU D 528 -0.75 58.00 -8.88
N PRO D 550 1.91 51.75 -6.53
CA PRO D 550 1.09 52.58 -7.40
C PRO D 550 -0.29 51.97 -7.66
N LYS D 551 -1.34 52.72 -7.31
CA LYS D 551 -2.70 52.25 -7.42
C LYS D 551 -3.29 52.64 -8.77
N LEU D 552 -3.91 51.68 -9.45
CA LEU D 552 -4.64 51.94 -10.67
C LEU D 552 -5.99 52.56 -10.34
N ARG D 553 -6.40 53.52 -11.17
CA ARG D 553 -7.63 54.28 -10.96
C ARG D 553 -8.30 54.47 -12.30
N LEU D 554 -9.60 54.20 -12.36
CA LEU D 554 -10.37 54.38 -13.58
C LEU D 554 -10.70 55.85 -13.78
N GLU D 555 -10.98 56.21 -15.03
CA GLU D 555 -11.26 57.60 -15.41
C GLU D 555 -12.20 57.56 -16.61
N ILE D 556 -13.48 57.81 -16.36
CA ILE D 556 -14.44 57.94 -17.44
C ILE D 556 -14.16 59.25 -18.18
N ILE D 557 -14.28 59.20 -19.51
CA ILE D 557 -13.93 60.30 -20.41
C ILE D 557 -15.18 60.72 -21.16
N ASP D 558 -15.36 62.03 -21.33
CA ASP D 558 -16.46 62.65 -22.07
C ASP D 558 -15.96 63.61 -23.16
N LYS D 559 -14.92 64.38 -22.88
CA LYS D 559 -14.27 65.27 -23.85
C LYS D 559 -12.76 65.14 -23.64
N ASP D 560 -12.00 66.05 -24.24
CA ASP D 560 -10.54 66.00 -24.10
C ASP D 560 -10.11 66.29 -22.67
N SER D 561 -10.52 67.44 -22.13
CA SER D 561 -10.15 67.82 -20.77
C SER D 561 -10.96 67.07 -19.72
N LYS D 562 -12.23 66.78 -20.01
CA LYS D 562 -13.12 66.17 -19.03
C LYS D 562 -12.75 64.70 -18.85
N THR D 563 -12.00 64.40 -17.77
CA THR D 563 -11.56 63.03 -17.43
C THR D 563 -11.70 62.86 -15.92
N ARG D 564 -12.93 62.58 -15.47
CA ARG D 564 -13.23 62.47 -14.05
C ARG D 564 -13.00 61.06 -13.55
N ARG D 565 -12.40 60.94 -12.37
CA ARG D 565 -12.25 59.64 -11.72
C ARG D 565 -13.60 59.19 -11.17
N LEU D 566 -13.80 57.87 -11.14
CA LEU D 566 -15.03 57.27 -10.64
C LEU D 566 -14.89 56.99 -9.16
N ASP D 567 -15.90 57.40 -8.38
CA ASP D 567 -15.94 57.17 -6.95
C ASP D 567 -16.58 55.81 -6.71
N ILE D 568 -15.73 54.77 -6.67
CA ILE D 568 -16.18 53.40 -6.46
C ILE D 568 -16.33 53.20 -4.95
N ARG D 569 -17.55 53.35 -4.44
CA ARG D 569 -17.80 53.14 -3.02
C ARG D 569 -17.68 51.65 -2.68
N ALA D 570 -17.46 51.38 -1.40
CA ALA D 570 -17.28 50.01 -0.92
C ALA D 570 -18.57 49.22 -1.04
N SER E 192 4.86 -40.26 -57.88
CA SER E 192 3.96 -40.29 -56.72
C SER E 192 3.90 -38.93 -56.06
N GLU E 193 2.94 -38.77 -55.13
CA GLU E 193 2.79 -37.49 -54.44
C GLU E 193 3.90 -37.27 -53.42
N ALA E 194 4.44 -38.35 -52.84
CA ALA E 194 5.52 -38.20 -51.86
C ALA E 194 6.78 -37.65 -52.51
N LYS E 195 7.06 -38.06 -53.75
CA LYS E 195 8.22 -37.51 -54.46
C LYS E 195 8.02 -36.03 -54.76
N TYR E 196 6.80 -35.62 -55.10
CA TYR E 196 6.54 -34.20 -55.34
C TYR E 196 6.66 -33.40 -54.05
N GLN E 197 6.21 -33.96 -52.93
CA GLN E 197 6.36 -33.28 -51.64
C GLN E 197 7.82 -33.16 -51.25
N GLU E 198 8.61 -34.20 -51.50
CA GLU E 198 10.04 -34.13 -51.21
C GLU E 198 10.73 -33.12 -52.10
N LYS E 199 10.31 -33.02 -53.36
CA LYS E 199 10.87 -32.02 -54.26
C LYS E 199 10.50 -30.61 -53.82
N GLN E 200 9.27 -30.42 -53.33
CA GLN E 200 8.87 -29.11 -52.82
C GLN E 200 9.66 -28.75 -51.56
N ARG E 201 9.91 -29.74 -50.70
CA ARG E 201 10.73 -29.51 -49.52
C ARG E 201 12.17 -29.15 -49.89
N LYS E 202 12.72 -29.83 -50.90
CA LYS E 202 14.07 -29.50 -51.35
C LYS E 202 14.12 -28.12 -51.98
N ARG E 203 13.07 -27.73 -52.71
CA ARG E 203 13.02 -26.39 -53.28
C ARG E 203 12.93 -25.32 -52.20
N GLU E 204 12.13 -25.58 -51.15
CA GLU E 204 12.05 -24.63 -50.05
C GLU E 204 13.38 -24.55 -49.29
N ALA E 205 14.08 -25.68 -49.16
CA ALA E 205 15.38 -25.68 -48.49
C ALA E 205 16.41 -24.91 -49.32
N GLU E 206 16.37 -25.06 -50.65
CA GLU E 206 17.27 -24.31 -51.50
C GLU E 206 16.94 -22.82 -51.48
N GLU E 207 15.65 -22.48 -51.36
CA GLU E 207 15.27 -21.08 -51.23
C GLU E 207 15.79 -20.49 -49.93
N ARG E 208 15.65 -21.24 -48.83
CA ARG E 208 16.14 -20.76 -47.54
C ARG E 208 17.66 -20.68 -47.51
N ARG E 209 18.34 -21.57 -48.23
CA ARG E 209 19.79 -21.51 -48.31
C ARG E 209 20.27 -20.37 -49.21
N ARG E 210 19.48 -19.99 -50.22
CA ARG E 210 19.89 -18.92 -51.11
C ARG E 210 19.81 -17.56 -50.43
N PHE E 211 18.81 -17.37 -49.56
CA PHE E 211 18.54 -16.08 -48.92
C PHE E 211 17.97 -16.35 -47.53
N PRO E 212 18.81 -16.79 -46.57
CA PRO E 212 18.29 -17.20 -45.26
C PRO E 212 17.77 -16.04 -44.43
N LEU E 213 17.27 -16.35 -43.23
CA LEU E 213 16.78 -15.33 -42.32
C LEU E 213 17.88 -14.38 -41.86
N GLU E 214 19.15 -14.81 -41.87
CA GLU E 214 20.24 -13.93 -41.47
C GLU E 214 20.38 -12.75 -42.44
N GLN E 215 20.36 -13.00 -43.74
CA GLN E 215 20.46 -11.92 -44.70
C GLN E 215 19.19 -11.06 -44.68
N ARG E 216 18.03 -11.71 -44.51
CA ARG E 216 16.77 -10.96 -44.48
C ARG E 216 16.69 -10.05 -43.26
N LEU E 217 17.33 -10.44 -42.14
CA LEU E 217 17.41 -9.57 -40.98
C LEU E 217 18.52 -8.53 -41.13
N LYS E 218 19.59 -8.85 -41.84
CA LYS E 218 20.63 -7.86 -42.11
C LYS E 218 20.16 -6.79 -43.08
N GLU E 219 19.12 -7.05 -43.87
CA GLU E 219 18.51 -5.99 -44.67
C GLU E 219 17.95 -4.90 -43.78
N HIS E 220 17.28 -5.29 -42.68
CA HIS E 220 16.63 -4.37 -41.76
C HIS E 220 17.49 -4.07 -40.54
N ILE E 221 17.88 -5.10 -39.79
CA ILE E 221 18.67 -4.90 -38.58
C ILE E 221 20.09 -4.55 -38.97
N ILE E 222 20.65 -3.55 -38.27
CA ILE E 222 22.05 -3.14 -38.38
C ILE E 222 22.75 -3.60 -37.12
N GLY E 223 23.90 -4.23 -37.27
CA GLY E 223 24.52 -4.84 -36.12
C GLY E 223 23.68 -6.00 -35.63
N GLN E 224 23.84 -6.30 -34.34
CA GLN E 224 23.14 -7.40 -33.68
C GLN E 224 23.48 -8.73 -34.35
N GLU E 225 24.76 -8.91 -34.67
CA GLU E 225 25.18 -10.11 -35.39
C GLU E 225 25.03 -11.35 -34.52
N SER E 226 25.32 -11.23 -33.22
CA SER E 226 25.13 -12.36 -32.32
C SER E 226 23.66 -12.71 -32.18
N ALA E 227 22.80 -11.70 -32.08
CA ALA E 227 21.37 -11.95 -31.95
C ALA E 227 20.78 -12.53 -33.22
N ILE E 228 21.20 -12.00 -34.37
CA ILE E 228 20.72 -12.51 -35.65
C ILE E 228 21.19 -13.94 -35.84
N ALA E 229 22.43 -14.23 -35.42
CA ALA E 229 22.93 -15.60 -35.54
C ALA E 229 22.19 -16.55 -34.61
N THR E 230 21.86 -16.10 -33.40
CA THR E 230 21.13 -16.96 -32.46
C THR E 230 19.72 -17.26 -32.96
N VAL E 231 18.98 -16.22 -33.34
CA VAL E 231 17.61 -16.40 -33.82
C VAL E 231 17.60 -17.17 -35.13
N GLY E 232 18.60 -16.94 -35.98
CA GLY E 232 18.67 -17.68 -37.24
C GLY E 232 19.01 -19.14 -37.04
N ALA E 233 19.90 -19.45 -36.11
CA ALA E 233 20.21 -20.83 -35.80
C ALA E 233 19.00 -21.54 -35.22
N ALA E 234 18.24 -20.86 -34.36
CA ALA E 234 17.07 -21.47 -33.76
C ALA E 234 15.98 -21.72 -34.80
N ILE E 235 15.73 -20.75 -35.69
CA ILE E 235 14.70 -20.95 -36.71
C ILE E 235 15.19 -21.91 -37.80
N ARG E 236 16.49 -22.01 -38.02
CA ARG E 236 17.02 -23.03 -38.93
C ARG E 236 16.84 -24.42 -38.33
N ARG E 237 17.03 -24.54 -37.01
CA ARG E 237 16.75 -25.79 -36.32
C ARG E 237 15.27 -26.14 -36.41
N LYS E 238 14.40 -25.14 -36.33
CA LYS E 238 12.96 -25.41 -36.36
C LYS E 238 12.50 -25.78 -37.77
N GLU E 239 12.94 -25.03 -38.77
CA GLU E 239 12.40 -25.19 -40.12
C GLU E 239 12.88 -26.48 -40.77
N ASN E 240 14.10 -26.91 -40.47
CA ASN E 240 14.64 -28.16 -41.02
C ASN E 240 14.18 -29.40 -40.28
N GLY E 241 13.25 -29.31 -39.34
CA GLY E 241 12.78 -30.48 -38.64
C GLY E 241 13.81 -31.06 -37.70
N TRP E 242 14.31 -30.21 -36.79
CA TRP E 242 15.26 -30.60 -35.75
C TRP E 242 14.89 -29.97 -34.41
N TYR E 243 13.58 -29.81 -34.15
CA TYR E 243 13.06 -29.22 -32.92
C TYR E 243 12.21 -30.25 -32.19
N ASP E 244 12.28 -30.22 -30.86
CA ASP E 244 11.41 -31.04 -30.04
C ASP E 244 9.98 -30.57 -30.25
N GLU E 245 9.15 -31.42 -30.85
CA GLU E 245 7.81 -31.02 -31.22
C GLU E 245 6.89 -30.79 -30.02
N GLU E 246 7.26 -31.28 -28.83
CA GLU E 246 6.44 -31.06 -27.64
C GLU E 246 6.60 -29.64 -27.10
N HIS E 247 7.84 -29.14 -27.04
CA HIS E 247 8.15 -27.89 -26.36
C HIS E 247 8.26 -26.76 -27.39
N PRO E 248 7.50 -25.66 -27.31
CA PRO E 248 7.70 -24.58 -28.28
C PRO E 248 9.00 -23.84 -28.07
N LEU E 249 9.33 -23.03 -29.07
CA LEU E 249 10.54 -22.22 -29.09
C LEU E 249 10.25 -20.85 -28.47
N VAL E 250 11.09 -20.42 -27.52
CA VAL E 250 10.85 -19.25 -26.69
C VAL E 250 12.14 -18.45 -26.60
N PHE E 251 12.12 -17.21 -27.04
CA PHE E 251 13.22 -16.27 -26.95
C PHE E 251 12.90 -15.17 -25.94
N LEU E 252 13.96 -14.52 -25.45
CA LEU E 252 13.85 -13.33 -24.62
C LEU E 252 14.91 -12.36 -25.08
N PHE E 253 14.48 -11.26 -25.69
CA PHE E 253 15.39 -10.25 -26.24
C PHE E 253 15.67 -9.23 -25.15
N LEU E 254 16.92 -9.17 -24.70
CA LEU E 254 17.38 -8.23 -23.68
C LEU E 254 18.33 -7.23 -24.31
N GLY E 255 18.24 -5.98 -23.86
CA GLY E 255 19.16 -4.95 -24.32
C GLY E 255 18.62 -3.57 -24.03
N SER E 256 19.38 -2.59 -24.51
CA SER E 256 19.00 -1.19 -24.38
C SER E 256 17.78 -0.88 -25.23
N SER E 257 17.32 0.37 -25.14
CA SER E 257 16.13 0.80 -25.86
C SER E 257 16.47 1.16 -27.29
N GLY E 258 15.63 0.71 -28.22
CA GLY E 258 15.75 1.07 -29.61
C GLY E 258 17.01 0.53 -30.26
N ILE E 259 17.25 -0.78 -30.13
CA ILE E 259 18.34 -1.47 -30.81
C ILE E 259 17.84 -2.73 -31.52
N GLY E 260 16.57 -2.78 -31.89
CA GLY E 260 16.09 -3.78 -32.82
C GLY E 260 15.55 -5.06 -32.21
N LYS E 261 15.12 -5.04 -30.95
CA LYS E 261 14.51 -6.22 -30.37
C LYS E 261 13.16 -6.51 -31.01
N THR E 262 12.24 -5.56 -30.91
CA THR E 262 10.94 -5.68 -31.57
C THR E 262 11.09 -5.69 -33.09
N GLU E 263 12.13 -5.03 -33.62
CA GLU E 263 12.35 -5.07 -35.06
C GLU E 263 12.74 -6.47 -35.52
N LEU E 264 13.65 -7.14 -34.79
CA LEU E 264 13.99 -8.52 -35.14
C LEU E 264 12.80 -9.44 -34.93
N ALA E 265 11.97 -9.18 -33.92
CA ALA E 265 10.78 -10.00 -33.73
C ALA E 265 9.78 -9.83 -34.88
N LYS E 266 9.57 -8.59 -35.33
CA LYS E 266 8.67 -8.33 -36.44
C LYS E 266 9.19 -8.95 -37.74
N GLN E 267 10.49 -8.81 -38.01
CA GLN E 267 11.03 -9.36 -39.24
C GLN E 267 11.12 -10.89 -39.19
N THR E 268 11.29 -11.45 -37.99
CA THR E 268 11.19 -12.90 -37.82
C THR E 268 9.78 -13.38 -38.14
N ALA E 269 8.77 -12.66 -37.66
CA ALA E 269 7.40 -13.03 -37.96
C ALA E 269 7.08 -12.86 -39.44
N LYS E 270 7.68 -11.84 -40.08
CA LYS E 270 7.50 -11.68 -41.52
C LYS E 270 8.16 -12.81 -42.29
N TYR E 271 9.30 -13.29 -41.82
CA TYR E 271 9.98 -14.40 -42.50
C TYR E 271 9.18 -15.69 -42.37
N MET E 272 8.66 -15.98 -41.18
CA MET E 272 8.01 -17.25 -40.95
C MET E 272 6.65 -17.35 -41.64
N HIS E 273 5.97 -16.20 -41.86
CA HIS E 273 4.58 -16.16 -42.30
C HIS E 273 4.29 -15.18 -43.42
N LYS E 274 5.29 -14.47 -43.95
CA LYS E 274 5.10 -13.48 -45.01
C LYS E 274 4.17 -12.36 -44.53
N ASP E 275 3.62 -11.58 -45.45
CA ASP E 275 2.54 -10.66 -45.09
C ASP E 275 1.33 -11.47 -44.62
N ALA E 276 1.15 -11.57 -43.32
CA ALA E 276 0.05 -12.35 -42.75
C ALA E 276 -0.17 -11.91 -41.32
N LYS E 277 -1.35 -11.36 -41.04
CA LYS E 277 -1.67 -10.90 -39.69
C LYS E 277 -1.95 -12.06 -38.74
N LYS E 278 -2.42 -13.20 -39.27
CA LYS E 278 -2.78 -14.32 -38.41
C LYS E 278 -1.55 -14.93 -37.75
N GLY E 279 -0.43 -14.98 -38.48
CA GLY E 279 0.80 -15.58 -37.99
C GLY E 279 1.75 -14.60 -37.36
N PHE E 280 1.22 -13.58 -36.69
CA PHE E 280 2.03 -12.61 -35.96
C PHE E 280 1.14 -12.05 -34.85
N ILE E 281 1.23 -12.66 -33.68
CA ILE E 281 0.31 -12.40 -32.56
C ILE E 281 1.08 -11.51 -31.59
N ARG E 282 1.01 -10.21 -31.83
CA ARG E 282 1.68 -9.22 -31.00
C ARG E 282 0.79 -8.85 -29.83
N LEU E 283 1.33 -8.96 -28.62
CA LEU E 283 0.67 -8.56 -27.38
C LEU E 283 1.62 -7.67 -26.60
N ASP E 284 1.34 -6.37 -26.60
CA ASP E 284 2.15 -5.41 -25.84
C ASP E 284 1.85 -5.58 -24.36
N MET E 285 2.81 -6.11 -23.62
CA MET E 285 2.59 -6.54 -22.25
C MET E 285 2.61 -5.40 -21.23
N SER E 286 2.76 -4.14 -21.66
CA SER E 286 2.51 -3.02 -20.76
C SER E 286 1.04 -2.96 -20.37
N GLU E 287 0.15 -3.43 -21.24
CA GLU E 287 -1.28 -3.51 -20.90
C GLU E 287 -1.54 -4.46 -19.73
N PHE E 288 -0.71 -5.47 -19.56
CA PHE E 288 -0.94 -6.58 -18.62
C PHE E 288 -0.31 -6.33 -17.27
N GLN E 289 -0.40 -5.10 -16.76
CA GLN E 289 0.34 -4.71 -15.57
C GLN E 289 -0.26 -5.28 -14.29
N GLU E 290 -1.56 -5.55 -14.26
CA GLU E 290 -2.28 -6.03 -13.09
C GLU E 290 -2.52 -7.53 -13.20
N ARG E 291 -2.68 -8.17 -12.04
CA ARG E 291 -2.81 -9.63 -11.95
C ARG E 291 -4.05 -10.11 -12.70
N HIS E 292 -5.13 -9.33 -12.68
CA HIS E 292 -6.40 -9.74 -13.26
C HIS E 292 -6.46 -9.60 -14.78
N GLU E 293 -5.37 -9.24 -15.44
CA GLU E 293 -5.32 -9.11 -16.90
C GLU E 293 -5.08 -10.45 -17.61
N VAL E 294 -5.06 -11.58 -16.89
CA VAL E 294 -4.95 -12.88 -17.54
C VAL E 294 -6.23 -13.28 -18.27
N ALA E 295 -7.36 -12.65 -17.95
CA ALA E 295 -8.59 -12.92 -18.69
C ALA E 295 -8.50 -12.47 -20.15
N LYS E 296 -7.63 -11.53 -20.47
CA LYS E 296 -7.33 -11.24 -21.86
C LYS E 296 -6.75 -12.46 -22.57
N PHE E 297 -5.84 -13.17 -21.89
CA PHE E 297 -5.27 -14.37 -22.49
C PHE E 297 -6.33 -15.47 -22.62
N ILE E 298 -7.02 -15.79 -21.53
CA ILE E 298 -7.82 -17.00 -21.41
C ILE E 298 -9.32 -16.71 -21.26
N GLY E 299 -9.77 -15.51 -21.63
CA GLY E 299 -11.19 -15.22 -21.55
C GLY E 299 -11.70 -15.14 -20.11
N SER E 300 -13.02 -15.05 -20.00
CA SER E 300 -13.75 -14.96 -18.75
C SER E 300 -14.28 -16.33 -18.35
N PRO E 301 -14.49 -16.66 -17.07
CA PRO E 301 -15.07 -17.97 -16.74
C PRO E 301 -16.53 -18.05 -17.12
N PRO E 302 -17.17 -19.21 -16.92
CA PRO E 302 -18.62 -19.27 -17.15
C PRO E 302 -19.38 -18.40 -16.15
N GLY E 303 -20.43 -17.75 -16.66
CA GLY E 303 -21.26 -16.91 -15.82
C GLY E 303 -20.69 -15.55 -15.52
N TYR E 304 -19.91 -14.98 -16.45
CA TYR E 304 -19.31 -13.66 -16.29
C TYR E 304 -19.24 -13.02 -17.66
N VAL E 305 -19.07 -11.70 -17.67
CA VAL E 305 -19.16 -10.94 -18.93
C VAL E 305 -17.96 -11.27 -19.82
N GLY E 306 -18.19 -11.24 -21.12
CA GLY E 306 -17.16 -11.62 -22.07
C GLY E 306 -16.84 -13.09 -22.13
N HIS E 307 -17.70 -13.95 -21.57
CA HIS E 307 -17.42 -15.38 -21.60
C HIS E 307 -17.68 -15.96 -22.98
N GLU E 308 -18.73 -15.51 -23.66
CA GLU E 308 -19.04 -16.02 -24.98
C GLU E 308 -18.00 -15.61 -26.00
N GLU E 309 -17.41 -14.41 -25.84
CA GLU E 309 -16.36 -13.98 -26.74
C GLU E 309 -15.08 -14.80 -26.61
N GLY E 310 -14.86 -15.46 -25.47
CA GLY E 310 -13.70 -16.29 -25.29
C GLY E 310 -12.44 -15.46 -25.16
N GLY E 311 -11.32 -16.16 -25.03
CA GLY E 311 -10.05 -15.49 -24.89
C GLY E 311 -9.58 -14.88 -26.19
N GLN E 312 -8.52 -14.08 -26.06
CA GLN E 312 -7.93 -13.35 -27.18
C GLN E 312 -6.73 -14.09 -27.75
N LEU E 313 -5.74 -14.38 -26.90
CA LEU E 313 -4.59 -15.16 -27.38
C LEU E 313 -4.99 -16.58 -27.74
N THR E 314 -5.95 -17.16 -27.02
CA THR E 314 -6.37 -18.52 -27.35
C THR E 314 -7.10 -18.56 -28.68
N LYS E 315 -7.89 -17.53 -29.00
CA LYS E 315 -8.51 -17.48 -30.32
C LYS E 315 -7.48 -17.24 -31.41
N LYS E 316 -6.51 -16.36 -31.15
CA LYS E 316 -5.50 -16.06 -32.16
C LYS E 316 -4.58 -17.25 -32.42
N LEU E 317 -4.31 -18.06 -31.40
CA LEU E 317 -3.53 -19.28 -31.56
C LEU E 317 -4.37 -20.44 -32.07
N LYS E 318 -5.70 -20.39 -31.92
CA LYS E 318 -6.57 -21.31 -32.64
C LYS E 318 -6.55 -21.01 -34.13
N GLN E 319 -6.49 -19.72 -34.49
CA GLN E 319 -6.45 -19.36 -35.91
C GLN E 319 -5.11 -19.70 -36.54
N CYS E 320 -4.03 -19.77 -35.76
CA CYS E 320 -2.69 -20.04 -36.29
C CYS E 320 -1.87 -20.69 -35.18
N PRO E 321 -1.84 -22.03 -35.11
CA PRO E 321 -1.03 -22.66 -34.04
C PRO E 321 0.46 -22.43 -34.18
N ASN E 322 0.98 -22.27 -35.40
CA ASN E 322 2.40 -22.03 -35.64
C ASN E 322 2.76 -20.56 -35.69
N ALA E 323 2.01 -19.71 -34.99
CA ALA E 323 2.23 -18.28 -35.07
C ALA E 323 3.49 -17.87 -34.32
N VAL E 324 4.01 -16.70 -34.70
CA VAL E 324 5.16 -16.09 -34.03
C VAL E 324 4.57 -15.08 -33.05
N VAL E 325 4.37 -15.52 -31.82
CA VAL E 325 3.82 -14.65 -30.78
C VAL E 325 4.94 -13.74 -30.28
N LEU E 326 4.57 -12.51 -29.94
CA LEU E 326 5.49 -11.45 -29.52
C LEU E 326 4.93 -10.80 -28.27
N PHE E 327 5.40 -11.27 -27.11
CA PHE E 327 5.08 -10.64 -25.83
C PHE E 327 6.03 -9.46 -25.65
N ASP E 328 5.71 -8.37 -26.34
CA ASP E 328 6.57 -7.19 -26.32
C ASP E 328 6.50 -6.53 -24.95
N GLN E 329 7.66 -6.17 -24.42
CA GLN E 329 7.80 -5.51 -23.13
C GLN E 329 7.25 -6.39 -22.01
N VAL E 330 7.68 -7.65 -22.00
CA VAL E 330 7.15 -8.66 -21.09
C VAL E 330 7.46 -8.32 -19.63
N ASP E 331 8.55 -7.61 -19.39
CA ASP E 331 8.91 -7.23 -18.02
C ASP E 331 7.90 -6.29 -17.38
N LYS E 332 7.14 -5.55 -18.17
CA LYS E 332 6.21 -4.54 -17.65
C LYS E 332 4.90 -5.15 -17.17
N ALA E 333 4.59 -6.38 -17.53
CA ALA E 333 3.41 -7.07 -17.02
C ALA E 333 3.66 -7.53 -15.58
N HIS E 334 2.57 -7.91 -14.92
CA HIS E 334 2.68 -8.45 -13.58
C HIS E 334 3.36 -9.82 -13.66
N PRO E 335 4.16 -10.22 -12.65
CA PRO E 335 4.72 -11.59 -12.70
C PRO E 335 3.67 -12.67 -12.61
N ASP E 336 2.57 -12.40 -11.91
CA ASP E 336 1.48 -13.37 -11.85
C ASP E 336 0.81 -13.52 -13.22
N VAL E 337 0.86 -12.49 -14.06
CA VAL E 337 0.36 -12.62 -15.42
C VAL E 337 1.33 -13.43 -16.27
N LEU E 338 2.64 -13.25 -16.06
CA LEU E 338 3.62 -14.09 -16.76
C LEU E 338 3.59 -15.54 -16.28
N THR E 339 3.00 -15.82 -15.12
CA THR E 339 2.85 -17.20 -14.68
C THR E 339 1.92 -18.01 -15.59
N ILE E 340 0.99 -17.36 -16.30
CA ILE E 340 0.18 -18.08 -17.27
C ILE E 340 0.99 -18.53 -18.48
N MET E 341 2.14 -17.90 -18.75
CA MET E 341 3.00 -18.31 -19.85
C MET E 341 3.78 -19.60 -19.56
N LEU E 342 3.72 -20.15 -18.34
CA LEU E 342 4.46 -21.36 -18.04
C LEU E 342 3.90 -22.55 -18.82
N GLN E 343 2.58 -22.76 -18.73
CA GLN E 343 1.93 -23.79 -19.55
C GLN E 343 2.09 -23.52 -21.04
N LEU E 344 2.14 -22.25 -21.43
CA LEU E 344 2.25 -21.90 -22.84
C LEU E 344 3.64 -22.16 -23.39
N PHE E 345 4.68 -22.05 -22.57
CA PHE E 345 6.07 -22.22 -22.99
C PHE E 345 6.57 -23.64 -22.82
N ASP E 346 6.24 -24.33 -21.72
CA ASP E 346 6.83 -25.67 -21.50
C ASP E 346 6.23 -26.70 -22.45
N GLU E 347 4.91 -26.59 -22.74
CA GLU E 347 4.17 -27.60 -23.48
C GLU E 347 3.24 -27.03 -24.55
N GLY E 348 3.03 -25.73 -24.61
CA GLY E 348 2.20 -25.18 -25.66
C GLY E 348 0.74 -25.52 -25.47
N ARG E 349 0.17 -25.09 -24.35
CA ARG E 349 -1.26 -25.24 -24.13
C ARG E 349 -1.77 -24.08 -23.27
N LEU E 350 -3.01 -23.70 -23.52
CA LEU E 350 -3.59 -22.50 -22.91
C LEU E 350 -5.11 -22.68 -22.93
N THR E 351 -5.63 -23.27 -21.86
CA THR E 351 -7.06 -23.50 -21.76
C THR E 351 -7.80 -22.17 -21.60
N ASP E 352 -8.80 -21.95 -22.43
CA ASP E 352 -9.55 -20.70 -22.42
C ASP E 352 -10.57 -20.73 -21.28
N GLY E 353 -11.44 -19.72 -21.23
CA GLY E 353 -12.49 -19.72 -20.24
C GLY E 353 -13.51 -20.81 -20.44
N LYS E 354 -13.79 -21.15 -21.70
CA LYS E 354 -14.77 -22.19 -22.02
C LYS E 354 -14.25 -23.61 -21.82
N GLY E 355 -13.00 -23.80 -21.39
CA GLY E 355 -12.47 -25.14 -21.23
C GLY E 355 -12.14 -25.79 -22.55
N LYS E 356 -11.35 -25.10 -23.38
CA LYS E 356 -10.98 -25.55 -24.73
C LYS E 356 -9.48 -25.31 -24.89
N THR E 357 -8.70 -26.33 -24.57
CA THR E 357 -7.25 -26.26 -24.75
C THR E 357 -6.91 -26.20 -26.23
N ILE E 358 -5.92 -25.36 -26.56
CA ILE E 358 -5.41 -25.18 -27.91
C ILE E 358 -3.93 -25.57 -27.90
N ASP E 359 -3.53 -26.40 -28.87
CA ASP E 359 -2.14 -26.76 -29.04
C ASP E 359 -1.41 -25.63 -29.75
N CYS E 360 -0.37 -25.10 -29.12
CA CYS E 360 0.48 -24.03 -29.64
C CYS E 360 1.94 -24.47 -29.62
N LYS E 361 2.18 -25.75 -29.92
CA LYS E 361 3.53 -26.28 -29.79
C LYS E 361 4.44 -25.77 -30.90
N ASP E 362 3.91 -25.61 -32.11
CA ASP E 362 4.69 -25.13 -33.24
C ASP E 362 4.92 -23.62 -33.22
N ALA E 363 4.39 -22.89 -32.25
CA ALA E 363 4.55 -21.44 -32.21
C ALA E 363 5.96 -21.07 -31.75
N ILE E 364 6.31 -19.81 -32.00
CA ILE E 364 7.60 -19.22 -31.61
C ILE E 364 7.26 -18.02 -30.73
N PHE E 365 7.54 -18.14 -29.43
CA PHE E 365 7.16 -17.13 -28.44
C PHE E 365 8.35 -16.21 -28.17
N ILE E 366 8.53 -15.23 -29.05
CA ILE E 366 9.54 -14.20 -28.83
C ILE E 366 9.06 -13.28 -27.72
N MET E 367 9.98 -12.84 -26.87
CA MET E 367 9.73 -11.87 -25.82
C MET E 367 10.77 -10.76 -25.90
N THR E 368 10.44 -9.62 -25.30
CA THR E 368 11.25 -8.42 -25.34
C THR E 368 11.16 -7.72 -24.00
N SER E 369 12.31 -7.29 -23.48
CA SER E 369 12.34 -6.54 -22.23
C SER E 369 13.63 -5.74 -22.16
N ASN E 370 13.54 -4.61 -21.46
CA ASN E 370 14.70 -3.79 -21.11
C ASN E 370 15.27 -4.14 -19.75
N VAL E 371 15.09 -5.37 -19.29
CA VAL E 371 15.59 -5.79 -17.98
C VAL E 371 17.08 -6.05 -18.10
N ALA E 372 17.85 -5.50 -17.16
CA ALA E 372 19.31 -5.49 -17.23
C ALA E 372 19.79 -4.79 -18.51
N SER E 373 19.09 -3.73 -18.89
CA SER E 373 19.45 -2.99 -20.09
C SER E 373 20.71 -2.17 -19.86
N ASP E 374 20.76 -1.45 -18.73
CA ASP E 374 21.94 -0.68 -18.39
C ASP E 374 23.14 -1.57 -18.15
N GLU E 375 22.92 -2.77 -17.59
CA GLU E 375 24.03 -3.68 -17.36
C GLU E 375 24.59 -4.22 -18.67
N ILE E 376 23.71 -4.58 -19.62
CA ILE E 376 24.17 -5.06 -20.92
C ILE E 376 24.89 -3.94 -21.67
N ALA E 377 24.35 -2.72 -21.61
CA ALA E 377 24.98 -1.60 -22.31
C ALA E 377 26.34 -1.26 -21.72
N GLN E 378 26.43 -1.20 -20.38
CA GLN E 378 27.71 -0.90 -19.74
C GLN E 378 28.73 -1.99 -19.97
N HIS E 379 28.29 -3.26 -19.97
CA HIS E 379 29.23 -4.34 -20.20
C HIS E 379 29.70 -4.36 -21.65
N ALA E 380 28.83 -4.02 -22.60
CA ALA E 380 29.24 -3.98 -23.99
C ALA E 380 30.20 -2.83 -24.24
N LEU E 381 29.94 -1.66 -23.64
CA LEU E 381 30.86 -0.54 -23.77
C LEU E 381 32.19 -0.84 -23.08
N GLN E 382 32.15 -1.58 -21.97
CA GLN E 382 33.38 -1.97 -21.29
C GLN E 382 34.20 -2.93 -22.14
N LEU E 383 33.53 -3.91 -22.75
CA LEU E 383 34.23 -4.86 -23.61
C LEU E 383 34.80 -4.17 -24.84
N ARG E 384 34.08 -3.19 -25.39
CA ARG E 384 34.60 -2.47 -26.54
C ARG E 384 35.78 -1.58 -26.16
N GLN E 385 35.74 -0.98 -24.96
CA GLN E 385 36.87 -0.19 -24.50
C GLN E 385 38.10 -1.07 -24.26
N GLU E 386 37.90 -2.26 -23.69
CA GLU E 386 39.01 -3.18 -23.50
C GLU E 386 39.56 -3.68 -24.82
N ALA E 387 38.68 -3.92 -25.80
CA ALA E 387 39.13 -4.34 -27.12
C ALA E 387 39.91 -3.22 -27.80
N LEU E 388 39.48 -1.97 -27.64
CA LEU E 388 40.22 -0.86 -28.23
C LEU E 388 41.57 -0.68 -27.54
N GLU E 389 41.62 -0.89 -26.23
CA GLU E 389 42.89 -0.82 -25.50
C GLU E 389 43.86 -1.89 -25.99
N MET E 390 43.38 -3.13 -26.11
CA MET E 390 44.23 -4.20 -26.62
C MET E 390 44.62 -3.96 -28.07
N SER E 391 43.73 -3.35 -28.87
CA SER E 391 44.04 -3.08 -30.25
C SER E 391 45.15 -2.04 -30.39
N ARG E 392 45.06 -0.93 -29.63
CA ARG E 392 46.11 0.07 -29.72
C ARG E 392 47.41 -0.42 -29.08
N ASN E 393 47.33 -1.30 -28.07
CA ASN E 393 48.56 -1.87 -27.52
C ASN E 393 49.24 -2.79 -28.52
N ARG E 394 48.47 -3.62 -29.23
CA ARG E 394 49.05 -4.46 -30.26
C ARG E 394 49.57 -3.64 -31.43
N ILE E 395 48.91 -2.53 -31.76
CA ILE E 395 49.39 -1.67 -32.82
C ILE E 395 50.68 -0.97 -32.40
N ALA E 396 50.84 -0.69 -31.11
CA ALA E 396 52.09 -0.10 -30.62
C ALA E 396 53.27 -1.05 -30.80
N GLU E 397 53.04 -2.35 -30.75
CA GLU E 397 54.10 -3.33 -30.97
C GLU E 397 54.59 -3.28 -32.41
N THR E 409 31.68 -9.97 -27.55
CA THR E 409 30.85 -11.13 -27.21
C THR E 409 30.59 -11.21 -25.71
N ILE E 410 29.34 -11.49 -25.35
CA ILE E 410 28.96 -11.61 -23.95
C ILE E 410 29.39 -12.98 -23.45
N SER E 411 30.12 -12.98 -22.33
CA SER E 411 30.62 -14.21 -21.74
C SER E 411 29.55 -14.88 -20.89
N LYS E 412 29.68 -16.20 -20.73
CA LYS E 412 28.72 -16.97 -19.94
C LYS E 412 28.76 -16.56 -18.47
N ASN E 413 29.93 -16.14 -17.98
CA ASN E 413 30.02 -15.67 -16.61
C ASN E 413 29.19 -14.41 -16.39
N PHE E 414 29.18 -13.52 -17.39
CA PHE E 414 28.36 -12.31 -17.27
C PHE E 414 26.87 -12.64 -17.31
N LYS E 415 26.48 -13.67 -18.06
CA LYS E 415 25.08 -14.07 -18.10
C LYS E 415 24.66 -14.70 -16.79
N GLU E 416 25.52 -15.55 -16.20
CA GLU E 416 25.13 -16.30 -15.01
C GLU E 416 25.31 -15.51 -13.72
N ASN E 417 26.21 -14.52 -13.69
CA ASN E 417 26.51 -13.75 -12.49
C ASN E 417 25.77 -12.42 -12.43
N VAL E 418 25.75 -11.66 -13.52
CA VAL E 418 25.16 -10.32 -13.55
C VAL E 418 23.71 -10.40 -13.98
N ILE E 419 23.45 -10.94 -15.16
CA ILE E 419 22.13 -10.83 -15.77
C ILE E 419 21.14 -11.80 -15.12
N ARG E 420 21.58 -12.97 -14.69
CA ARG E 420 20.70 -13.98 -14.14
C ARG E 420 20.05 -13.53 -12.83
N PRO E 421 20.79 -12.92 -11.88
CA PRO E 421 20.09 -12.37 -10.70
C PRO E 421 19.12 -11.25 -11.01
N ILE E 422 19.42 -10.41 -12.01
CA ILE E 422 18.51 -9.31 -12.35
C ILE E 422 17.23 -9.87 -12.97
N LEU E 423 17.36 -10.88 -13.83
CA LEU E 423 16.20 -11.53 -14.41
C LEU E 423 15.39 -12.26 -13.35
N LYS E 424 16.06 -12.96 -12.42
CA LYS E 424 15.35 -13.64 -11.36
C LYS E 424 14.67 -12.65 -10.42
N ALA E 425 15.25 -11.46 -10.25
CA ALA E 425 14.61 -10.45 -9.41
C ALA E 425 13.36 -9.91 -10.07
N HIS E 426 13.44 -9.59 -11.37
CA HIS E 426 12.29 -8.99 -12.03
C HIS E 426 11.18 -10.01 -12.26
N PHE E 427 11.53 -11.18 -12.82
CA PHE E 427 10.53 -12.18 -13.20
C PHE E 427 10.11 -13.05 -12.03
N ARG E 428 10.92 -13.17 -10.98
CA ARG E 428 10.57 -13.79 -9.71
C ARG E 428 10.29 -15.29 -9.79
N ARG E 429 10.64 -15.95 -10.89
CA ARG E 429 10.30 -17.36 -11.11
C ARG E 429 11.39 -17.97 -11.97
N ASP E 430 12.19 -18.85 -11.36
CA ASP E 430 13.23 -19.53 -12.12
C ASP E 430 12.65 -20.49 -13.14
N GLU E 431 11.43 -21.00 -12.90
CA GLU E 431 10.76 -21.84 -13.89
C GLU E 431 10.47 -21.07 -15.18
N PHE E 432 10.06 -19.81 -15.05
CA PHE E 432 9.75 -18.99 -16.22
C PHE E 432 10.98 -18.75 -17.07
N LEU E 433 12.12 -18.48 -16.43
CA LEU E 433 13.36 -18.30 -17.17
C LEU E 433 13.90 -19.63 -17.68
N GLY E 434 13.63 -20.72 -16.98
CA GLY E 434 14.05 -22.03 -17.43
C GLY E 434 13.29 -22.53 -18.63
N ARG E 435 12.09 -22.03 -18.86
CA ARG E 435 11.37 -22.35 -20.08
C ARG E 435 11.90 -21.62 -21.33
N ILE E 436 12.70 -20.58 -21.16
CA ILE E 436 13.17 -19.78 -22.29
C ILE E 436 14.29 -20.54 -22.98
N ASN E 437 14.15 -20.74 -24.29
CA ASN E 437 15.13 -21.53 -25.03
C ASN E 437 16.43 -20.77 -25.23
N GLU E 438 16.35 -19.46 -25.49
CA GLU E 438 17.52 -18.66 -25.83
C GLU E 438 17.29 -17.23 -25.36
N ILE E 439 18.03 -16.82 -24.33
CA ILE E 439 18.04 -15.43 -23.88
C ILE E 439 19.00 -14.69 -24.80
N VAL E 440 18.45 -13.95 -25.76
CA VAL E 440 19.22 -13.29 -26.81
C VAL E 440 19.59 -11.88 -26.33
N TYR E 441 20.87 -11.53 -26.47
CA TYR E 441 21.43 -10.28 -25.97
C TYR E 441 21.66 -9.32 -27.12
N PHE E 442 20.98 -8.18 -27.09
CA PHE E 442 21.15 -7.11 -28.06
C PHE E 442 22.06 -6.06 -27.44
N LEU E 443 23.15 -5.72 -28.14
CA LEU E 443 24.18 -4.80 -27.66
C LEU E 443 23.97 -3.42 -28.25
N PRO E 444 24.55 -2.35 -27.65
CA PRO E 444 24.44 -1.03 -28.28
C PRO E 444 25.22 -0.94 -29.58
N PHE E 445 25.11 0.19 -30.27
CA PHE E 445 25.69 0.35 -31.60
C PHE E 445 27.10 0.91 -31.53
N CYS E 446 28.01 0.27 -32.26
CA CYS E 446 29.32 0.85 -32.50
C CYS E 446 29.20 2.02 -33.46
N HIS E 447 30.29 2.78 -33.60
CA HIS E 447 30.27 4.00 -34.40
C HIS E 447 30.03 3.71 -35.88
N SER E 448 30.56 2.59 -36.37
CA SER E 448 30.26 2.15 -37.72
C SER E 448 28.78 1.83 -37.86
N GLU E 449 28.19 1.21 -36.85
CA GLU E 449 26.77 0.92 -36.89
C GLU E 449 25.94 2.19 -36.79
N LEU E 450 26.45 3.23 -36.10
CA LEU E 450 25.73 4.51 -36.09
C LEU E 450 25.76 5.16 -37.46
N ILE E 451 26.90 5.11 -38.15
CA ILE E 451 26.96 5.65 -39.50
C ILE E 451 26.05 4.85 -40.43
N GLN E 452 25.98 3.54 -40.22
CA GLN E 452 25.07 2.71 -41.01
C GLN E 452 23.61 3.06 -40.73
N LEU E 453 23.28 3.36 -39.48
CA LEU E 453 21.90 3.74 -39.15
C LEU E 453 21.54 5.09 -39.75
N VAL E 454 22.48 6.04 -39.74
CA VAL E 454 22.23 7.34 -40.35
C VAL E 454 22.07 7.19 -41.85
N ASN E 455 22.89 6.34 -42.47
CA ASN E 455 22.74 6.09 -43.90
C ASN E 455 21.42 5.40 -44.21
N LYS E 456 20.97 4.51 -43.32
CA LYS E 456 19.67 3.86 -43.51
C LYS E 456 18.53 4.87 -43.44
N GLU E 457 18.57 5.77 -42.46
CA GLU E 457 17.50 6.76 -42.33
C GLU E 457 17.53 7.75 -43.49
N LEU E 458 18.71 8.19 -43.89
CA LEU E 458 18.81 9.09 -45.03
C LEU E 458 18.39 8.40 -46.33
N ASN E 459 18.65 7.09 -46.46
CA ASN E 459 18.18 6.36 -47.62
C ASN E 459 16.67 6.20 -47.59
N PHE E 460 16.07 6.07 -46.40
CA PHE E 460 14.62 6.02 -46.30
C PHE E 460 14.00 7.33 -46.77
N TRP E 461 14.53 8.45 -46.30
CA TRP E 461 13.99 9.73 -46.73
C TRP E 461 14.32 10.01 -48.19
N ALA E 462 15.43 9.49 -48.71
CA ALA E 462 15.72 9.61 -50.13
C ALA E 462 14.73 8.82 -50.97
N LYS E 463 14.35 7.62 -50.50
CA LYS E 463 13.36 6.83 -51.20
C LYS E 463 12.01 7.52 -51.20
N ARG E 464 11.63 8.13 -50.07
CA ARG E 464 10.37 8.87 -50.03
C ARG E 464 10.41 10.09 -50.94
N ALA E 465 11.55 10.78 -50.98
CA ALA E 465 11.67 11.98 -51.80
C ALA E 465 11.64 11.63 -53.29
N LYS E 466 12.22 10.49 -53.67
CA LYS E 466 12.21 10.06 -55.06
C LYS E 466 10.85 9.52 -55.46
N GLN E 467 10.23 8.69 -54.61
CA GLN E 467 8.96 8.07 -54.97
C GLN E 467 7.83 9.09 -54.98
N ARG E 468 7.66 9.84 -53.89
CA ARG E 468 6.56 10.79 -53.81
C ARG E 468 6.80 11.99 -54.71
N HIS E 469 7.84 12.77 -54.40
CA HIS E 469 8.06 14.09 -54.97
C HIS E 469 9.11 14.12 -56.09
N ASN E 470 9.84 13.02 -56.32
CA ASN E 470 10.87 12.95 -57.37
C ASN E 470 11.99 13.96 -57.12
N ILE E 471 12.68 13.77 -55.99
CA ILE E 471 13.79 14.62 -55.56
C ILE E 471 14.93 13.67 -55.21
N THR E 472 16.05 13.79 -55.91
CA THR E 472 17.20 12.93 -55.68
C THR E 472 18.02 13.53 -54.54
N LEU E 473 17.75 13.05 -53.33
CA LEU E 473 18.49 13.50 -52.16
C LEU E 473 19.84 12.81 -52.11
N LEU E 474 20.86 13.57 -51.70
CA LEU E 474 22.24 13.10 -51.64
C LEU E 474 22.88 13.66 -50.38
N TRP E 475 23.98 13.02 -49.96
CA TRP E 475 24.69 13.45 -48.77
C TRP E 475 26.10 12.89 -48.81
N ASP E 476 26.96 13.49 -48.00
CA ASP E 476 28.36 13.11 -47.87
C ASP E 476 28.58 12.29 -46.61
N ARG E 477 29.80 11.79 -46.44
CA ARG E 477 30.16 11.11 -45.20
C ARG E 477 30.18 12.09 -44.03
N GLU E 478 30.52 13.36 -44.28
CA GLU E 478 30.51 14.36 -43.22
C GLU E 478 29.11 14.59 -42.68
N VAL E 479 28.09 14.45 -43.51
CA VAL E 479 26.70 14.59 -43.05
C VAL E 479 26.37 13.51 -42.03
N ALA E 480 26.76 12.27 -42.33
CA ALA E 480 26.52 11.19 -41.39
C ALA E 480 27.36 11.35 -40.13
N ASP E 481 28.58 11.85 -40.26
CA ASP E 481 29.43 12.07 -39.10
C ASP E 481 28.85 13.17 -38.20
N VAL E 482 28.22 14.18 -38.79
CA VAL E 482 27.58 15.22 -37.98
C VAL E 482 26.32 14.68 -37.31
N LEU E 483 25.51 13.92 -38.05
CA LEU E 483 24.27 13.40 -37.48
C LEU E 483 24.50 12.30 -36.44
N VAL E 484 25.67 11.67 -36.43
CA VAL E 484 25.97 10.69 -35.38
C VAL E 484 26.04 11.36 -34.01
N ASP E 485 26.39 12.65 -33.94
CA ASP E 485 26.48 13.35 -32.67
C ASP E 485 25.14 13.46 -31.95
N GLY E 486 24.03 13.39 -32.68
CA GLY E 486 22.72 13.28 -32.05
C GLY E 486 22.39 11.93 -31.44
N TYR E 487 23.26 10.93 -31.59
CA TYR E 487 23.00 9.63 -30.99
C TYR E 487 23.09 9.71 -29.48
N ASN E 488 22.15 9.05 -28.81
CA ASN E 488 22.15 8.84 -27.37
C ASN E 488 22.15 7.34 -27.12
N VAL E 489 23.04 6.89 -26.23
CA VAL E 489 23.14 5.47 -25.92
C VAL E 489 21.88 4.97 -25.25
N HIS E 490 21.19 5.83 -24.50
CA HIS E 490 20.02 5.38 -23.75
C HIS E 490 18.82 5.14 -24.67
N TYR E 491 18.71 5.91 -25.75
CA TYR E 491 17.56 5.86 -26.66
C TYR E 491 17.81 4.99 -27.88
N GLY E 492 19.07 4.84 -28.30
CA GLY E 492 19.42 3.91 -29.35
C GLY E 492 19.23 4.46 -30.76
N ALA E 493 18.72 3.61 -31.65
CA ALA E 493 18.50 4.02 -33.04
C ALA E 493 17.41 5.06 -33.19
N ARG E 494 16.51 5.19 -32.22
CA ARG E 494 15.50 6.24 -32.27
C ARG E 494 16.12 7.62 -32.20
N SER E 495 17.25 7.76 -31.51
CA SER E 495 17.93 9.06 -31.45
C SER E 495 18.44 9.49 -32.82
N ILE E 496 18.92 8.54 -33.62
CA ILE E 496 19.38 8.87 -34.96
C ILE E 496 18.20 9.24 -35.84
N LYS E 497 17.07 8.55 -35.68
CA LYS E 497 15.87 8.89 -36.46
C LYS E 497 15.38 10.29 -36.11
N HIS E 498 15.38 10.63 -34.82
CA HIS E 498 14.94 11.96 -34.42
C HIS E 498 15.93 13.03 -34.84
N GLU E 499 17.23 12.72 -34.83
CA GLU E 499 18.21 13.70 -35.29
C GLU E 499 18.08 13.95 -36.79
N VAL E 500 17.83 12.89 -37.57
CA VAL E 500 17.64 13.06 -39.00
C VAL E 500 16.36 13.85 -39.27
N GLU E 501 15.29 13.56 -38.52
CA GLU E 501 14.04 14.29 -38.71
C GLU E 501 14.17 15.76 -38.29
N ARG E 502 14.96 16.04 -37.26
CA ARG E 502 15.18 17.42 -36.85
C ARG E 502 16.02 18.17 -37.88
N ARG E 503 17.25 17.69 -38.12
CA ARG E 503 18.20 18.47 -38.88
C ARG E 503 17.86 18.47 -40.37
N VAL E 504 17.66 17.29 -40.94
CA VAL E 504 17.53 17.17 -42.39
C VAL E 504 16.09 17.45 -42.82
N VAL E 505 15.14 16.71 -42.27
CA VAL E 505 13.82 16.60 -42.90
C VAL E 505 12.92 17.79 -42.59
N ASN E 506 13.16 18.52 -41.49
CA ASN E 506 12.45 19.77 -41.30
C ASN E 506 12.83 20.79 -42.37
N GLN E 507 14.10 20.82 -42.75
CA GLN E 507 14.54 21.69 -43.83
C GLN E 507 13.95 21.25 -45.16
N LEU E 508 13.85 19.93 -45.39
CA LEU E 508 13.23 19.44 -46.61
C LEU E 508 11.76 19.80 -46.68
N ALA E 509 11.05 19.68 -45.56
CA ALA E 509 9.63 20.01 -45.56
C ALA E 509 9.41 21.51 -45.72
N ALA E 510 10.28 22.33 -45.13
CA ALA E 510 10.17 23.77 -45.30
C ALA E 510 10.47 24.17 -46.74
N ALA E 511 11.44 23.52 -47.36
CA ALA E 511 11.74 23.82 -48.76
C ALA E 511 10.64 23.32 -49.68
N TYR E 512 9.99 22.20 -49.35
CA TYR E 512 8.91 21.68 -50.18
C TYR E 512 7.66 22.53 -50.05
N GLU E 513 7.38 23.02 -48.84
CA GLU E 513 6.22 23.89 -48.66
C GLU E 513 6.41 25.21 -49.39
N GLN E 514 7.63 25.74 -49.39
CA GLN E 514 7.97 26.97 -50.09
C GLN E 514 8.23 26.78 -51.59
N ASP E 515 8.01 25.58 -52.13
CA ASP E 515 8.16 25.30 -53.57
C ASP E 515 9.59 25.53 -54.06
N LEU E 516 10.56 25.23 -53.20
CA LEU E 516 11.98 25.28 -53.54
C LEU E 516 12.53 23.92 -53.96
N LEU E 517 11.67 22.98 -54.33
CA LEU E 517 12.06 21.60 -54.62
C LEU E 517 11.11 21.03 -55.67
N PRO E 518 11.23 21.46 -56.92
CA PRO E 518 10.33 20.94 -57.96
C PRO E 518 10.63 19.48 -58.26
N GLY E 519 9.76 18.90 -59.08
CA GLY E 519 9.90 17.51 -59.47
C GLY E 519 11.15 17.26 -60.30
N GLY E 520 12.14 16.63 -59.69
CA GLY E 520 13.39 16.28 -60.34
C GLY E 520 14.46 17.32 -60.07
N CYS E 521 15.26 17.08 -59.04
CA CYS E 521 16.34 18.00 -58.68
C CYS E 521 17.31 17.29 -57.75
N THR E 522 18.58 17.27 -58.12
CA THR E 522 19.60 16.65 -57.28
C THR E 522 19.87 17.51 -56.07
N LEU E 523 19.09 17.31 -55.02
CA LEU E 523 19.31 17.99 -53.75
C LEU E 523 20.41 17.27 -52.97
N ARG E 524 21.25 18.06 -52.29
CA ARG E 524 22.42 17.57 -51.57
C ARG E 524 22.46 18.21 -50.20
N ILE E 525 22.61 17.39 -49.18
CA ILE E 525 22.84 17.85 -47.82
C ILE E 525 24.34 18.08 -47.66
N THR E 526 24.72 19.15 -46.97
CA THR E 526 26.10 19.58 -46.88
C THR E 526 26.36 20.23 -45.53
N VAL E 527 27.53 19.96 -44.97
CA VAL E 527 27.93 20.54 -43.69
C VAL E 527 28.47 21.94 -43.92
N GLU E 528 27.93 22.92 -43.21
CA GLU E 528 28.35 24.30 -43.36
C GLU E 528 29.70 24.52 -42.67
N PRO E 550 28.18 21.78 -36.15
CA PRO E 550 28.09 22.00 -37.59
C PRO E 550 26.67 21.84 -38.12
N LYS E 551 26.17 22.86 -38.80
CA LYS E 551 24.81 22.87 -39.32
C LYS E 551 24.76 22.25 -40.71
N LEU E 552 23.78 21.40 -40.94
CA LEU E 552 23.53 20.86 -42.27
C LEU E 552 22.77 21.88 -43.09
N ARG E 553 23.09 21.94 -44.38
CA ARG E 553 22.50 22.90 -45.31
C ARG E 553 22.22 22.19 -46.63
N LEU E 554 21.03 22.43 -47.17
CA LEU E 554 20.66 21.89 -48.46
C LEU E 554 21.31 22.69 -49.59
N GLU E 555 21.48 22.04 -50.74
CA GLU E 555 22.12 22.66 -51.90
C GLU E 555 21.52 22.01 -53.14
N ILE E 556 20.51 22.67 -53.73
CA ILE E 556 19.95 22.18 -54.98
C ILE E 556 20.98 22.33 -56.09
N ILE E 557 21.27 21.21 -56.78
CA ILE E 557 22.28 21.14 -57.82
C ILE E 557 21.54 21.13 -59.16
N ASP E 558 21.84 22.12 -60.00
CA ASP E 558 21.29 22.17 -61.36
C ASP E 558 22.12 21.24 -62.25
N LYS E 559 21.97 21.37 -63.56
CA LYS E 559 22.85 20.65 -64.47
C LYS E 559 24.26 21.19 -64.33
N ASP E 560 25.25 20.33 -64.60
CA ASP E 560 26.66 20.60 -64.37
C ASP E 560 26.91 20.86 -62.89
N SER E 561 28.06 21.45 -62.54
CA SER E 561 28.44 21.64 -61.14
C SER E 561 27.81 22.87 -60.48
N LYS E 562 26.81 23.50 -61.09
CA LYS E 562 26.20 24.68 -60.48
C LYS E 562 25.34 24.26 -59.30
N THR E 563 25.61 24.89 -58.14
CA THR E 563 24.90 24.63 -56.89
C THR E 563 24.47 25.95 -56.27
N ARG E 564 23.52 25.86 -55.35
CA ARG E 564 23.06 27.04 -54.61
C ARG E 564 22.33 26.59 -53.36
N ARG E 565 22.65 27.24 -52.24
CA ARG E 565 21.94 26.94 -50.99
C ARG E 565 20.53 27.48 -51.07
N LEU E 566 19.57 26.67 -50.60
CA LEU E 566 18.18 27.09 -50.58
C LEU E 566 17.96 28.11 -49.46
N ASP E 567 17.34 29.23 -49.81
CA ASP E 567 17.01 30.29 -48.85
C ASP E 567 15.66 29.96 -48.22
N ILE E 568 15.70 29.10 -47.20
CA ILE E 568 14.51 28.66 -46.49
C ILE E 568 14.12 29.78 -45.53
N ARG E 569 13.17 30.62 -45.94
CA ARG E 569 12.69 31.67 -45.06
C ARG E 569 11.90 31.08 -43.90
N ALA E 570 11.68 31.89 -42.88
CA ALA E 570 10.96 31.46 -41.69
C ALA E 570 9.49 31.21 -41.99
N SER F 192 -21.48 -63.18 -18.02
CA SER F 192 -21.10 -62.56 -16.76
C SER F 192 -20.15 -61.39 -17.01
N GLU F 193 -20.71 -60.19 -17.18
CA GLU F 193 -19.88 -59.01 -17.41
C GLU F 193 -19.09 -58.64 -16.16
N ALA F 194 -19.65 -58.87 -14.97
CA ALA F 194 -18.92 -58.57 -13.74
C ALA F 194 -17.71 -59.46 -13.59
N LYS F 195 -17.86 -60.76 -13.84
CA LYS F 195 -16.72 -61.66 -13.80
C LYS F 195 -15.72 -61.36 -14.91
N TYR F 196 -16.20 -60.87 -16.06
CA TYR F 196 -15.30 -60.47 -17.13
C TYR F 196 -14.45 -59.27 -16.72
N GLN F 197 -15.08 -58.28 -16.08
CA GLN F 197 -14.31 -57.13 -15.58
C GLN F 197 -13.38 -57.54 -14.45
N GLU F 198 -13.78 -58.52 -13.63
CA GLU F 198 -12.90 -59.02 -12.57
C GLU F 198 -11.67 -59.72 -13.17
N LYS F 199 -11.87 -60.50 -14.23
CA LYS F 199 -10.74 -61.13 -14.90
C LYS F 199 -9.85 -60.11 -15.59
N GLN F 200 -10.44 -59.04 -16.13
CA GLN F 200 -9.63 -57.97 -16.70
C GLN F 200 -8.81 -57.26 -15.63
N ARG F 201 -9.40 -57.04 -14.46
CA ARG F 201 -8.65 -56.45 -13.36
C ARG F 201 -7.56 -57.40 -12.86
N LYS F 202 -7.81 -58.70 -12.90
CA LYS F 202 -6.78 -59.68 -12.52
C LYS F 202 -5.62 -59.64 -13.51
N ARG F 203 -5.92 -59.55 -14.81
CA ARG F 203 -4.87 -59.41 -15.81
C ARG F 203 -4.10 -58.10 -15.62
N GLU F 204 -4.80 -57.04 -15.26
CA GLU F 204 -4.14 -55.76 -15.00
C GLU F 204 -3.23 -55.85 -13.79
N ALA F 205 -3.67 -56.54 -12.73
CA ALA F 205 -2.83 -56.73 -11.56
C ALA F 205 -1.62 -57.61 -11.87
N GLU F 206 -1.79 -58.61 -12.75
CA GLU F 206 -0.65 -59.42 -13.17
C GLU F 206 0.34 -58.57 -13.96
N GLU F 207 -0.16 -57.65 -14.80
CA GLU F 207 0.73 -56.76 -15.52
C GLU F 207 1.44 -55.80 -14.57
N ARG F 208 0.74 -55.35 -13.52
CA ARG F 208 1.37 -54.48 -12.52
C ARG F 208 2.45 -55.24 -11.76
N ARG F 209 2.23 -56.52 -11.47
CA ARG F 209 3.26 -57.33 -10.83
C ARG F 209 4.47 -57.50 -11.75
N ARG F 210 4.21 -57.84 -13.02
CA ARG F 210 5.29 -58.03 -13.98
C ARG F 210 5.95 -56.72 -14.41
N PHE F 211 5.26 -55.58 -14.28
CA PHE F 211 5.75 -54.29 -14.77
C PHE F 211 5.13 -53.18 -13.93
N PRO F 212 5.59 -53.01 -12.67
CA PRO F 212 4.97 -52.00 -11.80
C PRO F 212 5.21 -50.56 -12.25
N LEU F 213 4.64 -49.60 -11.52
CA LEU F 213 4.77 -48.19 -11.89
C LEU F 213 6.22 -47.70 -11.79
N GLU F 214 7.02 -48.31 -10.91
CA GLU F 214 8.44 -47.94 -10.80
C GLU F 214 9.18 -48.17 -12.12
N GLN F 215 8.83 -49.24 -12.83
CA GLN F 215 9.52 -49.55 -14.08
C GLN F 215 9.21 -48.50 -15.15
N ARG F 216 7.93 -48.19 -15.35
CA ARG F 216 7.56 -47.22 -16.38
C ARG F 216 8.00 -45.82 -16.01
N LEU F 217 8.01 -45.48 -14.71
CA LEU F 217 8.48 -44.17 -14.30
C LEU F 217 10.00 -44.05 -14.45
N LYS F 218 10.75 -45.11 -14.15
CA LYS F 218 12.19 -45.08 -14.31
C LYS F 218 12.63 -45.21 -15.76
N GLU F 219 11.76 -45.68 -16.65
CA GLU F 219 12.09 -45.63 -18.07
C GLU F 219 12.24 -44.20 -18.57
N HIS F 220 11.39 -43.29 -18.06
CA HIS F 220 11.39 -41.88 -18.44
C HIS F 220 12.04 -40.98 -17.39
N ILE F 221 11.59 -41.07 -16.14
CA ILE F 221 12.01 -40.14 -15.09
C ILE F 221 13.37 -40.60 -14.57
N ILE F 222 14.43 -39.99 -15.09
CA ILE F 222 15.77 -40.17 -14.53
C ILE F 222 15.84 -39.50 -13.17
N GLY F 223 16.47 -40.16 -12.21
CA GLY F 223 16.60 -39.61 -10.89
C GLY F 223 15.27 -39.52 -10.16
N GLN F 224 15.31 -38.79 -9.04
CA GLN F 224 14.14 -38.54 -8.20
C GLN F 224 13.57 -39.86 -7.66
N GLU F 225 14.47 -40.77 -7.28
CA GLU F 225 14.06 -42.14 -6.93
C GLU F 225 13.21 -42.18 -5.67
N SER F 226 13.42 -41.24 -4.75
CA SER F 226 12.55 -41.16 -3.57
C SER F 226 11.13 -40.79 -3.97
N ALA F 227 10.97 -39.89 -4.93
CA ALA F 227 9.64 -39.50 -5.39
C ALA F 227 8.94 -40.65 -6.10
N ILE F 228 9.68 -41.39 -6.92
CA ILE F 228 9.13 -42.56 -7.61
C ILE F 228 8.72 -43.60 -6.60
N ALA F 229 9.54 -43.81 -5.56
CA ALA F 229 9.22 -44.79 -4.53
C ALA F 229 7.96 -44.39 -3.77
N THR F 230 7.84 -43.12 -3.39
CA THR F 230 6.67 -42.65 -2.65
C THR F 230 5.40 -42.77 -3.48
N VAL F 231 5.46 -42.32 -4.73
CA VAL F 231 4.25 -42.32 -5.57
C VAL F 231 3.85 -43.74 -5.92
N GLY F 232 4.83 -44.61 -6.21
CA GLY F 232 4.50 -46.00 -6.51
C GLY F 232 3.98 -46.74 -5.30
N ALA F 233 4.52 -46.44 -4.11
CA ALA F 233 4.01 -47.06 -2.89
C ALA F 233 2.58 -46.64 -2.62
N ALA F 234 2.27 -45.35 -2.80
CA ALA F 234 0.91 -44.89 -2.56
C ALA F 234 -0.08 -45.47 -3.58
N ILE F 235 0.33 -45.55 -4.85
CA ILE F 235 -0.59 -46.05 -5.87
C ILE F 235 -0.77 -47.56 -5.73
N ARG F 236 0.27 -48.29 -5.32
CA ARG F 236 0.10 -49.70 -5.02
C ARG F 236 -0.75 -49.90 -3.78
N ARG F 237 -0.68 -48.96 -2.83
CA ARG F 237 -1.58 -49.00 -1.68
C ARG F 237 -3.03 -48.85 -2.12
N LYS F 238 -3.28 -47.92 -3.04
CA LYS F 238 -4.65 -47.69 -3.51
C LYS F 238 -5.15 -48.88 -4.33
N GLU F 239 -4.30 -49.43 -5.20
CA GLU F 239 -4.75 -50.46 -6.12
C GLU F 239 -4.90 -51.83 -5.47
N ASN F 240 -4.09 -52.14 -4.46
CA ASN F 240 -4.10 -53.44 -3.79
C ASN F 240 -5.04 -53.48 -2.59
N GLY F 241 -6.12 -52.69 -2.59
CA GLY F 241 -7.10 -52.74 -1.54
C GLY F 241 -6.59 -52.24 -0.20
N TRP F 242 -6.13 -50.99 -0.17
CA TRP F 242 -5.64 -50.38 1.06
C TRP F 242 -5.69 -48.86 0.90
N TYR F 243 -6.88 -48.28 1.08
CA TYR F 243 -7.05 -46.84 1.04
C TYR F 243 -8.43 -46.50 1.59
N ASP F 244 -8.51 -45.36 2.28
CA ASP F 244 -9.79 -44.86 2.73
C ASP F 244 -10.63 -44.46 1.52
N GLU F 245 -11.77 -45.13 1.33
CA GLU F 245 -12.58 -44.87 0.15
C GLU F 245 -13.22 -43.48 0.18
N GLU F 246 -13.46 -42.93 1.36
CA GLU F 246 -14.04 -41.59 1.44
C GLU F 246 -13.03 -40.54 0.97
N HIS F 247 -11.77 -40.67 1.39
CA HIS F 247 -10.74 -39.69 1.07
C HIS F 247 -10.05 -40.09 -0.24
N PRO F 248 -10.23 -39.37 -1.35
CA PRO F 248 -9.41 -39.66 -2.52
C PRO F 248 -7.95 -39.30 -2.30
N LEU F 249 -7.10 -39.92 -3.10
CA LEU F 249 -5.65 -39.76 -2.93
C LEU F 249 -5.21 -38.41 -3.47
N VAL F 250 -4.23 -37.81 -2.78
CA VAL F 250 -3.75 -36.47 -3.07
C VAL F 250 -2.23 -36.48 -2.93
N PHE F 251 -1.55 -35.76 -3.82
CA PHE F 251 -0.11 -35.54 -3.77
C PHE F 251 0.19 -34.06 -3.90
N LEU F 252 1.39 -33.68 -3.49
CA LEU F 252 1.93 -32.33 -3.66
C LEU F 252 3.39 -32.46 -4.01
N PHE F 253 3.71 -32.25 -5.29
CA PHE F 253 5.06 -32.44 -5.80
C PHE F 253 5.80 -31.14 -5.60
N LEU F 254 6.67 -31.11 -4.58
CA LEU F 254 7.52 -29.96 -4.29
C LEU F 254 8.92 -30.21 -4.83
N GLY F 255 9.57 -29.13 -5.26
CA GLY F 255 10.92 -29.23 -5.75
C GLY F 255 11.28 -28.02 -6.59
N SER F 256 12.52 -28.03 -7.07
CA SER F 256 13.01 -27.00 -7.95
C SER F 256 12.37 -27.12 -9.33
N SER F 257 12.76 -26.23 -10.23
CA SER F 257 12.14 -26.16 -11.55
C SER F 257 12.78 -27.15 -12.51
N GLY F 258 11.95 -27.83 -13.28
CA GLY F 258 12.42 -28.73 -14.32
C GLY F 258 13.17 -29.92 -13.79
N ILE F 259 12.54 -30.68 -12.89
CA ILE F 259 13.11 -31.91 -12.33
C ILE F 259 12.06 -33.02 -12.30
N GLY F 260 11.19 -33.06 -13.31
CA GLY F 260 10.34 -34.20 -13.53
C GLY F 260 9.08 -34.26 -12.70
N LYS F 261 8.62 -33.14 -12.15
CA LYS F 261 7.38 -33.17 -11.38
C LYS F 261 6.19 -33.41 -12.29
N THR F 262 5.96 -32.51 -13.24
CA THR F 262 4.89 -32.70 -14.22
C THR F 262 5.15 -33.91 -15.10
N GLU F 263 6.42 -34.24 -15.36
CA GLU F 263 6.72 -35.42 -16.15
C GLU F 263 6.34 -36.69 -15.38
N LEU F 264 6.64 -36.73 -14.08
CA LEU F 264 6.24 -37.89 -13.28
C LEU F 264 4.73 -37.98 -13.18
N ALA F 265 4.04 -36.84 -13.09
CA ALA F 265 2.58 -36.87 -13.07
C ALA F 265 2.01 -37.38 -14.40
N LYS F 266 2.60 -36.96 -15.51
CA LYS F 266 2.14 -37.40 -16.83
C LYS F 266 2.37 -38.89 -17.02
N GLN F 267 3.55 -39.38 -16.62
CA GLN F 267 3.82 -40.81 -16.77
C GLN F 267 3.00 -41.64 -15.79
N THR F 268 2.68 -41.08 -14.61
CA THR F 268 1.78 -41.77 -13.69
C THR F 268 0.39 -41.89 -14.27
N ALA F 269 -0.10 -40.82 -14.90
CA ALA F 269 -1.43 -40.88 -15.52
C ALA F 269 -1.43 -41.81 -16.72
N LYS F 270 -0.34 -41.85 -17.48
CA LYS F 270 -0.24 -42.78 -18.59
C LYS F 270 -0.18 -44.22 -18.10
N TYR F 271 0.43 -44.46 -16.94
CA TYR F 271 0.44 -45.81 -16.38
C TYR F 271 -0.95 -46.24 -15.95
N MET F 272 -1.69 -45.34 -15.28
CA MET F 272 -2.99 -45.69 -14.74
C MET F 272 -4.06 -45.89 -15.81
N HIS F 273 -3.91 -45.27 -16.99
CA HIS F 273 -4.88 -45.34 -18.07
C HIS F 273 -4.22 -45.63 -19.43
N LYS F 274 -3.10 -46.37 -19.42
CA LYS F 274 -2.40 -46.82 -20.63
C LYS F 274 -1.97 -45.64 -21.51
N ASP F 275 -2.90 -45.06 -22.25
CA ASP F 275 -2.61 -43.89 -23.07
C ASP F 275 -3.89 -43.15 -23.43
N ALA F 276 -4.82 -43.06 -22.48
CA ALA F 276 -6.13 -42.45 -22.70
C ALA F 276 -6.06 -40.97 -22.31
N LYS F 277 -6.48 -40.11 -23.24
CA LYS F 277 -6.58 -38.68 -22.93
C LYS F 277 -7.71 -38.38 -21.95
N LYS F 278 -8.71 -39.25 -21.84
CA LYS F 278 -9.86 -38.97 -20.98
C LYS F 278 -9.47 -39.00 -19.50
N GLY F 279 -8.61 -39.94 -19.11
CA GLY F 279 -8.26 -40.14 -17.71
C GLY F 279 -7.04 -39.37 -17.25
N PHE F 280 -6.92 -38.12 -17.68
CA PHE F 280 -5.80 -37.28 -17.27
C PHE F 280 -6.25 -35.82 -17.43
N ILE F 281 -6.68 -35.22 -16.33
CA ILE F 281 -7.27 -33.88 -16.32
C ILE F 281 -6.16 -32.94 -15.87
N ARG F 282 -5.56 -32.23 -16.83
CA ARG F 282 -4.40 -31.38 -16.61
C ARG F 282 -4.88 -29.93 -16.55
N LEU F 283 -5.31 -29.50 -15.37
CA LEU F 283 -5.75 -28.13 -15.13
C LEU F 283 -4.54 -27.30 -14.71
N ASP F 284 -4.13 -26.37 -15.58
CA ASP F 284 -3.03 -25.47 -15.28
C ASP F 284 -3.53 -24.40 -14.33
N MET F 285 -3.03 -24.40 -13.10
CA MET F 285 -3.55 -23.53 -12.05
C MET F 285 -3.04 -22.11 -12.13
N SER F 286 -2.19 -21.77 -13.09
CA SER F 286 -1.89 -20.36 -13.35
C SER F 286 -3.13 -19.62 -13.86
N GLU F 287 -4.03 -20.31 -14.54
CA GLU F 287 -5.28 -19.70 -15.00
C GLU F 287 -6.18 -19.28 -13.84
N PHE F 288 -6.14 -20.01 -12.74
CA PHE F 288 -7.06 -19.82 -11.62
C PHE F 288 -6.56 -18.83 -10.59
N GLN F 289 -5.97 -17.71 -11.03
CA GLN F 289 -5.37 -16.78 -10.09
C GLN F 289 -6.41 -16.01 -9.30
N GLU F 290 -7.56 -15.70 -9.89
CA GLU F 290 -8.58 -14.87 -9.28
C GLU F 290 -9.61 -15.73 -8.55
N ARG F 291 -10.42 -15.06 -7.72
CA ARG F 291 -11.45 -15.73 -6.94
C ARG F 291 -12.50 -16.36 -7.85
N HIS F 292 -12.98 -15.59 -8.82
CA HIS F 292 -14.08 -16.01 -9.68
C HIS F 292 -13.72 -17.09 -10.70
N GLU F 293 -12.47 -17.54 -10.76
CA GLU F 293 -12.10 -18.61 -11.67
C GLU F 293 -12.58 -20.00 -11.21
N VAL F 294 -13.20 -20.12 -10.04
CA VAL F 294 -13.77 -21.41 -9.61
C VAL F 294 -15.03 -21.79 -10.37
N ALA F 295 -15.59 -20.90 -11.20
CA ALA F 295 -16.69 -21.29 -12.05
C ALA F 295 -16.27 -22.33 -13.10
N LYS F 296 -14.99 -22.33 -13.49
CA LYS F 296 -14.51 -23.32 -14.45
C LYS F 296 -14.57 -24.73 -13.88
N PHE F 297 -14.40 -24.90 -12.57
CA PHE F 297 -14.52 -26.21 -11.97
C PHE F 297 -15.92 -26.78 -12.09
N ILE F 298 -16.92 -25.95 -11.84
CA ILE F 298 -18.30 -26.38 -11.57
C ILE F 298 -19.32 -25.64 -12.45
N GLY F 299 -18.86 -25.01 -13.54
CA GLY F 299 -19.77 -24.27 -14.39
C GLY F 299 -20.34 -23.04 -13.72
N SER F 300 -21.20 -22.34 -14.45
CA SER F 300 -21.88 -21.18 -13.93
C SER F 300 -23.06 -21.62 -13.07
N PRO F 301 -23.67 -20.71 -12.31
CA PRO F 301 -24.94 -21.05 -11.65
C PRO F 301 -26.07 -21.13 -12.67
N PRO F 302 -27.28 -21.53 -12.25
CA PRO F 302 -28.40 -21.52 -13.20
C PRO F 302 -28.78 -20.11 -13.62
N GLY F 303 -29.07 -19.96 -14.91
CA GLY F 303 -29.56 -18.70 -15.44
C GLY F 303 -28.51 -17.67 -15.84
N TYR F 304 -27.22 -18.03 -15.83
CA TYR F 304 -26.13 -17.18 -16.26
C TYR F 304 -25.48 -17.80 -17.49
N VAL F 305 -24.62 -17.02 -18.15
CA VAL F 305 -24.01 -17.46 -19.39
C VAL F 305 -23.02 -18.58 -19.12
N GLY F 306 -22.91 -19.50 -20.09
CA GLY F 306 -22.05 -20.65 -19.92
C GLY F 306 -22.59 -21.71 -18.99
N HIS F 307 -23.91 -21.79 -18.83
CA HIS F 307 -24.54 -22.79 -17.98
C HIS F 307 -24.78 -24.10 -18.71
N GLU F 308 -25.20 -24.03 -19.97
CA GLU F 308 -25.41 -25.24 -20.75
C GLU F 308 -24.11 -25.97 -21.02
N GLU F 309 -23.01 -25.24 -21.17
CA GLU F 309 -21.72 -25.89 -21.38
C GLU F 309 -21.25 -26.65 -20.15
N GLY F 310 -21.68 -26.24 -18.96
CA GLY F 310 -21.31 -26.94 -17.75
C GLY F 310 -19.86 -26.73 -17.38
N GLY F 311 -19.49 -27.31 -16.24
CA GLY F 311 -18.14 -27.20 -15.75
C GLY F 311 -17.15 -28.05 -16.53
N GLN F 312 -15.87 -27.80 -16.27
CA GLN F 312 -14.77 -28.51 -16.92
C GLN F 312 -14.39 -29.77 -16.14
N LEU F 313 -13.97 -29.59 -14.89
CA LEU F 313 -13.50 -30.71 -14.08
C LEU F 313 -14.63 -31.67 -13.75
N THR F 314 -15.83 -31.14 -13.50
CA THR F 314 -16.96 -32.02 -13.19
C THR F 314 -17.37 -32.83 -14.42
N LYS F 315 -17.28 -32.24 -15.62
CA LYS F 315 -17.58 -32.99 -16.84
C LYS F 315 -16.54 -34.08 -17.07
N LYS F 316 -15.27 -33.75 -16.95
CA LYS F 316 -14.23 -34.74 -17.21
C LYS F 316 -14.19 -35.83 -16.15
N LEU F 317 -14.62 -35.52 -14.91
CA LEU F 317 -14.73 -36.55 -13.89
C LEU F 317 -15.99 -37.39 -14.06
N LYS F 318 -17.06 -36.81 -14.61
CA LYS F 318 -18.21 -37.61 -14.99
C LYS F 318 -17.84 -38.59 -16.10
N GLN F 319 -17.00 -38.16 -17.03
CA GLN F 319 -16.52 -39.06 -18.08
C GLN F 319 -15.53 -40.09 -17.57
N CYS F 320 -14.85 -39.83 -16.45
CA CYS F 320 -13.84 -40.72 -15.90
C CYS F 320 -13.65 -40.43 -14.41
N PRO F 321 -14.34 -41.13 -13.49
CA PRO F 321 -14.16 -40.80 -12.06
C PRO F 321 -12.77 -41.13 -11.51
N ASN F 322 -12.10 -42.15 -12.04
CA ASN F 322 -10.79 -42.58 -11.57
C ASN F 322 -9.64 -41.91 -12.31
N ALA F 323 -9.82 -40.67 -12.77
CA ALA F 323 -8.79 -39.97 -13.52
C ALA F 323 -7.68 -39.47 -12.58
N VAL F 324 -6.52 -39.24 -13.18
CA VAL F 324 -5.34 -38.74 -12.47
C VAL F 324 -5.29 -37.24 -12.77
N VAL F 325 -5.90 -36.45 -11.89
CA VAL F 325 -6.00 -35.02 -12.10
C VAL F 325 -4.70 -34.36 -11.66
N LEU F 326 -4.25 -33.38 -12.43
CA LEU F 326 -2.97 -32.68 -12.24
C LEU F 326 -3.26 -31.19 -12.10
N PHE F 327 -3.25 -30.70 -10.86
CA PHE F 327 -3.32 -29.27 -10.57
C PHE F 327 -1.90 -28.72 -10.60
N ASP F 328 -1.42 -28.47 -11.82
CA ASP F 328 -0.05 -28.01 -11.99
C ASP F 328 0.09 -26.56 -11.55
N GLN F 329 1.15 -26.29 -10.79
CA GLN F 329 1.45 -24.95 -10.28
C GLN F 329 0.37 -24.48 -9.30
N VAL F 330 0.04 -25.35 -8.33
CA VAL F 330 -1.09 -25.12 -7.44
C VAL F 330 -0.87 -23.92 -6.52
N ASP F 331 0.38 -23.54 -6.25
CA ASP F 331 0.63 -22.37 -5.41
C ASP F 331 0.19 -21.06 -6.05
N LYS F 332 -0.02 -21.03 -7.37
CA LYS F 332 -0.37 -19.80 -8.08
C LYS F 332 -1.85 -19.47 -7.96
N ALA F 333 -2.71 -20.46 -7.73
CA ALA F 333 -4.14 -20.23 -7.69
C ALA F 333 -4.54 -19.42 -6.46
N HIS F 334 -5.79 -18.99 -6.46
CA HIS F 334 -6.31 -18.18 -5.38
C HIS F 334 -6.54 -19.04 -4.14
N PRO F 335 -6.62 -18.44 -2.94
CA PRO F 335 -7.01 -19.26 -1.77
C PRO F 335 -8.42 -19.80 -1.85
N ASP F 336 -9.33 -19.18 -2.60
CA ASP F 336 -10.66 -19.75 -2.77
C ASP F 336 -10.62 -20.99 -3.67
N VAL F 337 -9.69 -21.01 -4.62
CA VAL F 337 -9.46 -22.22 -5.39
C VAL F 337 -8.94 -23.33 -4.48
N LEU F 338 -8.07 -22.97 -3.53
CA LEU F 338 -7.65 -23.94 -2.53
C LEU F 338 -8.79 -24.36 -1.62
N THR F 339 -9.77 -23.48 -1.39
CA THR F 339 -10.90 -23.84 -0.53
C THR F 339 -11.81 -24.85 -1.23
N ILE F 340 -12.14 -24.61 -2.50
CA ILE F 340 -12.96 -25.59 -3.22
C ILE F 340 -12.16 -26.88 -3.44
N MET F 341 -10.84 -26.80 -3.55
CA MET F 341 -10.04 -28.01 -3.59
C MET F 341 -10.07 -28.76 -2.26
N LEU F 342 -10.12 -28.03 -1.14
CA LEU F 342 -10.30 -28.65 0.16
C LEU F 342 -11.64 -29.37 0.23
N GLN F 343 -12.69 -28.73 -0.26
CA GLN F 343 -14.00 -29.38 -0.30
C GLN F 343 -14.00 -30.60 -1.22
N LEU F 344 -13.19 -30.57 -2.28
CA LEU F 344 -13.09 -31.71 -3.19
C LEU F 344 -12.36 -32.87 -2.53
N PHE F 345 -11.21 -32.60 -1.92
CA PHE F 345 -10.39 -33.66 -1.36
C PHE F 345 -11.04 -34.24 -0.10
N ASP F 346 -11.62 -33.39 0.74
CA ASP F 346 -12.19 -33.87 2.01
C ASP F 346 -13.43 -34.71 1.75
N GLU F 347 -14.45 -34.11 1.13
CA GLU F 347 -15.72 -34.80 0.94
C GLU F 347 -15.65 -35.89 -0.13
N GLY F 348 -14.68 -35.83 -1.04
CA GLY F 348 -14.67 -36.77 -2.15
C GLY F 348 -15.80 -36.57 -3.12
N ARG F 349 -16.22 -35.32 -3.32
CA ARG F 349 -17.34 -35.00 -4.19
C ARG F 349 -17.24 -33.53 -4.55
N LEU F 350 -18.01 -33.13 -5.57
CA LEU F 350 -17.98 -31.76 -6.06
C LEU F 350 -19.34 -31.46 -6.69
N THR F 351 -20.07 -30.52 -6.10
CA THR F 351 -21.35 -30.10 -6.64
C THR F 351 -21.12 -29.16 -7.82
N ASP F 352 -21.67 -29.53 -8.97
CA ASP F 352 -21.49 -28.74 -10.19
C ASP F 352 -22.44 -27.55 -10.16
N GLY F 353 -22.53 -26.83 -11.28
CA GLY F 353 -23.45 -25.70 -11.37
C GLY F 353 -24.88 -26.10 -11.58
N LYS F 354 -25.13 -27.19 -12.30
CA LYS F 354 -26.46 -27.68 -12.58
C LYS F 354 -27.09 -28.47 -11.44
N GLY F 355 -26.46 -28.52 -10.25
CA GLY F 355 -27.03 -29.20 -9.11
C GLY F 355 -26.69 -30.67 -8.96
N LYS F 356 -25.89 -31.23 -9.87
CA LYS F 356 -25.45 -32.61 -9.74
C LYS F 356 -24.35 -32.70 -8.67
N THR F 357 -23.77 -33.89 -8.51
CA THR F 357 -22.70 -34.11 -7.52
C THR F 357 -21.84 -35.26 -8.02
N ILE F 358 -20.80 -34.91 -8.78
CA ILE F 358 -19.88 -35.92 -9.28
C ILE F 358 -19.09 -36.50 -8.11
N ASP F 359 -19.03 -37.84 -8.05
CA ASP F 359 -18.23 -38.53 -7.07
C ASP F 359 -16.78 -38.58 -7.55
N CYS F 360 -15.86 -38.20 -6.68
CA CYS F 360 -14.44 -38.02 -7.01
C CYS F 360 -13.55 -38.81 -6.04
N LYS F 361 -14.01 -39.97 -5.58
CA LYS F 361 -13.27 -40.74 -4.61
C LYS F 361 -12.15 -41.57 -5.25
N ASP F 362 -12.36 -42.05 -6.48
CA ASP F 362 -11.38 -42.90 -7.14
C ASP F 362 -10.21 -42.13 -7.75
N ALA F 363 -10.34 -40.83 -7.97
CA ALA F 363 -9.31 -40.06 -8.65
C ALA F 363 -8.07 -39.93 -7.77
N ILE F 364 -6.98 -39.46 -8.40
CA ILE F 364 -5.69 -39.26 -7.75
C ILE F 364 -5.27 -37.84 -8.09
N PHE F 365 -5.48 -36.91 -7.16
CA PHE F 365 -5.28 -35.49 -7.42
C PHE F 365 -3.82 -35.15 -7.16
N ILE F 366 -3.02 -35.22 -8.22
CA ILE F 366 -1.63 -34.78 -8.16
C ILE F 366 -1.62 -33.26 -8.20
N MET F 367 -0.72 -32.66 -7.39
CA MET F 367 -0.49 -31.22 -7.38
C MET F 367 1.01 -30.97 -7.52
N THR F 368 1.34 -29.74 -7.91
CA THR F 368 2.71 -29.34 -8.17
C THR F 368 2.88 -27.88 -7.79
N SER F 369 4.07 -27.54 -7.32
CA SER F 369 4.38 -26.18 -6.91
C SER F 369 5.86 -26.08 -6.59
N ASN F 370 6.46 -24.96 -6.99
CA ASN F 370 7.85 -24.64 -6.66
C ASN F 370 7.99 -23.83 -5.37
N VAL F 371 7.03 -23.96 -4.45
CA VAL F 371 7.16 -23.32 -3.15
C VAL F 371 8.22 -24.06 -2.35
N ALA F 372 9.07 -23.28 -1.67
CA ALA F 372 10.24 -23.82 -0.96
C ALA F 372 11.18 -24.55 -1.92
N SER F 373 11.33 -24.01 -3.12
CA SER F 373 12.18 -24.63 -4.13
C SER F 373 13.65 -24.37 -3.85
N ASP F 374 14.02 -23.11 -3.62
CA ASP F 374 15.41 -22.78 -3.34
C ASP F 374 15.87 -23.37 -2.01
N GLU F 375 14.97 -23.50 -1.05
CA GLU F 375 15.32 -24.14 0.21
C GLU F 375 15.65 -25.61 0.01
N ILE F 376 14.83 -26.32 -0.77
CA ILE F 376 15.10 -27.74 -1.05
C ILE F 376 16.39 -27.87 -1.84
N ALA F 377 16.65 -26.95 -2.78
CA ALA F 377 17.86 -27.03 -3.57
C ALA F 377 19.11 -26.79 -2.72
N GLN F 378 19.08 -25.77 -1.86
CA GLN F 378 20.23 -25.50 -1.01
C GLN F 378 20.43 -26.60 0.03
N HIS F 379 19.34 -27.16 0.55
CA HIS F 379 19.47 -28.26 1.50
C HIS F 379 20.03 -29.51 0.85
N ALA F 380 19.61 -29.79 -0.39
CA ALA F 380 20.14 -30.95 -1.09
C ALA F 380 21.61 -30.74 -1.46
N LEU F 381 21.99 -29.51 -1.81
CA LEU F 381 23.39 -29.23 -2.10
C LEU F 381 24.25 -29.37 -0.84
N GLN F 382 23.75 -28.91 0.30
CA GLN F 382 24.49 -29.06 1.55
C GLN F 382 24.59 -30.53 1.95
N LEU F 383 23.52 -31.30 1.75
CA LEU F 383 23.56 -32.72 2.04
C LEU F 383 24.54 -33.45 1.14
N ARG F 384 24.60 -33.07 -0.14
CA ARG F 384 25.55 -33.71 -1.05
C ARG F 384 26.98 -33.32 -0.71
N GLN F 385 27.21 -32.08 -0.28
CA GLN F 385 28.54 -31.68 0.15
C GLN F 385 28.98 -32.43 1.41
N GLU F 386 28.07 -32.59 2.37
CA GLU F 386 28.38 -33.37 3.57
C GLU F 386 28.61 -34.83 3.24
N ALA F 387 27.86 -35.36 2.28
CA ALA F 387 28.06 -36.75 1.85
C ALA F 387 29.41 -36.93 1.17
N LEU F 388 29.83 -35.95 0.36
CA LEU F 388 31.14 -36.03 -0.26
C LEU F 388 32.26 -35.91 0.78
N GLU F 389 32.04 -35.07 1.80
CA GLU F 389 33.02 -34.94 2.88
C GLU F 389 33.16 -36.26 3.65
N MET F 390 32.04 -36.87 4.02
CA MET F 390 32.09 -38.17 4.70
C MET F 390 32.67 -39.25 3.80
N SER F 391 32.42 -39.17 2.48
CA SER F 391 32.95 -40.17 1.56
C SER F 391 34.46 -40.08 1.47
N ARG F 392 35.01 -38.88 1.32
CA ARG F 392 36.46 -38.75 1.25
C ARG F 392 37.10 -39.05 2.60
N ASN F 393 36.41 -38.77 3.71
CA ASN F 393 36.94 -39.14 5.02
C ASN F 393 36.99 -40.66 5.18
N ARG F 394 35.95 -41.36 4.73
CA ARG F 394 35.97 -42.82 4.79
C ARG F 394 37.02 -43.40 3.84
N ILE F 395 37.22 -42.77 2.68
CA ILE F 395 38.24 -43.23 1.75
C ILE F 395 39.63 -43.00 2.33
N ALA F 396 39.81 -41.94 3.13
CA ALA F 396 41.09 -41.71 3.79
C ALA F 396 41.41 -42.80 4.81
N GLU F 397 40.40 -43.36 5.45
CA GLU F 397 40.60 -44.44 6.41
C GLU F 397 41.08 -45.70 5.69
N THR F 409 18.91 -37.91 0.79
CA THR F 409 17.52 -38.06 1.21
C THR F 409 17.15 -36.97 2.22
N ILE F 410 15.91 -36.51 2.15
CA ILE F 410 15.43 -35.44 3.02
C ILE F 410 15.04 -36.05 4.37
N SER F 411 15.49 -35.42 5.45
CA SER F 411 15.10 -35.81 6.80
C SER F 411 13.74 -35.20 7.15
N LYS F 412 13.00 -35.89 8.00
CA LYS F 412 11.68 -35.41 8.40
C LYS F 412 11.75 -34.14 9.23
N ASN F 413 12.86 -33.92 9.93
CA ASN F 413 13.05 -32.66 10.65
C ASN F 413 13.10 -31.47 9.69
N PHE F 414 13.75 -31.67 8.53
CA PHE F 414 13.76 -30.61 7.52
C PHE F 414 12.38 -30.40 6.92
N LYS F 415 11.57 -31.45 6.84
CA LYS F 415 10.21 -31.30 6.33
C LYS F 415 9.35 -30.50 7.31
N GLU F 416 9.43 -30.84 8.60
CA GLU F 416 8.54 -30.22 9.59
C GLU F 416 8.99 -28.84 10.03
N ASN F 417 10.31 -28.59 10.10
CA ASN F 417 10.84 -27.38 10.70
C ASN F 417 11.10 -26.25 9.70
N VAL F 418 11.19 -26.54 8.39
CA VAL F 418 11.60 -25.57 7.37
C VAL F 418 10.55 -25.53 6.26
N ILE F 419 10.23 -26.68 5.69
CA ILE F 419 9.33 -26.72 4.54
C ILE F 419 7.88 -26.50 4.97
N ARG F 420 7.49 -27.03 6.11
CA ARG F 420 6.11 -26.89 6.57
C ARG F 420 5.79 -25.44 6.97
N PRO F 421 6.71 -24.70 7.63
CA PRO F 421 6.49 -23.24 7.74
C PRO F 421 6.32 -22.51 6.43
N ILE F 422 7.10 -22.84 5.41
CA ILE F 422 7.00 -22.12 4.14
C ILE F 422 5.70 -22.48 3.43
N LEU F 423 5.28 -23.74 3.53
CA LEU F 423 3.99 -24.15 2.98
C LEU F 423 2.84 -23.46 3.70
N LYS F 424 2.93 -23.33 5.03
CA LYS F 424 1.89 -22.62 5.78
C LYS F 424 1.89 -21.14 5.44
N ALA F 425 3.05 -20.55 5.16
CA ALA F 425 3.09 -19.14 4.81
C ALA F 425 2.51 -18.90 3.42
N HIS F 426 2.80 -19.79 2.47
CA HIS F 426 2.35 -19.58 1.10
C HIS F 426 0.88 -19.95 0.93
N PHE F 427 0.49 -21.15 1.36
CA PHE F 427 -0.88 -21.61 1.16
C PHE F 427 -1.86 -20.98 2.16
N ARG F 428 -1.37 -20.62 3.35
CA ARG F 428 -2.16 -19.88 4.34
C ARG F 428 -3.35 -20.70 4.85
N ARG F 429 -3.21 -22.02 4.91
CA ARG F 429 -4.29 -22.90 5.34
C ARG F 429 -3.65 -24.19 5.85
N ASP F 430 -3.63 -24.37 7.17
CA ASP F 430 -3.01 -25.56 7.73
C ASP F 430 -3.78 -26.82 7.41
N GLU F 431 -5.11 -26.73 7.27
CA GLU F 431 -5.89 -27.93 7.00
C GLU F 431 -5.70 -28.41 5.56
N PHE F 432 -5.41 -27.51 4.63
CA PHE F 432 -5.07 -27.92 3.27
C PHE F 432 -3.76 -28.70 3.25
N LEU F 433 -2.78 -28.26 4.03
CA LEU F 433 -1.54 -29.04 4.14
C LEU F 433 -1.78 -30.36 4.85
N GLY F 434 -2.70 -30.38 5.82
CA GLY F 434 -2.95 -31.61 6.55
C GLY F 434 -3.64 -32.67 5.70
N ARG F 435 -4.61 -32.26 4.89
CA ARG F 435 -5.38 -33.23 4.12
C ARG F 435 -4.64 -33.80 2.92
N ILE F 436 -3.44 -33.30 2.60
CA ILE F 436 -2.62 -33.93 1.57
C ILE F 436 -2.03 -35.21 2.13
N ASN F 437 -2.08 -36.28 1.33
CA ASN F 437 -1.62 -37.58 1.81
C ASN F 437 -0.10 -37.64 1.87
N GLU F 438 0.57 -37.50 0.73
CA GLU F 438 2.01 -37.67 0.59
C GLU F 438 2.58 -36.44 -0.10
N ILE F 439 3.30 -35.61 0.66
CA ILE F 439 3.99 -34.44 0.12
C ILE F 439 5.29 -34.93 -0.49
N VAL F 440 5.32 -35.08 -1.80
CA VAL F 440 6.48 -35.65 -2.49
C VAL F 440 7.54 -34.57 -2.61
N TYR F 441 8.81 -34.99 -2.56
CA TYR F 441 9.98 -34.12 -2.62
C TYR F 441 10.86 -34.56 -3.77
N PHE F 442 11.12 -33.63 -4.70
CA PHE F 442 11.94 -33.86 -5.89
C PHE F 442 13.26 -33.13 -5.69
N LEU F 443 14.35 -33.89 -5.60
CA LEU F 443 15.66 -33.32 -5.37
C LEU F 443 16.26 -32.83 -6.69
N PRO F 444 17.31 -32.00 -6.66
CA PRO F 444 18.04 -31.70 -7.89
C PRO F 444 18.81 -32.92 -8.38
N PHE F 445 19.39 -32.77 -9.56
CA PHE F 445 20.07 -33.87 -10.24
C PHE F 445 21.53 -33.94 -9.80
N CYS F 446 21.98 -35.14 -9.46
CA CYS F 446 23.40 -35.38 -9.26
C CYS F 446 24.12 -35.37 -10.60
N HIS F 447 25.45 -35.36 -10.55
CA HIS F 447 26.25 -35.26 -11.77
C HIS F 447 26.07 -36.48 -12.66
N SER F 448 25.94 -37.66 -12.07
CA SER F 448 25.61 -38.85 -12.84
C SER F 448 24.23 -38.72 -13.47
N GLU F 449 23.28 -38.11 -12.75
CA GLU F 449 21.97 -37.88 -13.32
C GLU F 449 22.02 -36.82 -14.42
N LEU F 450 22.95 -35.87 -14.34
CA LEU F 450 23.12 -34.92 -15.43
C LEU F 450 23.67 -35.61 -16.68
N ILE F 451 24.62 -36.53 -16.49
CA ILE F 451 25.14 -37.28 -17.65
C ILE F 451 24.04 -38.16 -18.23
N GLN F 452 23.18 -38.72 -17.38
CA GLN F 452 22.06 -39.51 -17.88
C GLN F 452 21.07 -38.63 -18.64
N LEU F 453 20.85 -37.40 -18.18
CA LEU F 453 19.96 -36.49 -18.89
C LEU F 453 20.53 -36.09 -20.25
N VAL F 454 21.83 -35.81 -20.30
CA VAL F 454 22.46 -35.47 -21.58
C VAL F 454 22.41 -36.67 -22.51
N ASN F 455 22.62 -37.87 -21.98
CA ASN F 455 22.54 -39.05 -22.83
C ASN F 455 21.12 -39.30 -23.30
N LYS F 456 20.12 -38.99 -22.46
CA LYS F 456 18.73 -39.12 -22.89
C LYS F 456 18.39 -38.14 -24.00
N GLU F 457 18.84 -36.90 -23.87
CA GLU F 457 18.56 -35.90 -24.91
C GLU F 457 19.30 -36.23 -26.20
N LEU F 458 20.56 -36.66 -26.10
CA LEU F 458 21.31 -37.04 -27.28
C LEU F 458 20.75 -38.30 -27.92
N ASN F 459 20.21 -39.23 -27.13
CA ASN F 459 19.54 -40.39 -27.70
C ASN F 459 18.23 -40.01 -28.35
N PHE F 460 17.54 -39.00 -27.83
CA PHE F 460 16.33 -38.51 -28.48
C PHE F 460 16.65 -37.93 -29.85
N TRP F 461 17.69 -37.10 -29.93
CA TRP F 461 18.08 -36.55 -31.22
C TRP F 461 18.66 -37.62 -32.13
N ALA F 462 19.31 -38.64 -31.57
CA ALA F 462 19.81 -39.73 -32.39
C ALA F 462 18.66 -40.54 -32.98
N LYS F 463 17.61 -40.78 -32.19
CA LYS F 463 16.44 -41.49 -32.68
C LYS F 463 15.74 -40.69 -33.76
N ARG F 464 15.64 -39.37 -33.58
CA ARG F 464 15.03 -38.54 -34.61
C ARG F 464 15.87 -38.52 -35.88
N ALA F 465 17.19 -38.45 -35.74
CA ALA F 465 18.07 -38.45 -36.90
C ALA F 465 18.04 -39.80 -37.62
N LYS F 466 17.86 -40.90 -36.88
CA LYS F 466 17.80 -42.22 -37.50
C LYS F 466 16.46 -42.45 -38.18
N GLN F 467 15.35 -42.07 -37.53
CA GLN F 467 14.03 -42.30 -38.11
C GLN F 467 13.77 -41.39 -39.29
N ARG F 468 13.90 -40.07 -39.08
CA ARG F 468 13.49 -39.13 -40.11
C ARG F 468 14.48 -39.09 -41.26
N HIS F 469 15.78 -39.01 -40.93
CA HIS F 469 16.83 -38.71 -41.89
C HIS F 469 17.87 -39.83 -42.06
N ASN F 470 17.88 -40.85 -41.19
CA ASN F 470 18.80 -41.98 -41.28
C ASN F 470 20.25 -41.51 -41.17
N ILE F 471 20.57 -40.93 -40.02
CA ILE F 471 21.89 -40.39 -39.70
C ILE F 471 22.24 -40.95 -38.33
N THR F 472 23.09 -41.98 -38.31
CA THR F 472 23.48 -42.60 -37.05
C THR F 472 24.36 -41.66 -36.24
N LEU F 473 23.76 -40.85 -35.38
CA LEU F 473 24.50 -39.91 -34.55
C LEU F 473 25.14 -40.65 -33.39
N LEU F 474 26.45 -40.42 -33.20
CA LEU F 474 27.24 -41.02 -32.14
C LEU F 474 27.96 -39.93 -31.37
N TRP F 475 28.45 -40.28 -30.19
CA TRP F 475 29.15 -39.31 -29.35
C TRP F 475 29.93 -40.05 -28.28
N ASP F 476 30.97 -39.40 -27.79
CA ASP F 476 31.80 -39.90 -26.70
C ASP F 476 31.30 -39.39 -25.36
N ARG F 477 31.89 -39.92 -24.28
CA ARG F 477 31.54 -39.44 -22.95
C ARG F 477 32.03 -38.01 -22.71
N GLU F 478 33.09 -37.59 -23.41
CA GLU F 478 33.57 -36.22 -23.27
C GLU F 478 32.54 -35.22 -23.78
N VAL F 479 31.74 -35.58 -24.77
CA VAL F 479 30.68 -34.70 -25.24
C VAL F 479 29.63 -34.51 -24.15
N ALA F 480 29.31 -35.59 -23.43
CA ALA F 480 28.38 -35.47 -22.31
C ALA F 480 28.97 -34.62 -21.19
N ASP F 481 30.27 -34.80 -20.91
CA ASP F 481 30.90 -33.99 -19.87
C ASP F 481 30.96 -32.52 -20.25
N VAL F 482 31.11 -32.21 -21.54
CA VAL F 482 31.11 -30.81 -21.97
C VAL F 482 29.70 -30.23 -21.87
N LEU F 483 28.69 -30.98 -22.32
CA LEU F 483 27.33 -30.47 -22.27
C LEU F 483 26.78 -30.37 -20.84
N VAL F 484 27.35 -31.12 -19.88
CA VAL F 484 26.94 -30.97 -18.49
C VAL F 484 27.32 -29.60 -17.95
N ASP F 485 28.38 -28.97 -18.49
CA ASP F 485 28.81 -27.66 -18.00
C ASP F 485 27.77 -26.58 -18.24
N GLY F 486 26.92 -26.74 -19.25
CA GLY F 486 25.80 -25.85 -19.44
C GLY F 486 24.63 -26.02 -18.51
N TYR F 487 24.69 -26.97 -17.56
CA TYR F 487 23.57 -27.19 -16.66
C TYR F 487 23.49 -26.05 -15.65
N ASN F 488 22.33 -25.38 -15.62
CA ASN F 488 21.99 -24.40 -14.60
C ASN F 488 21.14 -25.09 -13.54
N VAL F 489 21.51 -24.92 -12.27
CA VAL F 489 20.81 -25.61 -11.19
C VAL F 489 19.38 -25.10 -11.05
N HIS F 490 19.14 -23.83 -11.37
CA HIS F 490 17.82 -23.25 -11.15
C HIS F 490 16.82 -23.76 -12.18
N TYR F 491 17.25 -23.88 -13.44
CA TYR F 491 16.33 -24.24 -14.52
C TYR F 491 16.11 -25.74 -14.61
N GLY F 492 17.08 -26.55 -14.20
CA GLY F 492 16.91 -27.99 -14.12
C GLY F 492 17.22 -28.71 -15.42
N ALA F 493 16.41 -29.70 -15.77
CA ALA F 493 16.65 -30.47 -16.97
C ALA F 493 16.42 -29.69 -18.25
N ARG F 494 15.66 -28.60 -18.19
CA ARG F 494 15.46 -27.78 -19.39
C ARG F 494 16.75 -27.11 -19.84
N SER F 495 17.67 -26.83 -18.90
CA SER F 495 18.95 -26.24 -19.29
C SER F 495 19.78 -27.23 -20.11
N ILE F 496 19.71 -28.51 -19.78
CA ILE F 496 20.43 -29.52 -20.55
C ILE F 496 19.83 -29.63 -21.95
N LYS F 497 18.50 -29.58 -22.05
CA LYS F 497 17.85 -29.65 -23.36
C LYS F 497 18.20 -28.44 -24.21
N HIS F 498 18.19 -27.25 -23.61
CA HIS F 498 18.53 -26.05 -24.37
C HIS F 498 20.01 -26.01 -24.73
N GLU F 499 20.88 -26.56 -23.89
CA GLU F 499 22.30 -26.60 -24.22
C GLU F 499 22.55 -27.57 -25.36
N VAL F 500 21.89 -28.73 -25.36
CA VAL F 500 22.03 -29.67 -26.47
C VAL F 500 21.46 -29.05 -27.73
N GLU F 501 20.36 -28.32 -27.62
CA GLU F 501 19.79 -27.66 -28.80
C GLU F 501 20.70 -26.56 -29.32
N ARG F 502 21.40 -25.86 -28.43
CA ARG F 502 22.34 -24.82 -28.88
C ARG F 502 23.56 -25.45 -29.54
N ARG F 503 24.29 -26.28 -28.81
CA ARG F 503 25.61 -26.71 -29.26
C ARG F 503 25.52 -27.78 -30.35
N VAL F 504 24.74 -28.82 -30.12
CA VAL F 504 24.71 -29.97 -31.00
C VAL F 504 23.73 -29.75 -32.15
N VAL F 505 22.48 -29.42 -31.82
CA VAL F 505 21.41 -29.58 -32.80
C VAL F 505 21.43 -28.45 -33.82
N ASN F 506 21.89 -27.25 -33.43
CA ASN F 506 22.03 -26.18 -34.42
C ASN F 506 23.08 -26.53 -35.46
N GLN F 507 24.18 -27.16 -35.04
CA GLN F 507 25.18 -27.64 -35.98
C GLN F 507 24.60 -28.72 -36.88
N LEU F 508 23.77 -29.61 -36.32
CA LEU F 508 23.14 -30.66 -37.12
C LEU F 508 22.20 -30.06 -38.16
N ALA F 509 21.45 -29.03 -37.78
CA ALA F 509 20.54 -28.41 -38.73
C ALA F 509 21.29 -27.63 -39.80
N ALA F 510 22.38 -26.97 -39.41
CA ALA F 510 23.19 -26.25 -40.40
C ALA F 510 23.85 -27.22 -41.37
N ALA F 511 24.25 -28.40 -40.89
CA ALA F 511 24.82 -29.39 -41.79
C ALA F 511 23.75 -30.06 -42.65
N TYR F 512 22.54 -30.20 -42.12
CA TYR F 512 21.45 -30.82 -42.89
C TYR F 512 20.97 -29.89 -43.99
N GLU F 513 20.85 -28.59 -43.71
CA GLU F 513 20.40 -27.65 -44.72
C GLU F 513 21.42 -27.49 -45.84
N GLN F 514 22.70 -27.58 -45.51
CA GLN F 514 23.78 -27.46 -46.48
C GLN F 514 24.08 -28.76 -47.24
N ASP F 515 23.24 -29.81 -47.09
CA ASP F 515 23.45 -31.10 -47.73
C ASP F 515 24.79 -31.74 -47.35
N LEU F 516 25.19 -31.54 -46.09
CA LEU F 516 26.40 -32.12 -45.51
C LEU F 516 26.09 -33.28 -44.56
N LEU F 517 24.97 -33.97 -44.78
CA LEU F 517 24.55 -35.11 -43.97
C LEU F 517 23.67 -36.01 -44.83
N PRO F 518 24.24 -36.78 -45.77
CA PRO F 518 23.41 -37.60 -46.64
C PRO F 518 22.78 -38.76 -45.87
N GLY F 519 21.87 -39.44 -46.56
CA GLY F 519 21.18 -40.57 -45.97
C GLY F 519 22.10 -41.73 -45.64
N GLY F 520 22.24 -42.03 -44.35
CA GLY F 520 23.02 -43.15 -43.87
C GLY F 520 24.40 -42.82 -43.36
N CYS F 521 24.74 -41.54 -43.21
CA CYS F 521 26.04 -41.18 -42.66
C CYS F 521 26.07 -41.44 -41.16
N THR F 522 27.23 -41.90 -40.68
CA THR F 522 27.46 -42.19 -39.27
C THR F 522 28.19 -41.01 -38.65
N LEU F 523 27.43 -39.95 -38.38
CA LEU F 523 28.02 -38.74 -37.82
C LEU F 523 28.40 -38.95 -36.36
N ARG F 524 29.45 -38.24 -35.95
CA ARG F 524 30.02 -38.33 -34.61
C ARG F 524 30.31 -36.92 -34.11
N ILE F 525 29.97 -36.67 -32.85
CA ILE F 525 30.29 -35.43 -32.15
C ILE F 525 31.58 -35.66 -31.39
N THR F 526 32.45 -34.66 -31.37
CA THR F 526 33.76 -34.76 -30.75
C THR F 526 34.14 -33.42 -30.16
N VAL F 527 34.81 -33.45 -29.01
CA VAL F 527 35.27 -32.25 -28.32
C VAL F 527 36.59 -31.82 -28.97
N GLU F 528 36.58 -30.67 -29.61
CA GLU F 528 37.78 -30.13 -30.25
C GLU F 528 38.71 -29.54 -29.21
N PRO F 550 35.68 -25.48 -24.79
CA PRO F 550 35.48 -26.71 -25.56
C PRO F 550 34.36 -26.60 -26.59
N LYS F 551 34.68 -26.85 -27.85
CA LYS F 551 33.75 -26.73 -28.97
C LYS F 551 33.43 -28.11 -29.51
N LEU F 552 32.14 -28.41 -29.65
CA LEU F 552 31.69 -29.67 -30.21
C LEU F 552 31.63 -29.56 -31.73
N ARG F 553 32.41 -30.39 -32.41
CA ARG F 553 32.49 -30.43 -33.87
C ARG F 553 31.91 -31.76 -34.37
N LEU F 554 31.08 -31.67 -35.40
CA LEU F 554 30.41 -32.84 -35.96
C LEU F 554 31.32 -33.49 -36.98
N GLU F 555 32.01 -34.55 -36.57
CA GLU F 555 32.84 -35.36 -37.46
C GLU F 555 31.99 -36.41 -38.15
N ILE F 556 32.20 -36.56 -39.46
CA ILE F 556 31.48 -37.54 -40.29
C ILE F 556 32.48 -38.63 -40.68
N ILE F 557 32.03 -39.89 -40.58
CA ILE F 557 32.87 -41.07 -40.79
C ILE F 557 32.30 -41.83 -41.98
N ASP F 558 33.09 -41.97 -43.04
CA ASP F 558 32.71 -42.67 -44.26
C ASP F 558 33.12 -44.13 -44.27
N LYS F 559 34.29 -44.44 -43.69
CA LYS F 559 34.85 -45.79 -43.70
C LYS F 559 35.33 -46.07 -42.27
N ASP F 560 36.29 -46.99 -42.11
CA ASP F 560 36.81 -47.30 -40.78
C ASP F 560 37.58 -46.13 -40.19
N SER F 561 38.19 -45.27 -41.02
CA SER F 561 38.97 -44.12 -40.53
C SER F 561 38.93 -43.04 -41.61
N LYS F 562 37.81 -42.32 -41.66
CA LYS F 562 37.62 -41.17 -42.55
C LYS F 562 36.86 -40.09 -41.77
N THR F 563 37.43 -39.69 -40.63
CA THR F 563 36.78 -38.76 -39.71
C THR F 563 37.09 -37.32 -40.12
N ARG F 564 36.53 -36.93 -41.27
CA ARG F 564 36.65 -35.57 -41.76
C ARG F 564 35.62 -34.69 -41.08
N ARG F 565 36.02 -33.45 -40.76
CA ARG F 565 35.11 -32.49 -40.14
C ARG F 565 34.26 -31.81 -41.21
N LEU F 566 33.00 -31.57 -40.87
CA LEU F 566 32.09 -30.86 -41.77
C LEU F 566 32.35 -29.37 -41.69
N ASP F 567 32.51 -28.74 -42.86
CA ASP F 567 32.74 -27.30 -42.96
C ASP F 567 31.38 -26.59 -42.94
N ILE F 568 30.83 -26.49 -41.73
CA ILE F 568 29.53 -25.84 -41.54
C ILE F 568 29.71 -24.34 -41.71
N ARG F 569 29.44 -23.84 -42.91
CA ARG F 569 29.56 -22.41 -43.16
C ARG F 569 28.43 -21.65 -42.46
N ALA F 570 28.59 -20.33 -42.41
CA ALA F 570 27.62 -19.47 -41.75
C ALA F 570 26.32 -19.39 -42.52
N UNK G 1 2.80 -1.53 3.36
CA UNK G 1 3.43 -0.38 2.72
C UNK G 1 2.97 -0.23 1.27
N UNK G 2 1.71 -0.58 1.00
CA UNK G 2 1.19 -0.53 -0.36
C UNK G 2 -0.31 -0.73 -0.31
N UNK G 3 -1.04 0.12 -1.02
CA UNK G 3 -2.49 0.03 -1.10
C UNK G 3 -2.86 -1.04 -2.13
N UNK G 4 -3.69 -1.99 -1.71
CA UNK G 4 -4.06 -3.15 -2.53
C UNK G 4 -5.37 -2.85 -3.23
N UNK G 5 -5.32 -2.74 -4.56
CA UNK G 5 -6.54 -2.58 -5.34
C UNK G 5 -7.39 -3.85 -5.26
N UNK G 6 -8.65 -3.73 -5.67
CA UNK G 6 -9.63 -4.80 -5.57
C UNK G 6 -10.43 -4.87 -6.86
N UNK G 7 -10.16 -5.88 -7.68
CA UNK G 7 -10.95 -6.11 -8.88
C UNK G 7 -12.38 -6.50 -8.50
N UNK G 8 -13.28 -6.42 -9.48
CA UNK G 8 -14.70 -6.71 -9.31
C UNK G 8 -15.19 -7.48 -10.52
N UNK G 9 -15.54 -8.74 -10.31
CA UNK G 9 -16.05 -9.58 -11.39
C UNK G 9 -17.52 -9.29 -11.63
N UNK G 10 -17.87 -9.03 -12.89
CA UNK G 10 -19.23 -8.70 -13.30
C UNK G 10 -19.92 -9.97 -13.80
N UNK G 11 -20.93 -10.42 -13.07
CA UNK G 11 -21.67 -11.61 -13.44
C UNK G 11 -22.69 -11.26 -14.51
N UNK G 12 -22.58 -11.89 -15.68
CA UNK G 12 -23.49 -11.62 -16.78
C UNK G 12 -24.84 -12.27 -16.49
N UNK G 13 -25.72 -11.56 -15.80
CA UNK G 13 -27.03 -12.09 -15.43
C UNK G 13 -27.88 -12.22 -16.70
N UNK G 14 -27.69 -13.34 -17.38
CA UNK G 14 -28.43 -13.62 -18.60
C UNK G 14 -28.33 -15.10 -18.96
#